data_6M1V
# 
_entry.id   6M1V 
# 
_audit_conform.dict_name       mmcif_pdbx.dic 
_audit_conform.dict_version    5.380 
_audit_conform.dict_location   http://mmcif.pdb.org/dictionaries/ascii/mmcif_pdbx.dic 
# 
loop_
_database_2.database_id 
_database_2.database_code 
_database_2.pdbx_database_accession 
_database_2.pdbx_DOI 
PDB   6M1V         pdb_00006m1v 10.2210/pdb6m1v/pdb 
WWPDB D_1300015870 ?            ?                   
# 
_pdbx_database_status.status_code                     REL 
_pdbx_database_status.status_code_sf                  REL 
_pdbx_database_status.status_code_mr                  ? 
_pdbx_database_status.entry_id                        6M1V 
_pdbx_database_status.recvd_initial_deposition_date   2020-02-26 
_pdbx_database_status.SG_entry                        N 
_pdbx_database_status.deposit_site                    PDBJ 
_pdbx_database_status.process_site                    PDBJ 
_pdbx_database_status.status_code_cs                  ? 
_pdbx_database_status.status_code_nmr_data            ? 
_pdbx_database_status.methods_development_category    ? 
_pdbx_database_status.pdb_format_compatible           Y 
# 
loop_
_audit_author.name 
_audit_author.pdbx_ordinal 
_audit_author.identifier_ORCID 
'Sun, H.'  1 ?                   
'Song, H.' 2 0000-0002-2811-0370 
'Wang, Q.' 3 0000-0003-0032-4956 
# 
_citation.abstract                  ? 
_citation.abstract_id_CAS           ? 
_citation.book_id_ISBN              ? 
_citation.book_publisher            ? 
_citation.book_publisher_city       ? 
_citation.book_title                ? 
_citation.coordinate_linkage        ? 
_citation.country                   US 
_citation.database_id_Medline       ? 
_citation.details                   ? 
_citation.id                        primary 
_citation.journal_abbrev            'Emerg Microbes Infect' 
_citation.journal_id_ASTM           ? 
_citation.journal_id_CSD            ? 
_citation.journal_id_ISSN           2222-1751 
_citation.journal_full              ? 
_citation.journal_issue             ? 
_citation.journal_volume            9 
_citation.language                  ? 
_citation.page_first                1238 
_citation.page_last                 1241 
_citation.title                     
'Structural basis of HCoV-19 fusion core and an effective inhibition peptide against virus entry.' 
_citation.year                      2020 
_citation.database_id_CSD           ? 
_citation.pdbx_database_id_DOI      10.1080/22221751.2020.1770631 
_citation.pdbx_database_id_PubMed   32482145 
_citation.unpublished_flag          ? 
# 
loop_
_citation_author.citation_id 
_citation_author.name 
_citation_author.ordinal 
_citation_author.identifier_ORCID 
primary 'Sun, H.'   1  ?                   
primary 'Li, Y.'    2  ?                   
primary 'Liu, P.'   3  ?                   
primary 'Qiao, C.'  4  ?                   
primary 'Wang, X.'  5  ?                   
primary 'Wu, L.'    6  ?                   
primary 'Liu, K.'   7  ?                   
primary 'Hu, Y.'    8  ?                   
primary 'Su, C.'    9  ?                   
primary 'Tan, S.'   10 0000-0002-2599-4959 
primary 'Zou, S.'   11 ?                   
primary 'Wu, G.'    12 ?                   
primary 'Yan, J.'   13 0000-0003-0502-3829 
primary 'Gao, G.F.' 14 0000-0002-3869-615X 
primary 'Qi, J.'    15 0000-0002-9358-4732 
primary 'Wang, Q.'  16 0000-0003-3768-0401 
# 
_cell.angle_alpha                  90.000 
_cell.angle_alpha_esd              ? 
_cell.angle_beta                   90.000 
_cell.angle_beta_esd               ? 
_cell.angle_gamma                  120.000 
_cell.angle_gamma_esd              ? 
_cell.entry_id                     6M1V 
_cell.details                      ? 
_cell.formula_units_Z              ? 
_cell.length_a                     42.666 
_cell.length_a_esd                 ? 
_cell.length_b                     42.666 
_cell.length_b_esd                 ? 
_cell.length_c                     106.648 
_cell.length_c_esd                 ? 
_cell.volume                       168130.778 
_cell.volume_esd                   ? 
_cell.Z_PDB                        6 
_cell.reciprocal_angle_alpha       ? 
_cell.reciprocal_angle_beta        ? 
_cell.reciprocal_angle_gamma       ? 
_cell.reciprocal_angle_alpha_esd   ? 
_cell.reciprocal_angle_beta_esd    ? 
_cell.reciprocal_angle_gamma_esd   ? 
_cell.reciprocal_length_a          ? 
_cell.reciprocal_length_b          ? 
_cell.reciprocal_length_c          ? 
_cell.reciprocal_length_a_esd      ? 
_cell.reciprocal_length_b_esd      ? 
_cell.reciprocal_length_c_esd      ? 
_cell.pdbx_unique_axis             ? 
# 
_symmetry.entry_id                         6M1V 
_symmetry.cell_setting                     ? 
_symmetry.Int_Tables_number                150 
_symmetry.space_group_name_Hall            
;P 3 2"
;
_symmetry.space_group_name_H-M             'P 3 2 1' 
_symmetry.pdbx_full_space_group_name_H-M   ? 
# 
loop_
_entity.id 
_entity.type 
_entity.src_method 
_entity.pdbx_description 
_entity.formula_weight 
_entity.pdbx_number_of_molecules 
_entity.pdbx_ec 
_entity.pdbx_mutation 
_entity.pdbx_fragment 
_entity.details 
1 polymer man 'Spike protein S2,Spike protein S2' 12694.119 1   ? ? ? ? 
2 water   nat water                               18.015    113 ? ? ? ? 
# 
_entity_poly.entity_id                      1 
_entity_poly.type                           'polypeptide(L)' 
_entity_poly.nstd_linkage                   no 
_entity_poly.nstd_monomer                   no 
_entity_poly.pdbx_seq_one_letter_code       
;MENQKLIANQFNSAIGKIQDSLSSTASALGKLQDVVNQNAQALNTLVKQLLVPRGSGGSGGSGGLEVLFQGPDVDLGDIS
GINASVVNIQKEIDRLNEVAKNLNESLIDLQELHHHHHH
;
_entity_poly.pdbx_seq_one_letter_code_can   
;MENQKLIANQFNSAIGKIQDSLSSTASALGKLQDVVNQNAQALNTLVKQLLVPRGSGGSGGSGGLEVLFQGPDVDLGDIS
GINASVVNIQKEIDRLNEVAKNLNESLIDLQELHHHHHH
;
_entity_poly.pdbx_strand_id                 A 
_entity_poly.pdbx_target_identifier         ? 
# 
loop_
_entity_poly_seq.entity_id 
_entity_poly_seq.num 
_entity_poly_seq.mon_id 
_entity_poly_seq.hetero 
1 1   MET n 
1 2   GLU n 
1 3   ASN n 
1 4   GLN n 
1 5   LYS n 
1 6   LEU n 
1 7   ILE n 
1 8   ALA n 
1 9   ASN n 
1 10  GLN n 
1 11  PHE n 
1 12  ASN n 
1 13  SER n 
1 14  ALA n 
1 15  ILE n 
1 16  GLY n 
1 17  LYS n 
1 18  ILE n 
1 19  GLN n 
1 20  ASP n 
1 21  SER n 
1 22  LEU n 
1 23  SER n 
1 24  SER n 
1 25  THR n 
1 26  ALA n 
1 27  SER n 
1 28  ALA n 
1 29  LEU n 
1 30  GLY n 
1 31  LYS n 
1 32  LEU n 
1 33  GLN n 
1 34  ASP n 
1 35  VAL n 
1 36  VAL n 
1 37  ASN n 
1 38  GLN n 
1 39  ASN n 
1 40  ALA n 
1 41  GLN n 
1 42  ALA n 
1 43  LEU n 
1 44  ASN n 
1 45  THR n 
1 46  LEU n 
1 47  VAL n 
1 48  LYS n 
1 49  GLN n 
1 50  LEU n 
1 51  LEU n 
1 52  VAL n 
1 53  PRO n 
1 54  ARG n 
1 55  GLY n 
1 56  SER n 
1 57  GLY n 
1 58  GLY n 
1 59  SER n 
1 60  GLY n 
1 61  GLY n 
1 62  SER n 
1 63  GLY n 
1 64  GLY n 
1 65  LEU n 
1 66  GLU n 
1 67  VAL n 
1 68  LEU n 
1 69  PHE n 
1 70  GLN n 
1 71  GLY n 
1 72  PRO n 
1 73  ASP n 
1 74  VAL n 
1 75  ASP n 
1 76  LEU n 
1 77  GLY n 
1 78  ASP n 
1 79  ILE n 
1 80  SER n 
1 81  GLY n 
1 82  ILE n 
1 83  ASN n 
1 84  ALA n 
1 85  SER n 
1 86  VAL n 
1 87  VAL n 
1 88  ASN n 
1 89  ILE n 
1 90  GLN n 
1 91  LYS n 
1 92  GLU n 
1 93  ILE n 
1 94  ASP n 
1 95  ARG n 
1 96  LEU n 
1 97  ASN n 
1 98  GLU n 
1 99  VAL n 
1 100 ALA n 
1 101 LYS n 
1 102 ASN n 
1 103 LEU n 
1 104 ASN n 
1 105 GLU n 
1 106 SER n 
1 107 LEU n 
1 108 ILE n 
1 109 ASP n 
1 110 LEU n 
1 111 GLN n 
1 112 GLU n 
1 113 LEU n 
1 114 HIS n 
1 115 HIS n 
1 116 HIS n 
1 117 HIS n 
1 118 HIS n 
1 119 HIS n 
# 
loop_
_entity_src_gen.entity_id 
_entity_src_gen.pdbx_src_id 
_entity_src_gen.pdbx_alt_source_flag 
_entity_src_gen.pdbx_seq_type 
_entity_src_gen.pdbx_beg_seq_num 
_entity_src_gen.pdbx_end_seq_num 
_entity_src_gen.gene_src_common_name 
_entity_src_gen.gene_src_genus 
_entity_src_gen.pdbx_gene_src_gene 
_entity_src_gen.gene_src_species 
_entity_src_gen.gene_src_strain 
_entity_src_gen.gene_src_tissue 
_entity_src_gen.gene_src_tissue_fraction 
_entity_src_gen.gene_src_details 
_entity_src_gen.pdbx_gene_src_fragment 
_entity_src_gen.pdbx_gene_src_scientific_name 
_entity_src_gen.pdbx_gene_src_ncbi_taxonomy_id 
_entity_src_gen.pdbx_gene_src_variant 
_entity_src_gen.pdbx_gene_src_cell_line 
_entity_src_gen.pdbx_gene_src_atcc 
_entity_src_gen.pdbx_gene_src_organ 
_entity_src_gen.pdbx_gene_src_organelle 
_entity_src_gen.pdbx_gene_src_cell 
_entity_src_gen.pdbx_gene_src_cellular_location 
_entity_src_gen.host_org_common_name 
_entity_src_gen.pdbx_host_org_scientific_name 
_entity_src_gen.pdbx_host_org_ncbi_taxonomy_id 
_entity_src_gen.host_org_genus 
_entity_src_gen.pdbx_host_org_gene 
_entity_src_gen.pdbx_host_org_organ 
_entity_src_gen.host_org_species 
_entity_src_gen.pdbx_host_org_tissue 
_entity_src_gen.pdbx_host_org_tissue_fraction 
_entity_src_gen.pdbx_host_org_strain 
_entity_src_gen.pdbx_host_org_variant 
_entity_src_gen.pdbx_host_org_cell_line 
_entity_src_gen.pdbx_host_org_atcc 
_entity_src_gen.pdbx_host_org_culture_collection 
_entity_src_gen.pdbx_host_org_cell 
_entity_src_gen.pdbx_host_org_organelle 
_entity_src_gen.pdbx_host_org_cellular_location 
_entity_src_gen.pdbx_host_org_vector_type 
_entity_src_gen.pdbx_host_org_vector 
_entity_src_gen.host_org_details 
_entity_src_gen.expression_system_id 
_entity_src_gen.plasmid_name 
_entity_src_gen.plasmid_details 
_entity_src_gen.pdbx_description 
1 1 sample 'Biological sequence' 1  50  2019-nCoV ? 'S, 2' ? ? ? ? ? ? 'Severe acute respiratory syndrome coronavirus 2' 2697049 ? 
? ? ? ? ? ? ? 'Escherichia coli K-12' 83333 ? ? ? ? ? ? K-12 ? ? ? ? ? ? ? ? ? ? ? ? ? ? 
1 2 sample 'Biological sequence' 51 119 2019-nCoV ? 'S, 2' ? ? ? ? ? ? 'Severe acute respiratory syndrome coronavirus 2' 2697049 ? 
? ? ? ? ? ? ? 'Escherichia coli K-12' 83333 ? ? ? ? ? ? K-12 ? ? ? ? ? ? ? ? ? ? ? ? ? ? 
# 
loop_
_struct_ref.id 
_struct_ref.db_name 
_struct_ref.db_code 
_struct_ref.pdbx_db_accession 
_struct_ref.pdbx_db_isoform 
_struct_ref.entity_id 
_struct_ref.pdbx_seq_one_letter_code 
_struct_ref.pdbx_align_begin 
1 UNP SPIKE_SARS2 P0DTC2 ? 1 ENQKLIANQFNSAIGKIQDSLSSTASALGKLQDVVNQNAQALNTLVKQL 918  
2 UNP SPIKE_SARS2 P0DTC2 ? 1 PDVDLGDISGINASVVNIQKEIDRLNEVAKNLNESLIDLQEL        1162 
# 
loop_
_struct_ref_seq.align_id 
_struct_ref_seq.ref_id 
_struct_ref_seq.pdbx_PDB_id_code 
_struct_ref_seq.pdbx_strand_id 
_struct_ref_seq.seq_align_beg 
_struct_ref_seq.pdbx_seq_align_beg_ins_code 
_struct_ref_seq.seq_align_end 
_struct_ref_seq.pdbx_seq_align_end_ins_code 
_struct_ref_seq.pdbx_db_accession 
_struct_ref_seq.db_align_beg 
_struct_ref_seq.pdbx_db_align_beg_ins_code 
_struct_ref_seq.db_align_end 
_struct_ref_seq.pdbx_db_align_end_ins_code 
_struct_ref_seq.pdbx_auth_seq_align_beg 
_struct_ref_seq.pdbx_auth_seq_align_end 
1 1 6M1V A 2  ? 50  ? P0DTC2 918  ? 966  ? 918  966  
2 2 6M1V A 72 ? 113 ? P0DTC2 1162 ? 1203 ? 1162 1203 
# 
loop_
_struct_ref_seq_dif.align_id 
_struct_ref_seq_dif.pdbx_pdb_id_code 
_struct_ref_seq_dif.mon_id 
_struct_ref_seq_dif.pdbx_pdb_strand_id 
_struct_ref_seq_dif.seq_num 
_struct_ref_seq_dif.pdbx_pdb_ins_code 
_struct_ref_seq_dif.pdbx_seq_db_name 
_struct_ref_seq_dif.pdbx_seq_db_accession_code 
_struct_ref_seq_dif.db_mon_id 
_struct_ref_seq_dif.pdbx_seq_db_seq_num 
_struct_ref_seq_dif.details 
_struct_ref_seq_dif.pdbx_auth_seq_num 
_struct_ref_seq_dif.pdbx_ordinal 
1 6M1V MET A 1   ? UNP P0DTC2 ? ? 'expression tag' 917  1  
1 6M1V LEU A 51  ? UNP P0DTC2 ? ? linker           967  2  
1 6M1V VAL A 52  ? UNP P0DTC2 ? ? linker           968  3  
1 6M1V PRO A 53  ? UNP P0DTC2 ? ? linker           969  4  
1 6M1V ARG A 54  ? UNP P0DTC2 ? ? linker           970  5  
1 6M1V GLY A 55  ? UNP P0DTC2 ? ? linker           1145 6  
1 6M1V SER A 56  ? UNP P0DTC2 ? ? linker           1146 7  
1 6M1V GLY A 57  ? UNP P0DTC2 ? ? linker           1147 8  
1 6M1V GLY A 58  ? UNP P0DTC2 ? ? linker           1148 9  
1 6M1V SER A 59  ? UNP P0DTC2 ? ? linker           1149 10 
1 6M1V GLY A 60  ? UNP P0DTC2 ? ? linker           1150 11 
1 6M1V GLY A 61  ? UNP P0DTC2 ? ? linker           1151 12 
1 6M1V SER A 62  ? UNP P0DTC2 ? ? linker           1152 13 
1 6M1V GLY A 63  ? UNP P0DTC2 ? ? linker           1153 14 
1 6M1V GLY A 64  ? UNP P0DTC2 ? ? linker           1154 15 
1 6M1V LEU A 65  ? UNP P0DTC2 ? ? linker           1155 16 
1 6M1V GLU A 66  ? UNP P0DTC2 ? ? linker           1156 17 
1 6M1V VAL A 67  ? UNP P0DTC2 ? ? linker           1157 18 
1 6M1V LEU A 68  ? UNP P0DTC2 ? ? linker           1158 19 
1 6M1V PHE A 69  ? UNP P0DTC2 ? ? linker           1159 20 
1 6M1V GLN A 70  ? UNP P0DTC2 ? ? linker           1160 21 
1 6M1V GLY A 71  ? UNP P0DTC2 ? ? linker           1161 22 
2 6M1V HIS A 114 ? UNP P0DTC2 ? ? 'expression tag' 1204 23 
2 6M1V HIS A 115 ? UNP P0DTC2 ? ? 'expression tag' 1205 24 
2 6M1V HIS A 116 ? UNP P0DTC2 ? ? 'expression tag' 1206 25 
2 6M1V HIS A 117 ? UNP P0DTC2 ? ? 'expression tag' 1207 26 
2 6M1V HIS A 118 ? UNP P0DTC2 ? ? 'expression tag' 1208 27 
2 6M1V HIS A 119 ? UNP P0DTC2 ? ? 'expression tag' 1209 28 
# 
loop_
_chem_comp.id 
_chem_comp.type 
_chem_comp.mon_nstd_flag 
_chem_comp.name 
_chem_comp.pdbx_synonyms 
_chem_comp.formula 
_chem_comp.formula_weight 
ALA 'L-peptide linking' y ALANINE         ? 'C3 H7 N O2'     89.093  
ARG 'L-peptide linking' y ARGININE        ? 'C6 H15 N4 O2 1' 175.209 
ASN 'L-peptide linking' y ASPARAGINE      ? 'C4 H8 N2 O3'    132.118 
ASP 'L-peptide linking' y 'ASPARTIC ACID' ? 'C4 H7 N O4'     133.103 
GLN 'L-peptide linking' y GLUTAMINE       ? 'C5 H10 N2 O3'   146.144 
GLU 'L-peptide linking' y 'GLUTAMIC ACID' ? 'C5 H9 N O4'     147.129 
GLY 'peptide linking'   y GLYCINE         ? 'C2 H5 N O2'     75.067  
HIS 'L-peptide linking' y HISTIDINE       ? 'C6 H10 N3 O2 1' 156.162 
HOH non-polymer         . WATER           ? 'H2 O'           18.015  
ILE 'L-peptide linking' y ISOLEUCINE      ? 'C6 H13 N O2'    131.173 
LEU 'L-peptide linking' y LEUCINE         ? 'C6 H13 N O2'    131.173 
LYS 'L-peptide linking' y LYSINE          ? 'C6 H15 N2 O2 1' 147.195 
MET 'L-peptide linking' y METHIONINE      ? 'C5 H11 N O2 S'  149.211 
PHE 'L-peptide linking' y PHENYLALANINE   ? 'C9 H11 N O2'    165.189 
PRO 'L-peptide linking' y PROLINE         ? 'C5 H9 N O2'     115.130 
SER 'L-peptide linking' y SERINE          ? 'C3 H7 N O3'     105.093 
THR 'L-peptide linking' y THREONINE       ? 'C4 H9 N O3'     119.119 
VAL 'L-peptide linking' y VALINE          ? 'C5 H11 N O2'    117.146 
# 
_exptl.absorpt_coefficient_mu     ? 
_exptl.absorpt_correction_T_max   ? 
_exptl.absorpt_correction_T_min   ? 
_exptl.absorpt_correction_type    ? 
_exptl.absorpt_process_details    ? 
_exptl.entry_id                   6M1V 
_exptl.crystals_number            1 
_exptl.details                    ? 
_exptl.method                     'X-RAY DIFFRACTION' 
_exptl.method_details             ? 
# 
_exptl_crystal.colour                      ? 
_exptl_crystal.density_diffrn              ? 
_exptl_crystal.density_Matthews            2.21 
_exptl_crystal.density_method              ? 
_exptl_crystal.density_percent_sol         44.28 
_exptl_crystal.description                 ? 
_exptl_crystal.F_000                       ? 
_exptl_crystal.id                          1 
_exptl_crystal.preparation                 ? 
_exptl_crystal.size_max                    ? 
_exptl_crystal.size_mid                    ? 
_exptl_crystal.size_min                    ? 
_exptl_crystal.size_rad                    ? 
_exptl_crystal.colour_lustre               ? 
_exptl_crystal.colour_modifier             ? 
_exptl_crystal.colour_primary              ? 
_exptl_crystal.density_meas                ? 
_exptl_crystal.density_meas_esd            ? 
_exptl_crystal.density_meas_gt             ? 
_exptl_crystal.density_meas_lt             ? 
_exptl_crystal.density_meas_temp           ? 
_exptl_crystal.density_meas_temp_esd       ? 
_exptl_crystal.density_meas_temp_gt        ? 
_exptl_crystal.density_meas_temp_lt        ? 
_exptl_crystal.pdbx_crystal_image_url      ? 
_exptl_crystal.pdbx_crystal_image_format   ? 
_exptl_crystal.pdbx_mosaicity              ? 
_exptl_crystal.pdbx_mosaicity_esd          ? 
# 
_exptl_crystal_grow.apparatus       ? 
_exptl_crystal_grow.atmosphere      ? 
_exptl_crystal_grow.crystal_id      1 
_exptl_crystal_grow.details         ? 
_exptl_crystal_grow.method          'VAPOR DIFFUSION, SITTING DROP' 
_exptl_crystal_grow.method_ref      ? 
_exptl_crystal_grow.pH              6.5 
_exptl_crystal_grow.pressure        ? 
_exptl_crystal_grow.pressure_esd    ? 
_exptl_crystal_grow.seeding         ? 
_exptl_crystal_grow.seeding_ref     ? 
_exptl_crystal_grow.temp            291 
_exptl_crystal_grow.temp_details    ? 
_exptl_crystal_grow.temp_esd        ? 
_exptl_crystal_grow.time            ? 
_exptl_crystal_grow.pdbx_details    '0.1 M bis-tris, pH 6.5, and 25% (wt/vol) polyethylene glycol 3350' 
_exptl_crystal_grow.pdbx_pH_range   ? 
# 
_diffrn.ambient_environment              ? 
_diffrn.ambient_temp                     100 
_diffrn.ambient_temp_details             ? 
_diffrn.ambient_temp_esd                 ? 
_diffrn.crystal_id                       1 
_diffrn.crystal_support                  ? 
_diffrn.crystal_treatment                ? 
_diffrn.details                          ? 
_diffrn.id                               1 
_diffrn.ambient_pressure                 ? 
_diffrn.ambient_pressure_esd             ? 
_diffrn.ambient_pressure_gt              ? 
_diffrn.ambient_pressure_lt              ? 
_diffrn.ambient_temp_gt                  ? 
_diffrn.ambient_temp_lt                  ? 
_diffrn.pdbx_serial_crystal_experiment   N 
# 
_diffrn_detector.details                      ? 
_diffrn_detector.detector                     PIXEL 
_diffrn_detector.diffrn_id                    1 
_diffrn_detector.type                         'DECTRIS EIGER X 16M' 
_diffrn_detector.area_resol_mean              ? 
_diffrn_detector.dtime                        ? 
_diffrn_detector.pdbx_frames_total            ? 
_diffrn_detector.pdbx_collection_time_total   ? 
_diffrn_detector.pdbx_collection_date         2020-02-11 
_diffrn_detector.pdbx_frequency               ? 
# 
_diffrn_radiation.collimation                      ? 
_diffrn_radiation.diffrn_id                        1 
_diffrn_radiation.filter_edge                      ? 
_diffrn_radiation.inhomogeneity                    ? 
_diffrn_radiation.monochromator                    ? 
_diffrn_radiation.polarisn_norm                    ? 
_diffrn_radiation.polarisn_ratio                   ? 
_diffrn_radiation.probe                            ? 
_diffrn_radiation.type                             ? 
_diffrn_radiation.xray_symbol                      ? 
_diffrn_radiation.wavelength_id                    1 
_diffrn_radiation.pdbx_monochromatic_or_laue_m_l   M 
_diffrn_radiation.pdbx_wavelength_list             ? 
_diffrn_radiation.pdbx_wavelength                  ? 
_diffrn_radiation.pdbx_diffrn_protocol             'SINGLE WAVELENGTH' 
_diffrn_radiation.pdbx_analyzer                    ? 
_diffrn_radiation.pdbx_scattering_type             x-ray 
# 
_diffrn_radiation_wavelength.id           1 
_diffrn_radiation_wavelength.wavelength   0.97918 
_diffrn_radiation_wavelength.wt           1.0 
# 
_diffrn_source.current                     ? 
_diffrn_source.details                     ? 
_diffrn_source.diffrn_id                   1 
_diffrn_source.power                       ? 
_diffrn_source.size                        ? 
_diffrn_source.source                      SYNCHROTRON 
_diffrn_source.target                      ? 
_diffrn_source.type                        'SSRF BEAMLINE BL17U1' 
_diffrn_source.voltage                     ? 
_diffrn_source.take-off_angle              ? 
_diffrn_source.pdbx_wavelength_list        0.97918 
_diffrn_source.pdbx_wavelength             ? 
_diffrn_source.pdbx_synchrotron_beamline   BL17U1 
_diffrn_source.pdbx_synchrotron_site       SSRF 
# 
_reflns.B_iso_Wilson_estimate            13.72 
_reflns.entry_id                         6M1V 
_reflns.data_reduction_details           ? 
_reflns.data_reduction_method            ? 
_reflns.d_resolution_high                1.50 
_reflns.d_resolution_low                 50 
_reflns.details                          ? 
_reflns.limit_h_max                      ? 
_reflns.limit_h_min                      ? 
_reflns.limit_k_max                      ? 
_reflns.limit_k_min                      ? 
_reflns.limit_l_max                      ? 
_reflns.limit_l_min                      ? 
_reflns.number_all                       ? 
_reflns.number_obs                       18825 
_reflns.observed_criterion               ? 
_reflns.observed_criterion_F_max         ? 
_reflns.observed_criterion_F_min         ? 
_reflns.observed_criterion_I_max         ? 
_reflns.observed_criterion_I_min         ? 
_reflns.observed_criterion_sigma_F       2 
_reflns.observed_criterion_sigma_I       2 
_reflns.percent_possible_obs             100 
_reflns.R_free_details                   ? 
_reflns.Rmerge_F_all                     ? 
_reflns.Rmerge_F_obs                     ? 
_reflns.Friedel_coverage                 ? 
_reflns.number_gt                        ? 
_reflns.threshold_expression             ? 
_reflns.pdbx_redundancy                  18.1 
_reflns.pdbx_Rmerge_I_obs                ? 
_reflns.pdbx_Rmerge_I_all                ? 
_reflns.pdbx_Rsym_value                  ? 
_reflns.pdbx_netI_over_av_sigmaI         ? 
_reflns.pdbx_netI_over_sigmaI            49.0 
_reflns.pdbx_res_netI_over_av_sigmaI_2   ? 
_reflns.pdbx_res_netI_over_sigmaI_2      ? 
_reflns.pdbx_chi_squared                 ? 
_reflns.pdbx_scaling_rejects             ? 
_reflns.pdbx_d_res_high_opt              ? 
_reflns.pdbx_d_res_low_opt               ? 
_reflns.pdbx_d_res_opt_method            ? 
_reflns.phase_calculation_details        ? 
_reflns.pdbx_Rrim_I_all                  ? 
_reflns.pdbx_Rpim_I_all                  ? 
_reflns.pdbx_d_opt                       ? 
_reflns.pdbx_number_measured_all         ? 
_reflns.pdbx_diffrn_id                   1 
_reflns.pdbx_ordinal                     1 
_reflns.pdbx_CC_half                     1 
_reflns.pdbx_CC_star                     ? 
_reflns.pdbx_R_split                     ? 
# 
_reflns_shell.d_res_high                  1.50 
_reflns_shell.d_res_low                   1.55 
_reflns_shell.meanI_over_sigI_all         ? 
_reflns_shell.meanI_over_sigI_obs         ? 
_reflns_shell.number_measured_all         ? 
_reflns_shell.number_measured_obs         ? 
_reflns_shell.number_possible             ? 
_reflns_shell.number_unique_all           ? 
_reflns_shell.number_unique_obs           1838 
_reflns_shell.percent_possible_all        100 
_reflns_shell.percent_possible_obs        ? 
_reflns_shell.Rmerge_F_all                ? 
_reflns_shell.Rmerge_F_obs                ? 
_reflns_shell.Rmerge_I_all                ? 
_reflns_shell.Rmerge_I_obs                ? 
_reflns_shell.meanI_over_sigI_gt          ? 
_reflns_shell.meanI_over_uI_all           ? 
_reflns_shell.meanI_over_uI_gt            ? 
_reflns_shell.number_measured_gt          ? 
_reflns_shell.number_unique_gt            ? 
_reflns_shell.percent_possible_gt         ? 
_reflns_shell.Rmerge_F_gt                 ? 
_reflns_shell.Rmerge_I_gt                 ? 
_reflns_shell.pdbx_redundancy             ? 
_reflns_shell.pdbx_Rsym_value             ? 
_reflns_shell.pdbx_chi_squared            ? 
_reflns_shell.pdbx_netI_over_sigmaI_all   ? 
_reflns_shell.pdbx_netI_over_sigmaI_obs   ? 
_reflns_shell.pdbx_Rrim_I_all             ? 
_reflns_shell.pdbx_Rpim_I_all             ? 
_reflns_shell.pdbx_rejects                ? 
_reflns_shell.pdbx_ordinal                1 
_reflns_shell.pdbx_diffrn_id              1 
_reflns_shell.pdbx_CC_half                0.996 
_reflns_shell.pdbx_CC_star                ? 
_reflns_shell.pdbx_R_split                ? 
# 
_refine.aniso_B[1][1]                            ? 
_refine.aniso_B[1][2]                            ? 
_refine.aniso_B[1][3]                            ? 
_refine.aniso_B[2][2]                            ? 
_refine.aniso_B[2][3]                            ? 
_refine.aniso_B[3][3]                            ? 
_refine.B_iso_max                                ? 
_refine.B_iso_mean                               18.64 
_refine.B_iso_min                                ? 
_refine.correlation_coeff_Fo_to_Fc               ? 
_refine.correlation_coeff_Fo_to_Fc_free          ? 
_refine.details                                  ? 
_refine.diff_density_max                         ? 
_refine.diff_density_max_esd                     ? 
_refine.diff_density_min                         ? 
_refine.diff_density_min_esd                     ? 
_refine.diff_density_rms                         ? 
_refine.diff_density_rms_esd                     ? 
_refine.entry_id                                 6M1V 
_refine.pdbx_refine_id                           'X-RAY DIFFRACTION' 
_refine.ls_abs_structure_details                 ? 
_refine.ls_abs_structure_Flack                   ? 
_refine.ls_abs_structure_Flack_esd               ? 
_refine.ls_abs_structure_Rogers                  ? 
_refine.ls_abs_structure_Rogers_esd              ? 
_refine.ls_d_res_high                            1.50 
_refine.ls_d_res_low                             21.62 
_refine.ls_extinction_coef                       ? 
_refine.ls_extinction_coef_esd                   ? 
_refine.ls_extinction_expression                 ? 
_refine.ls_extinction_method                     ? 
_refine.ls_goodness_of_fit_all                   ? 
_refine.ls_goodness_of_fit_all_esd               ? 
_refine.ls_goodness_of_fit_obs                   ? 
_refine.ls_goodness_of_fit_obs_esd               ? 
_refine.ls_hydrogen_treatment                    ? 
_refine.ls_matrix_type                           ? 
_refine.ls_number_constraints                    ? 
_refine.ls_number_parameters                     ? 
_refine.ls_number_reflns_all                     ? 
_refine.ls_number_reflns_obs                     17786 
_refine.ls_number_reflns_R_free                  836 
_refine.ls_number_reflns_R_work                  16950 
_refine.ls_number_restraints                     ? 
_refine.ls_percent_reflns_obs                    94.52 
_refine.ls_percent_reflns_R_free                 4.70 
_refine.ls_R_factor_all                          ? 
_refine.ls_R_factor_obs                          0.2038 
_refine.ls_R_factor_R_free                       0.2120 
_refine.ls_R_factor_R_free_error                 ? 
_refine.ls_R_factor_R_free_error_details         ? 
_refine.ls_R_factor_R_work                       0.2034 
_refine.ls_R_Fsqd_factor_obs                     ? 
_refine.ls_R_I_factor_obs                        ? 
_refine.ls_redundancy_reflns_all                 ? 
_refine.ls_redundancy_reflns_obs                 ? 
_refine.ls_restrained_S_all                      ? 
_refine.ls_restrained_S_obs                      ? 
_refine.ls_shift_over_esd_max                    ? 
_refine.ls_shift_over_esd_mean                   ? 
_refine.ls_structure_factor_coef                 ? 
_refine.ls_weighting_details                     ? 
_refine.ls_weighting_scheme                      ? 
_refine.ls_wR_factor_all                         ? 
_refine.ls_wR_factor_obs                         ? 
_refine.ls_wR_factor_R_free                      ? 
_refine.ls_wR_factor_R_work                      ? 
_refine.occupancy_max                            ? 
_refine.occupancy_min                            ? 
_refine.solvent_model_details                    'FLAT BULK SOLVENT MODEL' 
_refine.solvent_model_param_bsol                 ? 
_refine.solvent_model_param_ksol                 ? 
_refine.pdbx_R_complete                          ? 
_refine.ls_R_factor_gt                           ? 
_refine.ls_goodness_of_fit_gt                    ? 
_refine.ls_goodness_of_fit_ref                   ? 
_refine.ls_shift_over_su_max                     ? 
_refine.ls_shift_over_su_max_lt                  ? 
_refine.ls_shift_over_su_mean                    ? 
_refine.ls_shift_over_su_mean_lt                 ? 
_refine.pdbx_ls_sigma_I                          ? 
_refine.pdbx_ls_sigma_F                          1.35 
_refine.pdbx_ls_sigma_Fsqd                       ? 
_refine.pdbx_data_cutoff_high_absF               ? 
_refine.pdbx_data_cutoff_high_rms_absF           ? 
_refine.pdbx_data_cutoff_low_absF                ? 
_refine.pdbx_isotropic_thermal_model             ? 
_refine.pdbx_ls_cross_valid_method               'FREE R-VALUE' 
_refine.pdbx_method_to_determine_struct          'MOLECULAR REPLACEMENT' 
_refine.pdbx_starting_model                      1WNC 
_refine.pdbx_stereochemistry_target_values       'GeoStd + Monomer Library + CDL v1.2' 
_refine.pdbx_R_Free_selection_details            ? 
_refine.pdbx_stereochem_target_val_spec_case     ? 
_refine.pdbx_overall_ESU_R                       ? 
_refine.pdbx_overall_ESU_R_Free                  ? 
_refine.pdbx_solvent_vdw_probe_radii             1.1100 
_refine.pdbx_solvent_ion_probe_radii             ? 
_refine.pdbx_solvent_shrinkage_radii             0.9000 
_refine.pdbx_real_space_R                        ? 
_refine.pdbx_density_correlation                 ? 
_refine.pdbx_pd_number_of_powder_patterns        ? 
_refine.pdbx_pd_number_of_points                 ? 
_refine.pdbx_pd_meas_number_of_points            ? 
_refine.pdbx_pd_proc_ls_prof_R_factor            ? 
_refine.pdbx_pd_proc_ls_prof_wR_factor           ? 
_refine.pdbx_pd_Marquardt_correlation_coeff      ? 
_refine.pdbx_pd_Fsqrd_R_factor                   ? 
_refine.pdbx_pd_ls_matrix_band_width             ? 
_refine.pdbx_overall_phase_error                 22.8565 
_refine.pdbx_overall_SU_R_free_Cruickshank_DPI   ? 
_refine.pdbx_overall_SU_R_free_Blow_DPI          ? 
_refine.pdbx_overall_SU_R_Blow_DPI               ? 
_refine.pdbx_TLS_residual_ADP_flag               ? 
_refine.pdbx_diffrn_id                           1 
_refine.overall_SU_B                             ? 
_refine.overall_SU_ML                            0.1516 
_refine.overall_SU_R_Cruickshank_DPI             ? 
_refine.overall_SU_R_free                        ? 
_refine.overall_FOM_free_R_set                   ? 
_refine.overall_FOM_work_R_set                   ? 
_refine.pdbx_average_fsc_overall                 ? 
_refine.pdbx_average_fsc_work                    ? 
_refine.pdbx_average_fsc_free                    ? 
# 
_refine_hist.pdbx_refine_id                   'X-RAY DIFFRACTION' 
_refine_hist.cycle_id                         LAST 
_refine_hist.details                          ? 
_refine_hist.d_res_high                       1.50 
_refine_hist.d_res_low                        21.62 
_refine_hist.number_atoms_solvent             113 
_refine_hist.number_atoms_total               806 
_refine_hist.number_reflns_all                ? 
_refine_hist.number_reflns_obs                ? 
_refine_hist.number_reflns_R_free             ? 
_refine_hist.number_reflns_R_work             ? 
_refine_hist.R_factor_all                     ? 
_refine_hist.R_factor_obs                     ? 
_refine_hist.R_factor_R_free                  ? 
_refine_hist.R_factor_R_work                  ? 
_refine_hist.pdbx_number_residues_total       ? 
_refine_hist.pdbx_B_iso_mean_ligand           ? 
_refine_hist.pdbx_B_iso_mean_solvent          ? 
_refine_hist.pdbx_number_atoms_protein        693 
_refine_hist.pdbx_number_atoms_nucleic_acid   0 
_refine_hist.pdbx_number_atoms_ligand         0 
_refine_hist.pdbx_number_atoms_lipid          ? 
_refine_hist.pdbx_number_atoms_carb           ? 
_refine_hist.pdbx_pseudo_atom_details         ? 
# 
loop_
_refine_ls_restr.pdbx_refine_id 
_refine_ls_restr.criterion 
_refine_ls_restr.dev_ideal 
_refine_ls_restr.dev_ideal_target 
_refine_ls_restr.number 
_refine_ls_restr.rejects 
_refine_ls_restr.type 
_refine_ls_restr.weight 
_refine_ls_restr.pdbx_restraint_function 
'X-RAY DIFFRACTION' ? 0.0053  ? 715 ? f_bond_d           ? ? 
'X-RAY DIFFRACTION' ? 0.7011  ? 970 ? f_angle_d          ? ? 
'X-RAY DIFFRACTION' ? 0.0600  ? 121 ? f_chiral_restr     ? ? 
'X-RAY DIFFRACTION' ? 0.0041  ? 129 ? f_plane_restr      ? ? 
'X-RAY DIFFRACTION' ? 20.0458 ? 271 ? f_dihedral_angle_d ? ? 
# 
loop_
_refine_ls_shell.pdbx_refine_id 
_refine_ls_shell.d_res_high 
_refine_ls_shell.d_res_low 
_refine_ls_shell.number_reflns_all 
_refine_ls_shell.number_reflns_obs 
_refine_ls_shell.number_reflns_R_free 
_refine_ls_shell.number_reflns_R_work 
_refine_ls_shell.percent_reflns_obs 
_refine_ls_shell.percent_reflns_R_free 
_refine_ls_shell.R_factor_all 
_refine_ls_shell.R_factor_obs 
_refine_ls_shell.R_factor_R_free 
_refine_ls_shell.R_factor_R_free_error 
_refine_ls_shell.R_factor_R_work 
_refine_ls_shell.redundancy_reflns_all 
_refine_ls_shell.redundancy_reflns_obs 
_refine_ls_shell.wR_factor_all 
_refine_ls_shell.wR_factor_obs 
_refine_ls_shell.wR_factor_R_free 
_refine_ls_shell.wR_factor_R_work 
_refine_ls_shell.pdbx_R_complete 
_refine_ls_shell.pdbx_total_number_of_bins_used 
_refine_ls_shell.pdbx_phase_error 
_refine_ls_shell.pdbx_fsc_work 
_refine_ls_shell.pdbx_fsc_free 
'X-RAY DIFFRACTION' 1.50 1.59  . . 86  2018 68.38  . . . 0.2574 . 0.2313 . . . . . . . . . . . 
'X-RAY DIFFRACTION' 1.59 1.72  . . 154 2868 98.44  . . . 0.2618 . 0.2388 . . . . . . . . . . . 
'X-RAY DIFFRACTION' 1.72 1.89  . . 138 2938 100.00 . . . 0.2241 . 0.2212 . . . . . . . . . . . 
'X-RAY DIFFRACTION' 1.89 2.16  . . 157 2971 99.97  . . . 0.2320 . 0.2019 . . . . . . . . . . . 
'X-RAY DIFFRACTION' 2.16 2.72  . . 144 2984 100.00 . . . 0.1874 . 0.1947 . . . . . . . . . . . 
'X-RAY DIFFRACTION' 2.72 21.62 . . 157 3171 99.70  . . . 0.2027 . 0.1951 . . . . . . . . . . . 
# 
_struct.entry_id                     6M1V 
_struct.title                        'Crystal structure of post fusion core of 2019-nCoV S2 subunit' 
_struct.pdbx_model_details           ? 
_struct.pdbx_formula_weight          ? 
_struct.pdbx_formula_weight_method   ? 
_struct.pdbx_model_type_details      ? 
_struct.pdbx_CASP_flag               N 
# 
_struct_keywords.entry_id        6M1V 
_struct_keywords.text            '2019-nCoV, spike protein, fusion core, VIRAL PROTEIN' 
_struct_keywords.pdbx_keywords   'VIRAL PROTEIN' 
# 
loop_
_struct_asym.id 
_struct_asym.pdbx_blank_PDB_chainid_flag 
_struct_asym.pdbx_modified 
_struct_asym.entity_id 
_struct_asym.details 
A N N 1 ? 
B N N 2 ? 
# 
loop_
_struct_conf.conf_type_id 
_struct_conf.id 
_struct_conf.pdbx_PDB_helix_id 
_struct_conf.beg_label_comp_id 
_struct_conf.beg_label_asym_id 
_struct_conf.beg_label_seq_id 
_struct_conf.pdbx_beg_PDB_ins_code 
_struct_conf.end_label_comp_id 
_struct_conf.end_label_asym_id 
_struct_conf.end_label_seq_id 
_struct_conf.pdbx_end_PDB_ins_code 
_struct_conf.beg_auth_comp_id 
_struct_conf.beg_auth_asym_id 
_struct_conf.beg_auth_seq_id 
_struct_conf.end_auth_comp_id 
_struct_conf.end_auth_asym_id 
_struct_conf.end_auth_seq_id 
_struct_conf.pdbx_PDB_helix_class 
_struct_conf.details 
_struct_conf.pdbx_PDB_helix_length 
HELX_P HELX_P1 AA1 GLU A 2   ? VAL A 52  ? GLU A 918  VAL A 968  1 ? 51 
HELX_P HELX_P2 AA2 ILE A 89  ? LEU A 103 ? ILE A 1179 LEU A 1193 1 ? 15 
HELX_P HELX_P3 AA3 ASN A 104 ? LEU A 107 ? ASN A 1194 LEU A 1197 5 ? 4  
HELX_P HELX_P4 AA4 ASP A 109 ? LEU A 113 ? ASP A 1199 LEU A 1203 5 ? 5  
# 
_struct_conf_type.id          HELX_P 
_struct_conf_type.criteria    ? 
_struct_conf_type.reference   ? 
# 
_atom_sites.entry_id                    6M1V 
_atom_sites.Cartn_transf_matrix[1][1]   ? 
_atom_sites.Cartn_transf_matrix[1][2]   ? 
_atom_sites.Cartn_transf_matrix[1][3]   ? 
_atom_sites.Cartn_transf_matrix[2][1]   ? 
_atom_sites.Cartn_transf_matrix[2][2]   ? 
_atom_sites.Cartn_transf_matrix[2][3]   ? 
_atom_sites.Cartn_transf_matrix[3][1]   ? 
_atom_sites.Cartn_transf_matrix[3][2]   ? 
_atom_sites.Cartn_transf_matrix[3][3]   ? 
_atom_sites.Cartn_transf_vector[1]      ? 
_atom_sites.Cartn_transf_vector[2]      ? 
_atom_sites.Cartn_transf_vector[3]      ? 
_atom_sites.fract_transf_matrix[1][1]   0.00998523 
_atom_sites.fract_transf_matrix[1][2]   -0.00003088 
_atom_sites.fract_transf_matrix[1][3]   -0.02515451 
_atom_sites.fract_transf_matrix[2][1]   -0.01401396 
_atom_sites.fract_transf_matrix[2][2]   0.01142818 
_atom_sites.fract_transf_matrix[2][3]   -0.02013618 
_atom_sites.fract_transf_matrix[3][1]   0.00425876 
_atom_sites.fract_transf_matrix[3][2]   0.00818334 
_atom_sites.fract_transf_matrix[3][3]   0.00168049 
_atom_sites.fract_transf_vector[1]      0.217478 
_atom_sites.fract_transf_vector[2]      0.720977 
_atom_sites.fract_transf_vector[3]      1.244491 
_atom_sites.solution_primary            ? 
_atom_sites.solution_secondary          ? 
_atom_sites.solution_hydrogens          ? 
_atom_sites.special_details             ? 
# 
loop_
_atom_type.symbol 
_atom_type.scat_dispersion_real 
_atom_type.scat_dispersion_imag 
_atom_type.scat_Cromer_Mann_a1 
_atom_type.scat_Cromer_Mann_a2 
_atom_type.scat_Cromer_Mann_a3 
_atom_type.scat_Cromer_Mann_a4 
_atom_type.scat_Cromer_Mann_b1 
_atom_type.scat_Cromer_Mann_b2 
_atom_type.scat_Cromer_Mann_b3 
_atom_type.scat_Cromer_Mann_b4 
_atom_type.scat_Cromer_Mann_c 
_atom_type.scat_source 
_atom_type.scat_dispersion_source 
C ? ? 3.54356 2.42580 ? ? 25.62398 1.50364  ? ? 0.0 
;2-Gaussian fit: Grosse-Kunstleve RW, Sauter NK, Adams PD: Newsletter of the IUCr Commission on Crystallographic Computing 2004, 3, 22-31.
;
? 
N ? ? 4.01032 2.96436 ? ? 19.97189 1.75589  ? ? 0.0 
;2-Gaussian fit: Grosse-Kunstleve RW, Sauter NK, Adams PD: Newsletter of the IUCr Commission on Crystallographic Computing 2004, 3, 22-31.
;
? 
O ? ? 4.49882 3.47563 ? ? 15.80542 1.70748  ? ? 0.0 
;2-Gaussian fit: Grosse-Kunstleve RW, Sauter NK, Adams PD: Newsletter of the IUCr Commission on Crystallographic Computing 2004, 3, 22-31.
;
? 
S ? ? 9.55732 6.39887 ? ? 1.23737  29.19336 ? ? 0.0 
;2-Gaussian fit: Grosse-Kunstleve RW, Sauter NK, Adams PD: Newsletter of the IUCr Commission on Crystallographic Computing 2004, 3, 22-31.
;
? 
# 
loop_
_atom_site.group_PDB 
_atom_site.id 
_atom_site.type_symbol 
_atom_site.label_atom_id 
_atom_site.label_alt_id 
_atom_site.label_comp_id 
_atom_site.label_asym_id 
_atom_site.label_entity_id 
_atom_site.label_seq_id 
_atom_site.pdbx_PDB_ins_code 
_atom_site.Cartn_x 
_atom_site.Cartn_y 
_atom_site.Cartn_z 
_atom_site.occupancy 
_atom_site.B_iso_or_equiv 
_atom_site.pdbx_formal_charge 
_atom_site.auth_seq_id 
_atom_site.auth_comp_id 
_atom_site.auth_asym_id 
_atom_site.auth_atom_id 
_atom_site.pdbx_PDB_model_num 
ATOM   1   N N   . MET A 1 1   ? 16.59958  31.50435  -8.09317  1.000 13.13782 ? 917  MET A N   1 
ATOM   2   C CA  . MET A 1 1   ? 15.96509  31.67111  -6.78950  1.000 13.16908 ? 917  MET A CA  1 
ATOM   3   C C   . MET A 1 1   ? 16.99061  31.46007  -5.67681  1.000 13.40184 ? 917  MET A C   1 
ATOM   4   O O   . MET A 1 1   ? 18.10469  31.00822  -5.93712  1.000 13.61699 ? 917  MET A O   1 
ATOM   5   C CB  . MET A 1 1   ? 14.78769  30.69785  -6.63266  1.000 12.70864 ? 917  MET A CB  1 
ATOM   6   C CG  . MET A 1 1   ? 15.18309  29.22152  -6.49978  1.000 11.92918 ? 917  MET A CG  1 
ATOM   7   S SD  . MET A 1 1   ? 13.76200  28.10479  -6.56121  1.000 11.26905 ? 917  MET A SD  1 
ATOM   8   C CE  . MET A 1 1   ? 13.48314  28.00080  -8.33336  1.000 11.33627 ? 917  MET A CE  1 
ATOM   9   N N   . GLU A 1 2   ? 16.60884  31.78982  -4.44576  1.000 15.68241 ? 918  GLU A N   1 
ATOM   10  C CA  . GLU A 1 2   ? 17.49937  31.57800  -3.31080  1.000 15.80423 ? 918  GLU A CA  1 
ATOM   11  C C   . GLU A 1 2   ? 17.81555  30.09695  -3.15505  1.000 14.89251 ? 918  GLU A C   1 
ATOM   12  O O   . GLU A 1 2   ? 16.96587  29.23879  -3.40154  1.000 14.10715 ? 918  GLU A O   1 
ATOM   13  C CB  . GLU A 1 2   ? 16.85087  32.09451  -2.02871  1.000 17.51384 ? 918  GLU A CB  1 
ATOM   14  C CG  . GLU A 1 2   ? 16.95135  33.59799  -1.85421  1.000 20.72903 ? 918  GLU A CG  1 
ATOM   15  C CD  . GLU A 1 2   ? 16.04972  34.11625  -0.75381  1.000 24.52393 ? 918  GLU A CD  1 
ATOM   16  O OE1 . GLU A 1 2   ? 15.90591  35.35135  -0.63418  1.000 25.73759 ? 918  GLU A OE1 1 
ATOM   17  O OE2 . GLU A 1 2   ? 15.48902  33.28636  -0.00666  1.000 24.96234 ? 918  GLU A OE2 1 
ATOM   18  N N   . ASN A 1 3   ? 19.05088  29.80226  -2.73584  1.000 14.87899 ? 919  ASN A N   1 
ATOM   19  C CA  . ASN A 1 3   ? 19.47552  28.41135  -2.59635  1.000 13.69250 ? 919  ASN A CA  1 
ATOM   20  C C   . ASN A 1 3   ? 18.54550  27.62832  -1.67712  1.000 13.03045 ? 919  ASN A C   1 
ATOM   21  O O   . ASN A 1 3   ? 18.17553  26.48760  -1.98103  1.000 12.28851 ? 919  ASN A O   1 
ATOM   22  C CB  . ASN A 1 3   ? 20.91311  28.34179  -2.07858  1.000 15.02117 ? 919  ASN A CB  1 
ATOM   23  C CG  . ASN A 1 3   ? 21.92249  28.91277  -3.05914  1.000 15.41629 ? 919  ASN A CG  1 
ATOM   24  O OD1 . ASN A 1 3   ? 21.70702  28.90792  -4.26943  1.000 15.00103 ? 919  ASN A OD1 1 
ATOM   25  N ND2 . ASN A 1 3   ? 23.05419  29.37131  -2.53547  1.000 17.57368 ? 919  ASN A ND2 1 
ATOM   26  N N   . GLN A 1 4   ? 18.14283  28.22364  -0.55365  1.000 11.98934 ? 920  GLN A N   1 
ATOM   27  C CA  . GLN A 1 4   ? 17.25897  27.51113  0.36274   1.000 11.98998 ? 920  GLN A CA  1 
ATOM   28  C C   . GLN A 1 4   ? 15.89166  27.25434  -0.25611  1.000 12.00041 ? 920  GLN A C   1 
ATOM   29  O O   . GLN A 1 4   ? 15.25647  26.24247  0.05386   1.000 11.73349 ? 920  GLN A O   1 
ATOM   30  C CB  . GLN A 1 4   ? 17.13810  28.25636  1.69370   1.000 14.88655 ? 920  GLN A CB  1 
ATOM   31  C CG  . GLN A 1 4   ? 16.44502  29.60228  1.59991   1.000 17.10168 ? 920  GLN A CG  1 
ATOM   32  C CD  . GLN A 1 4   ? 16.50561  30.36837  2.90514   1.000 21.77710 ? 920  GLN A CD  1 
ATOM   33  O OE1 . GLN A 1 4   ? 17.05218  29.88257  3.89684   1.000 18.89896 ? 920  GLN A OE1 1 
ATOM   34  N NE2 . GLN A 1 4   ? 15.94597  31.57486  2.91220   1.000 22.39194 ? 920  GLN A NE2 1 
ATOM   35  N N   . LYS A 1 5   ? 15.44823  28.13359  -1.15408  1.000 11.99717 ? 921  LYS A N   1 
ATOM   36  C CA  . LYS A 1 5   ? 14.13130  27.90205  -1.80037  1.000 11.79557 ? 921  LYS A CA  1 
ATOM   37  C C   . LYS A 1 5   ? 14.26653  26.79318  -2.84774  1.000 10.22562 ? 921  LYS A C   1 
ATOM   38  O O   . LYS A 1 5   ? 13.33779  26.03984  -3.00257  1.000 9.79270  ? 921  LYS A O   1 
ATOM   39  C CB  . LYS A 1 5   ? 13.59048  29.20523  -2.38997  1.000 12.40188 ? 921  LYS A CB  1 
ATOM   40  C CG  . LYS A 1 5   ? 13.01915  30.15011  -1.34722  1.000 15.79103 ? 921  LYS A CG  1 
ATOM   41  C CD  . LYS A 1 5   ? 12.32869  31.33205  -1.96599  1.000 17.99579 ? 921  LYS A CD  1 
ATOM   42  C CE  . LYS A 1 5   ? 11.96134  32.40442  -0.96731  1.000 20.29778 ? 921  LYS A CE  1 
ATOM   43  N NZ  . LYS A 1 5   ? 10.95217  31.90681  -0.00977  1.000 21.42764 ? 921  LYS A NZ  1 
ATOM   44  N N   . LEU A 1 6   ? 15.38376  26.74934  -3.56281  1.000 10.82385 ? 922  LEU A N   1 
ATOM   45  C CA  . LEU A 1 6   ? 15.60783  25.64681  -4.49233  1.000 9.47065  ? 922  LEU A CA  1 
ATOM   46  C C   . LEU A 1 6   ? 15.61252  24.31333  -3.75244  1.000 8.80455  ? 922  LEU A C   1 
ATOM   47  O O   . LEU A 1 6   ? 14.93240  23.36101  -4.15426  1.000 8.10778  ? 922  LEU A O   1 
ATOM   48  C CB  . LEU A 1 6   ? 16.92269  25.85604  -5.24432  1.000 9.50761  ? 922  LEU A CB  1 
ATOM   49  C CG  . LEU A 1 6   ? 17.34313  24.72125  -6.17963  1.000 8.62825  ? 922  LEU A CG  1 
ATOM   50  C CD1 . LEU A 1 6   ? 16.31891  24.51412  -7.27921  1.000 9.81402  ? 922  LEU A CD1 1 
ATOM   51  C CD2 . LEU A 1 6   ? 18.71858  24.99917  -6.76679  1.000 10.15146 ? 922  LEU A CD2 1 
ATOM   52  N N   . ILE A 1 7   ? 16.35674  24.24110  -2.64745  1.000 8.12491  ? 923  ILE A N   1 
ATOM   53  C CA  . ILE A 1 7   ? 16.41303  23.01635  -1.85354  1.000 7.24745  ? 923  ILE A CA  1 
ATOM   54  C C   . ILE A 1 7   ? 15.02459  22.64273  -1.35332  1.000 7.64764  ? 923  ILE A C   1 
ATOM   55  O O   . ILE A 1 7   ? 14.57932  21.49949  -1.49872  1.000 6.82861  ? 923  ILE A O   1 
ATOM   56  C CB  . ILE A 1 7   ? 17.41344  23.18223  -0.69360  1.000 7.57750  ? 923  ILE A CB  1 
ATOM   57  C CG1 . ILE A 1 7   ? 18.84008  23.30698  -1.23935  1.000 7.91423  ? 923  ILE A CG1 1 
ATOM   58  C CG2 . ILE A 1 7   ? 17.28851  22.02411  0.29650   1.000 7.44553  ? 923  ILE A CG2 1 
ATOM   59  C CD1 . ILE A 1 7   ? 19.85841  23.77400  -0.20186  1.000 9.04262  ? 923  ILE A CD1 1 
ATOM   60  N N   . ALA A 1 8   ? 14.31627  23.60446  -0.75403  1.000 7.38727  ? 924  ALA A N   1 
ATOM   61  C CA  . ALA A 1 8   ? 13.00966  23.30056  -0.17576  1.000 7.58567  ? 924  ALA A CA  1 
ATOM   62  C C   . ALA A 1 8   ? 12.00540  22.88920  -1.24655  1.000 7.48448  ? 924  ALA A C   1 
ATOM   63  O O   . ALA A 1 8   ? 11.21166  21.96555  -1.03691  1.000 7.34418  ? 924  ALA A O   1 
ATOM   64  C CB  . ALA A 1 8   ? 12.50126  24.50342  0.61747   1.000 8.69239  ? 924  ALA A CB  1 
ATOM   65  N N   . ASN A 1 9   ? 12.02120  23.56159  -2.40143  1.000 9.38259  ? 925  ASN A N   1 
ATOM   66  C CA  . ASN A 1 9   ? 11.09938  23.20383  -3.47901  1.000 9.08859  ? 925  ASN A CA  1 
ATOM   67  C C   . ASN A 1 9   ? 11.40778  21.82582  -4.05639  1.000 7.79826  ? 925  ASN A C   1 
ATOM   68  O O   . ASN A 1 9   ? 10.48606  21.06470  -4.36971  1.000 7.94331  ? 925  ASN A O   1 
ATOM   69  C CB  . ASN A 1 9   ? 11.15295  24.26583  -4.57347  1.000 9.40891  ? 925  ASN A CB  1 
ATOM   70  C CG  . ASN A 1 9   ? 10.23065  25.43789  -4.29995  1.000 11.52266 ? 925  ASN A CG  1 
ATOM   71  O OD1 . ASN A 1 9   ? 9.02032   25.27057  -4.14530  1.000 12.18115 ? 925  ASN A OD1 1 
ATOM   72  N ND2 . ASN A 1 9   ? 10.80100  26.63566  -4.23485  1.000 13.41821 ? 925  ASN A ND2 1 
ATOM   73  N N   . GLN A 1 10  ? 12.69054  21.48934  -4.22347  1.000 7.82043  ? 926  GLN A N   1 
ATOM   74  C CA  . GLN A 1 10  ? 13.02424  20.16243  -4.73433  1.000 7.12567  ? 926  GLN A CA  1 
ATOM   75  C C   . GLN A 1 10  ? 12.64320  19.07991  -3.73679  1.000 7.04756  ? 926  GLN A C   1 
ATOM   76  O O   . GLN A 1 10  ? 12.11247  18.03238  -4.12054  1.000 6.87219  ? 926  GLN A O   1 
ATOM   77  C CB  . GLN A 1 10  ? 14.51037  20.08367  -5.09829  1.000 7.06797  ? 926  GLN A CB  1 
ATOM   78  C CG  . GLN A 1 10  ? 14.85886  20.92706  -6.31642  1.000 7.66688  ? 926  GLN A CG  1 
ATOM   79  C CD  . GLN A 1 10  ? 14.24136  20.37725  -7.58711  1.000 7.91387  ? 926  GLN A CD  1 
ATOM   80  O OE1 . GLN A 1 10  ? 13.05477  20.57615  -7.84192  1.000 9.04605  ? 926  GLN A OE1 1 
ATOM   81  N NE2 . GLN A 1 10  ? 15.05029  19.71612  -8.40972  1.000 8.24043  ? 926  GLN A NE2 1 
ATOM   82  N N   . PHE A 1 11  ? 12.89785  19.32042  -2.45094  1.000 6.19699  ? 927  PHE A N   1 
ATOM   83  C CA  . PHE A 1 11  ? 12.46069  18.38042  -1.42484  1.000 6.08529  ? 927  PHE A CA  1 
ATOM   84  C C   . PHE A 1 11  ? 10.94480  18.18819  -1.46816  1.000 6.37772  ? 927  PHE A C   1 
ATOM   85  O O   . PHE A 1 11  ? 10.45349  17.05379  -1.47302  1.000 6.08812  ? 927  PHE A O   1 
ATOM   86  C CB  . PHE A 1 11  ? 12.90698  18.88553  -0.05499  1.000 6.63509  ? 927  PHE A CB  1 
ATOM   87  C CG  . PHE A 1 11  ? 12.34614  18.10064  1.09279   1.000 6.20054  ? 927  PHE A CG  1 
ATOM   88  C CD1 . PHE A 1 11  ? 12.88675  16.87977  1.45506   1.000 6.19665  ? 927  PHE A CD1 1 
ATOM   89  C CD2 . PHE A 1 11  ? 11.25594  18.58652  1.80203   1.000 6.75431  ? 927  PHE A CD2 1 
ATOM   90  C CE1 . PHE A 1 11  ? 12.36092  16.16106  2.50986   1.000 6.41373  ? 927  PHE A CE1 1 
ATOM   91  C CE2 . PHE A 1 11  ? 10.72524  17.86971  2.85995   1.000 6.99581  ? 927  PHE A CE2 1 
ATOM   92  C CZ  . PHE A 1 11  ? 11.28320  16.66067  3.21551   1.000 6.66121  ? 927  PHE A CZ  1 
ATOM   93  N N   . ASN A 1 12  ? 10.18408  19.28826  -1.48237  1.000 6.56854  ? 928  ASN A N   1 
ATOM   94  C CA  . ASN A 1 12  ? 8.72896   19.14764  -1.45671  1.000 6.97372  ? 928  ASN A CA  1 
ATOM   95  C C   . ASN A 1 12  ? 8.23253   18.41196  -2.69270  1.000 6.74664  ? 928  ASN A C   1 
ATOM   96  O O   . ASN A 1 12  ? 7.27755   17.62271  -2.61175  1.000 6.82651  ? 928  ASN A O   1 
ATOM   97  C CB  . ASN A 1 12  ? 8.04548   20.51304  -1.34048  1.000 7.76180  ? 928  ASN A CB  1 
ATOM   98  C CG  . ASN A 1 12  ? 8.22790   21.14986  0.01760   1.000 8.74935  ? 928  ASN A CG  1 
ATOM   99  O OD1 . ASN A 1 12  ? 8.51441   20.47589  1.00555   1.000 9.18750  ? 928  ASN A OD1 1 
ATOM   100 N ND2 . ASN A 1 12  ? 8.01155   22.45901  0.08325   1.000 9.96471  ? 928  ASN A ND2 1 
ATOM   101 N N   A SER A 1 13  ? 8.86066   18.66444  -3.84002  0.530 8.14300  ? 929  SER A N   1 
ATOM   102 N N   B SER A 1 13  ? 8.87189   18.63899  -3.83943  0.470 8.13519  ? 929  SER A N   1 
ATOM   103 C CA  A SER A 1 13  ? 8.50077   17.95712  -5.06354  0.530 8.00877  ? 929  SER A CA  1 
ATOM   104 C CA  B SER A 1 13  ? 8.46282   17.94447  -5.05641  0.470 8.01305  ? 929  SER A CA  1 
ATOM   105 C C   A SER A 1 13  ? 8.72346   16.45752  -4.90970  0.530 7.45879  ? 929  SER A C   1 
ATOM   106 C C   B SER A 1 13  ? 8.74648   16.44873  -4.96431  0.470 7.46433  ? 929  SER A C   1 
ATOM   107 O O   A SER A 1 13  ? 7.86095   15.64804  -5.27152  0.530 7.78519  ? 929  SER A O   1 
ATOM   108 O O   B SER A 1 13  ? 7.94678   15.62943  -5.43187  0.470 7.83277  ? 929  SER A O   1 
ATOM   109 C CB  A SER A 1 13  ? 9.32160   18.51045  -6.22800  0.530 8.56850  ? 929  SER A CB  1 
ATOM   110 C CB  B SER A 1 13  ? 9.15494   18.56368  -6.27131  0.470 8.70506  ? 929  SER A CB  1 
ATOM   111 O OG  A SER A 1 13  ? 9.26886   17.64467  -7.34662  0.530 8.66163  ? 929  SER A OG  1 
ATOM   112 O OG  B SER A 1 13  ? 10.52297  18.20945  -6.31695  0.470 8.12249  ? 929  SER A OG  1 
ATOM   113 N N   . ALA A 1 14  ? 9.87490   16.06968  -4.35998  1.000 6.81589  ? 930  ALA A N   1 
ATOM   114 C CA  . ALA A 1 14  ? 10.17601  14.64917  -4.19298  1.000 6.53491  ? 930  ALA A CA  1 
ATOM   115 C C   . ALA A 1 14  ? 9.19224   13.98235  -3.24028  1.000 6.60839  ? 930  ALA A C   1 
ATOM   116 O O   . ALA A 1 14  ? 8.73578   12.85767  -3.49236  1.000 6.49584  ? 930  ALA A O   1 
ATOM   117 C CB  . ALA A 1 14  ? 11.61414  14.47292  -3.70388  1.000 6.36566  ? 930  ALA A CB  1 
ATOM   118 N N   . ILE A 1 15  ? 8.85430   14.65875  -2.14003  1.000 6.39480  ? 931  ILE A N   1 
ATOM   119 C CA  . ILE A 1 15  ? 7.92604   14.07119  -1.17829  1.000 6.79163  ? 931  ILE A CA  1 
ATOM   120 C C   . ILE A 1 15  ? 6.57247   13.81683  -1.82144  1.000 7.72615  ? 931  ILE A C   1 
ATOM   121 O O   . ILE A 1 15  ? 5.95703   12.77019  -1.59871  1.000 7.46636  ? 931  ILE A O   1 
ATOM   122 C CB  . ILE A 1 15  ? 7.82305   14.93377  0.09394   1.000 8.86957  ? 931  ILE A CB  1 
ATOM   123 C CG1 . ILE A 1 15  ? 9.18398   15.01156  0.79707   1.000 8.61127  ? 931  ILE A CG1 1 
ATOM   124 C CG2 . ILE A 1 15  ? 6.74858   14.37537  1.02748   1.000 9.88336  ? 931  ILE A CG2 1 
ATOM   125 C CD1 . ILE A 1 15  ? 9.77553   13.65550  1.16411   1.000 7.57262  ? 931  ILE A CD1 1 
ATOM   126 N N   . GLY A 1 16  ? 6.09229   14.75635  -2.64082  1.000 7.40631  ? 932  GLY A N   1 
ATOM   127 C CA  . GLY A 1 16  ? 4.81266   14.54808  -3.30523  1.000 8.03195  ? 932  GLY A CA  1 
ATOM   128 C C   . GLY A 1 16  ? 4.80994   13.33086  -4.21191  1.000 7.50967  ? 932  GLY A C   1 
ATOM   129 O O   . GLY A 1 16  ? 3.83262   12.57603  -4.25313  1.000 7.65125  ? 932  GLY A O   1 
ATOM   130 N N   . LYS A 1 17  ? 5.90153   13.12184  -4.95046  1.000 8.91073  ? 933  LYS A N   1 
ATOM   131 C CA  . LYS A 1 17  ? 6.00289   11.94021  -5.80319  1.000 9.01031  ? 933  LYS A CA  1 
ATOM   132 C C   . LYS A 1 17  ? 6.06671   10.66746  -4.97321  1.000 8.60621  ? 933  LYS A C   1 
ATOM   133 O O   . LYS A 1 17  ? 5.45574   9.65416   -5.33142  1.000 8.63751  ? 933  LYS A O   1 
ATOM   134 C CB  . LYS A 1 17  ? 7.23825   12.04098  -6.69042  1.000 9.04802  ? 933  LYS A CB  1 
ATOM   135 C CG  . LYS A 1 17  ? 7.18886   13.17770  -7.68694  1.000 9.32685  ? 933  LYS A CG  1 
ATOM   136 C CD  . LYS A 1 17  ? 8.46005   13.22514  -8.50573  1.000 9.87509  ? 933  LYS A CD  1 
ATOM   137 C CE  . LYS A 1 17  ? 8.49080   14.45021  -9.39902  1.000 10.87727 ? 933  LYS A CE  1 
ATOM   138 N NZ  . LYS A 1 17  ? 7.41180   14.38958  -10.42034 1.000 12.45125 ? 933  LYS A NZ  1 
ATOM   139 N N   . ILE A 1 18  ? 6.81233   10.69981  -3.86763  1.000 7.42913  ? 934  ILE A N   1 
ATOM   140 C CA  . ILE A 1 18  ? 6.90641   9.53875   -2.98861  1.000 6.85614  ? 934  ILE A CA  1 
ATOM   141 C C   . ILE A 1 18  ? 5.55375   9.23464   -2.35959  1.000 7.66539  ? 934  ILE A C   1 
ATOM   142 O O   . ILE A 1 18  ? 5.17316   8.06872   -2.20134  1.000 7.81995  ? 934  ILE A O   1 
ATOM   143 C CB  . ILE A 1 18  ? 8.01814   9.76244   -1.94591  1.000 6.72182  ? 934  ILE A CB  1 
ATOM   144 C CG1 . ILE A 1 18  ? 9.37840   9.78469   -2.65013  1.000 6.82190  ? 934  ILE A CG1 1 
ATOM   145 C CG2 . ILE A 1 18  ? 7.97254   8.68954   -0.86319  1.000 7.24795  ? 934  ILE A CG2 1 
ATOM   146 C CD1 . ILE A 1 18  ? 10.49099  10.41110  -1.82973  1.000 7.12982  ? 934  ILE A CD1 1 
ATOM   147 N N   . GLN A 1 19  ? 4.80288   10.27805  -2.00557  1.000 8.13999  ? 935  GLN A N   1 
ATOM   148 C CA  . GLN A 1 19  ? 3.43984   10.09163  -1.52161  1.000 9.10942  ? 935  GLN A CA  1 
ATOM   149 C C   . GLN A 1 19  ? 2.59380   9.33579   -2.53782  1.000 9.23305  ? 935  GLN A C   1 
ATOM   150 O O   . GLN A 1 19  ? 1.90157   8.36739   -2.18901  1.000 9.45978  ? 935  GLN A O   1 
ATOM   151 C CB  . GLN A 1 19  ? 2.84052   11.46162  -1.21136  1.000 9.91226  ? 935  GLN A CB  1 
ATOM   152 C CG  . GLN A 1 19  ? 3.12554   11.92707  0.20790   1.000 11.15596 ? 935  GLN A CG  1 
ATOM   153 C CD  . GLN A 1 19  ? 2.78099   13.38622  0.43713   1.000 11.49319 ? 935  GLN A CD  1 
ATOM   154 O OE1 . GLN A 1 19  ? 3.10460   14.25961  -0.37301  1.000 11.62116 ? 935  GLN A OE1 1 
ATOM   155 N NE2 . GLN A 1 19  ? 2.04441   13.64249  1.50783   1.000 12.86380 ? 935  GLN A NE2 1 
ATOM   156 N N   . ASP A 1 20  ? 2.64504   9.75564   -3.80827  1.000 12.15660 ? 936  ASP A N   1 
ATOM   157 C CA  . ASP A 1 20  ? 1.93864   9.03186   -4.86583  1.000 12.27823 ? 936  ASP A CA  1 
ATOM   158 C C   . ASP A 1 20  ? 2.37686   7.57447   -4.92809  1.000 12.08422 ? 936  ASP A C   1 
ATOM   159 O O   . ASP A 1 20  ? 1.54364   6.67392   -5.08241  1.000 12.19236 ? 936  ASP A O   1 
ATOM   160 C CB  . ASP A 1 20  ? 2.18341   9.69738   -6.22160  1.000 12.83929 ? 936  ASP A CB  1 
ATOM   161 C CG  . ASP A 1 20  ? 1.45245   11.01330  -6.37460  1.000 15.80180 ? 936  ASP A CG  1 
ATOM   162 O OD1 . ASP A 1 20  ? 0.47652   11.24449  -5.63542  1.000 16.50034 ? 936  ASP A OD1 1 
ATOM   163 O OD2 . ASP A 1 20  ? 1.84164   11.80589  -7.25878  1.000 17.42545 ? 936  ASP A OD2 1 
ATOM   164 N N   . SER A 1 21  ? 3.68211   7.31991   -4.80895  1.000 8.30218  ? 937  SER A N   1 
ATOM   165 C CA  A SER A 1 21  ? 4.18433   5.95146   -4.90290  0.280 7.72938  ? 937  SER A CA  1 
ATOM   166 C CA  B SER A 1 21  ? 4.17421   5.95066   -4.91244  0.720 7.71261  ? 937  SER A CA  1 
ATOM   167 C C   . SER A 1 21  ? 3.67756   5.08854   -3.75774  1.000 8.32139  ? 937  SER A C   1 
ATOM   168 O O   . SER A 1 21  ? 3.40269   3.89562   -3.94241  1.000 8.22493  ? 937  SER A O   1 
ATOM   169 C CB  A SER A 1 21  ? 5.70895   5.95646   -4.90740  0.280 8.19406  ? 937  SER A CB  1 
ATOM   170 C CB  B SER A 1 21  ? 5.70278   5.94358   -4.99644  0.720 8.21063  ? 937  SER A CB  1 
ATOM   171 O OG  A SER A 1 21  ? 6.19659   6.68214   -6.01097  0.280 9.27720  ? 937  SER A OG  1 
ATOM   172 O OG  B SER A 1 21  ? 6.30185   6.15883   -3.72942  0.720 7.44275  ? 937  SER A OG  1 
ATOM   173 N N   . LEU A 1 22  ? 3.57091   5.66663   -2.55840  1.000 8.36977  ? 938  LEU A N   1 
ATOM   174 C CA  . LEU A 1 22  ? 3.07461   4.90345   -1.41767  1.000 9.05789  ? 938  LEU A CA  1 
ATOM   175 C C   . LEU A 1 22  ? 1.61093   4.52727   -1.60711  1.000 10.05560 ? 938  LEU A C   1 
ATOM   176 O O   . LEU A 1 22  ? 1.21482   3.39091   -1.31913  1.000 10.14276 ? 938  LEU A O   1 
ATOM   177 C CB  . LEU A 1 22  ? 3.27213   5.71105   -0.13714  1.000 9.98551  ? 938  LEU A CB  1 
ATOM   178 C CG  . LEU A 1 22  ? 4.73037   5.86700   0.27920   1.000 9.40261  ? 938  LEU A CG  1 
ATOM   179 C CD1 . LEU A 1 22  ? 4.84682   6.84831   1.42712   1.000 9.90185  ? 938  LEU A CD1 1 
ATOM   180 C CD2 . LEU A 1 22  ? 5.29807   4.52180   0.66495   1.000 9.70542  ? 938  LEU A CD2 1 
ATOM   181 N N   . SER A 1 23  ? 0.79478   5.46431   -2.09864  1.000 10.25135 ? 939  SER A N   1 
ATOM   182 C CA  . SER A 1 23  ? -0.60300  5.14386   -2.37489  1.000 11.11366 ? 939  SER A CA  1 
ATOM   183 C C   . SER A 1 23  ? -0.72189  4.06908   -3.44647  1.000 11.13638 ? 939  SER A C   1 
ATOM   184 O O   . SER A 1 23  ? -1.56948  3.17458   -3.34275  1.000 11.17418 ? 939  SER A O   1 
ATOM   185 C CB  . SER A 1 23  ? -1.36838  6.40301   -2.77808  1.000 11.96532 ? 939  SER A CB  1 
ATOM   186 O OG  . SER A 1 23  ? -1.27413  7.39378   -1.77063  1.000 12.68958 ? 939  SER A OG  1 
ATOM   187 N N   . SER A 1 24  ? 0.12388   4.12975   -4.47914  1.000 10.51964 ? 940  SER A N   1 
ATOM   188 C CA  . SER A 1 24  ? 0.09330   3.10660   -5.52374  1.000 10.19580 ? 940  SER A CA  1 
ATOM   189 C C   . SER A 1 24  ? 0.51310   1.74642   -4.98039  1.000 9.86609  ? 940  SER A C   1 
ATOM   190 O O   . SER A 1 24  ? -0.09717  0.72361   -5.31088  1.000 10.21011 ? 940  SER A O   1 
ATOM   191 C CB  . SER A 1 24  ? 0.98451   3.51077   -6.69818  1.000 10.20340 ? 940  SER A CB  1 
ATOM   192 O OG  . SER A 1 24  ? 0.51819   4.70478   -7.30213  1.000 11.31086 ? 940  SER A OG  1 
ATOM   193 N N   . THR A 1 25  ? 1.55314   1.71364   -4.14759  1.000 8.70205  ? 941  THR A N   1 
ATOM   194 C CA  . THR A 1 25  ? 1.99074   0.45134   -3.56242  1.000 8.24545  ? 941  THR A CA  1 
ATOM   195 C C   . THR A 1 25  ? 0.89945   -0.14711  -2.68694  1.000 10.17302 ? 941  THR A C   1 
ATOM   196 O O   . THR A 1 25  ? 0.61759   -1.34944  -2.75784  1.000 10.39485 ? 941  THR A O   1 
ATOM   197 C CB  . THR A 1 25  ? 3.26390   0.68096   -2.74563  1.000 7.89648  ? 941  THR A CB  1 
ATOM   198 O OG1 . THR A 1 25  ? 4.30218   1.17599   -3.60259  1.000 7.87149  ? 941  THR A OG1 1 
ATOM   199 C CG2 . THR A 1 25  ? 3.72540   -0.61901  -2.09900  1.000 7.77434  ? 941  THR A CG2 1 
ATOM   200 N N   . ALA A 1 26  ? 0.27113   0.68441   -1.85165  1.000 8.49681  ? 942  ALA A N   1 
ATOM   201 C CA  . ALA A 1 26  ? -0.80644  0.20218   -0.99099  1.000 8.99420  ? 942  ALA A CA  1 
ATOM   202 C C   . ALA A 1 26  ? -1.97303  -0.33756  -1.81200  1.000 9.97318  ? 942  ALA A C   1 
ATOM   203 O O   . ALA A 1 26  ? -2.56415  -1.36968  -1.46488  1.000 10.62753 ? 942  ALA A O   1 
ATOM   204 C CB  . ALA A 1 26  ? -1.27525  1.33752   -0.08085  1.000 9.77597  ? 942  ALA A CB  1 
ATOM   205 N N   . SER A 1 27  ? -2.32232  0.34785   -2.90298  1.000 10.67786 ? 943  SER A N   1 
ATOM   206 C CA  . SER A 1 27  ? -3.41806  -0.11924  -3.74953  1.000 10.93412 ? 943  SER A CA  1 
ATOM   207 C C   . SER A 1 27  ? -3.08321  -1.46174  -4.38833  1.000 10.96462 ? 943  SER A C   1 
ATOM   208 O O   . SER A 1 27  ? -3.92933  -2.36723  -4.43568  1.000 11.83328 ? 943  SER A O   1 
ATOM   209 C CB  . SER A 1 27  ? -3.72713  0.93094   -4.81604  1.000 11.34908 ? 943  SER A CB  1 
ATOM   210 O OG  . SER A 1 27  ? -4.60969  0.41770   -5.79952  1.000 12.14173 ? 943  SER A OG  1 
ATOM   211 N N   . ALA A 1 28  ? -1.84934  -1.61529  -4.87588  1.000 9.09550  ? 944  ALA A N   1 
ATOM   212 C CA  . ALA A 1 28  ? -1.44715  -2.86413  -5.51644  1.000 8.47591  ? 944  ALA A CA  1 
ATOM   213 C C   . ALA A 1 28  ? -1.42341  -4.01586  -4.52135  1.000 9.73369  ? 944  ALA A C   1 
ATOM   214 O O   . ALA A 1 28  ? -1.85367  -5.13155  -4.83899  1.000 10.08627 ? 944  ALA A O   1 
ATOM   215 C CB  . ALA A 1 28  ? -0.07229  -2.69196  -6.16188  1.000 7.81242  ? 944  ALA A CB  1 
ATOM   216 N N   . LEU A 1 29  ? -0.91042  -3.76759  -3.31412  1.000 8.70798  ? 945  LEU A N   1 
ATOM   217 C CA  . LEU A 1 29  ? -0.87358  -4.81055  -2.29598  1.000 9.36882  ? 945  LEU A CA  1 
ATOM   218 C C   . LEU A 1 29  ? -2.27847  -5.23976  -1.90187  1.000 10.57240 ? 945  LEU A C   1 
ATOM   219 O O   . LEU A 1 29  ? -2.53080  -6.43020  -1.68148  1.000 11.02849 ? 945  LEU A O   1 
ATOM   220 C CB  . LEU A 1 29  ? -0.10030  -4.31355  -1.07363  1.000 8.57923  ? 945  LEU A CB  1 
ATOM   221 C CG  . LEU A 1 29  ? 1.40587   -4.10486  -1.25882  1.000 6.97505  ? 945  LEU A CG  1 
ATOM   222 C CD1 . LEU A 1 29  ? 2.00463   -3.40842  -0.04643  1.000 6.78358  ? 945  LEU A CD1 1 
ATOM   223 C CD2 . LEU A 1 29  ? 2.10524   -5.43258  -1.52063  1.000 6.52272  ? 945  LEU A CD2 1 
ATOM   224 N N   . GLY A 1 30  ? -3.20762  -4.28594  -1.80929  1.000 10.37080 ? 946  GLY A N   1 
ATOM   225 C CA  . GLY A 1 30  ? -4.58219  -4.63445  -1.48322  1.000 11.17185 ? 946  GLY A CA  1 
ATOM   226 C C   . GLY A 1 30  ? -5.23658  -5.49617  -2.54774  1.000 11.61545 ? 946  GLY A C   1 
ATOM   227 O O   . GLY A 1 30  ? -5.95816  -6.44663  -2.23418  1.000 12.44154 ? 946  GLY A O   1 
ATOM   228 N N   . LYS A 1 31  ? -4.99236  -5.17871  -3.81976  1.000 12.79373 ? 947  LYS A N   1 
ATOM   229 C CA  . LYS A 1 31  ? -5.56145  -5.98832  -4.89660  1.000 12.61956 ? 947  LYS A CA  1 
ATOM   230 C C   . LYS A 1 31  ? -4.95913  -7.38900  -4.91991  1.000 13.14985 ? 947  LYS A C   1 
ATOM   231 O O   . LYS A 1 31  ? -5.67049  -8.37126  -5.16376  1.000 13.86542 ? 947  LYS A O   1 
ATOM   232 C CB  . LYS A 1 31  ? -5.37894  -5.28209  -6.23701  1.000 11.68958 ? 947  LYS A CB  1 
ATOM   233 C CG  . LYS A 1 31  ? -6.20396  -4.01231  -6.37896  1.000 11.90751 ? 947  LYS A CG  1 
ATOM   234 C CD  . LYS A 1 31  ? -5.88984  -3.28733  -7.66994  1.000 12.65458 ? 947  LYS A CD  1 
ATOM   235 C CE  . LYS A 1 31  ? -6.71371  -2.01442  -7.78538  1.000 14.31987 ? 947  LYS A CE  1 
ATOM   236 N NZ  . LYS A 1 31  ? -6.39457  -1.26214  -9.02673  1.000 15.25448 ? 947  LYS A NZ  1 
ATOM   237 N N   . LEU A 1 32  ? -3.65235  -7.50541  -4.66833  1.000 10.67976 ? 948  LEU A N   1 
ATOM   238 C CA  . LEU A 1 32  ? -3.03721  -8.82759  -4.58746  1.000 10.71991 ? 948  LEU A CA  1 
ATOM   239 C C   . LEU A 1 32  ? -3.58896  -9.61604  -3.40636  1.000 12.77953 ? 948  LEU A C   1 
ATOM   240 O O   . LEU A 1 32  ? -3.88222  -10.81036 -3.53199  1.000 13.88264 ? 948  LEU A O   1 
ATOM   241 C CB  . LEU A 1 32  ? -1.51886  -8.68682  -4.47829  1.000 9.68211  ? 948  LEU A CB  1 
ATOM   242 C CG  . LEU A 1 32  ? -0.76222  -8.33688  -5.76189  1.000 7.44435  ? 948  LEU A CG  1 
ATOM   243 C CD1 . LEU A 1 32  ? 0.66843   -7.92448  -5.43080  1.000 6.62054  ? 948  LEU A CD1 1 
ATOM   244 C CD2 . LEU A 1 32  ? -0.76661  -9.50651  -6.73985  1.000 7.43072  ? 948  LEU A CD2 1 
ATOM   245 N N   . GLN A 1 33  ? -3.73993  -8.96681  -2.25139  1.000 12.22662 ? 949  GLN A N   1 
ATOM   246 C CA  . GLN A 1 33  ? -4.30265  -9.65593  -1.09095  1.000 12.80706 ? 949  GLN A CA  1 
ATOM   247 C C   . GLN A 1 33  ? -5.70305  -10.16073 -1.39473  1.000 13.91057 ? 949  GLN A C   1 
ATOM   248 O O   . GLN A 1 33  ? -6.06409  -11.29022 -1.01705  1.000 14.29320 ? 949  GLN A O   1 
ATOM   249 C CB  . GLN A 1 33  ? -4.31976  -8.69923  0.10235   1.000 12.11961 ? 949  GLN A CB  1 
ATOM   250 C CG  . GLN A 1 33  ? -4.92690  -9.27371  1.36952   1.000 12.91053 ? 949  GLN A CG  1 
ATOM   251 C CD  . GLN A 1 33  ? -5.03897  -8.23517  2.44955   1.000 12.03175 ? 949  GLN A CD  1 
ATOM   252 O OE1 . GLN A 1 33  ? -4.47756  -8.36620  3.53416   1.000 12.58226 ? 949  GLN A OE1 1 
ATOM   253 N NE2 . GLN A 1 33  ? -5.77500  -7.18716  2.15206   1.000 12.83755 ? 949  GLN A NE2 1 
ATOM   254 N N   A ASP A 1 34  ? -6.51092  -9.36482  -2.09041  0.540 15.90080 ? 950  ASP A N   1 
ATOM   255 N N   B ASP A 1 34  ? -6.50571  -9.35272  -2.08448  0.460 15.90354 ? 950  ASP A N   1 
ATOM   256 C CA  A ASP A 1 34  ? -7.87951  -9.77457  -2.38523  0.540 16.74146 ? 950  ASP A CA  1 
ATOM   257 C CA  B ASP A 1 34  ? -7.87281  -9.73383  -2.41650  0.460 16.72296 ? 950  ASP A CA  1 
ATOM   258 C C   A ASP A 1 34  ? -7.91012  -10.98957 -3.31020  0.540 17.28541 ? 950  ASP A C   1 
ATOM   259 C C   B ASP A 1 34  ? -7.89863  -10.97622 -3.30390  0.460 17.28197 ? 950  ASP A C   1 
ATOM   260 O O   A ASP A 1 34  ? -8.63233  -11.95834 -3.05096  0.540 17.63107 ? 950  ASP A O   1 
ATOM   261 O O   B ASP A 1 34  ? -8.60404  -11.94779 -3.01224  0.460 17.63906 ? 950  ASP A O   1 
ATOM   262 C CB  A ASP A 1 34  ? -8.66456  -8.60604  -2.97804  0.540 16.41344 ? 950  ASP A CB  1 
ATOM   263 C CB  B ASP A 1 34  ? -8.56442  -8.56045  -3.10788  0.460 16.36256 ? 950  ASP A CB  1 
ATOM   264 C CG  A ASP A 1 34  ? -9.06974  -7.58746  -1.92846  0.540 17.24642 ? 950  ASP A CG  1 
ATOM   265 C CG  B ASP A 1 34  ? -10.01696 -8.83330  -3.41578  0.460 17.60082 ? 950  ASP A CG  1 
ATOM   266 O OD1 A ASP A 1 34  ? -8.99365  -7.91024  -0.72244  0.540 18.67433 ? 950  ASP A OD1 1 
ATOM   267 O OD1 B ASP A 1 34  ? -10.64044 -9.63329  -2.68859  0.460 19.16366 ? 950  ASP A OD1 1 
ATOM   268 O OD2 A ASP A 1 34  ? -9.45609  -6.46264  -2.30879  0.540 18.28280 ? 950  ASP A OD2 1 
ATOM   269 O OD2 B ASP A 1 34  ? -10.53583 -8.24026  -4.38605  0.460 18.13154 ? 950  ASP A OD2 1 
ATOM   270 N N   . VAL A 1 35  ? -7.11936  -10.96001 -4.38676  1.000 11.44903 ? 951  VAL A N   1 
ATOM   271 C CA  . VAL A 1 35  ? -7.15775  -12.06204 -5.35108  1.000 11.50062 ? 951  VAL A CA  1 
ATOM   272 C C   . VAL A 1 35  ? -6.53994  -13.32797 -4.76973  1.000 12.73395 ? 951  VAL A C   1 
ATOM   273 O O   . VAL A 1 35  ? -7.04236  -14.43669 -4.99421  1.000 13.28657 ? 951  VAL A O   1 
ATOM   274 C CB  . VAL A 1 35  ? -6.51289  -11.64468 -6.68528  1.000 10.48075 ? 951  VAL A CB  1 
ATOM   275 C CG1 . VAL A 1 35  ? -6.42054  -12.83190 -7.63303  1.000 10.80954 ? 951  VAL A CG1 1 
ATOM   276 C CG2 . VAL A 1 35  ? -7.31598  -10.52080 -7.32180  1.000 10.91280 ? 951  VAL A CG2 1 
ATOM   277 N N   . VAL A 1 36  ? -5.44375  -13.19392 -4.02112  1.000 12.55010 ? 952  VAL A N   1 
ATOM   278 C CA  . VAL A 1 36  ? -4.84661  -14.36418 -3.38452  1.000 12.48569 ? 952  VAL A CA  1 
ATOM   279 C C   . VAL A 1 36  ? -5.85836  -15.05451 -2.48079  1.000 13.06866 ? 952  VAL A C   1 
ATOM   280 O O   . VAL A 1 36  ? -6.00680  -16.28272 -2.51274  1.000 13.65202 ? 952  VAL A O   1 
ATOM   281 C CB  . VAL A 1 36  ? -3.55565  -13.97842 -2.63666  1.000 10.93646 ? 952  VAL A CB  1 
ATOM   282 C CG1 . VAL A 1 36  ? -3.11766  -15.09608 -1.70220  1.000 10.44837 ? 952  VAL A CG1 1 
ATOM   283 C CG2 . VAL A 1 36  ? -2.44935  -13.67178 -3.63579  1.000 9.83643  ? 952  VAL A CG2 1 
ATOM   284 N N   . ASN A 1 37  ? -6.59093  -14.27579 -1.68222  1.000 13.49368 ? 953  ASN A N   1 
ATOM   285 C CA  . ASN A 1 37  ? -7.56295  -14.87014 -0.77184  1.000 13.73335 ? 953  ASN A CA  1 
ATOM   286 C C   . ASN A 1 37  ? -8.76987  -15.42994 -1.51567  1.000 14.79539 ? 953  ASN A C   1 
ATOM   287 O O   . ASN A 1 37  ? -9.31095  -16.46993 -1.12318  1.000 15.14401 ? 953  ASN A O   1 
ATOM   288 C CB  . ASN A 1 37  ? -7.98777  -13.86179 0.29368   1.000 13.15272 ? 953  ASN A CB  1 
ATOM   289 C CG  . ASN A 1 37  ? -6.89034  -13.58514 1.28769   1.000 12.88838 ? 953  ASN A CG  1 
ATOM   290 O OD1 . ASN A 1 37  ? -5.99207  -14.40388 1.46933   1.000 12.47083 ? 953  ASN A OD1 1 
ATOM   291 N ND2 . ASN A 1 37  ? -6.97267  -12.44474 1.96937   1.000 12.55695 ? 953  ASN A ND2 1 
ATOM   292 N N   . GLN A 1 38  ? -9.21630  -14.75531 -2.58145  1.000 19.98507 ? 954  GLN A N   1 
ATOM   293 C CA  . GLN A 1 38  ? -10.31099 -15.30344 -3.38199  1.000 20.43002 ? 954  GLN A CA  1 
ATOM   294 C C   . GLN A 1 38  ? -9.91621  -16.63857 -3.99648  1.000 21.55491 ? 954  GLN A C   1 
ATOM   295 O O   . GLN A 1 38  ? -10.71883 -17.58090 -4.03051  1.000 21.67699 ? 954  GLN A O   1 
ATOM   296 C CB  . GLN A 1 38  ? -10.71727 -14.32035 -4.47806  1.000 20.42900 ? 954  GLN A CB  1 
ATOM   297 C CG  . GLN A 1 38  ? -11.41661 -13.07217 -3.96842  1.000 20.93240 ? 954  GLN A CG  1 
ATOM   298 C CD  . GLN A 1 38  ? -11.60518 -12.02632 -5.05136  1.000 22.82494 ? 954  GLN A CD  1 
ATOM   299 O OE1 . GLN A 1 38  ? -11.21573 -12.22772 -6.20147  1.000 22.24596 ? 954  GLN A OE1 1 
ATOM   300 N NE2 . GLN A 1 38  ? -12.18824 -10.89131 -4.68149  1.000 23.02659 ? 954  GLN A NE2 1 
ATOM   301 N N   . ASN A 1 39  ? -8.67471  -16.74602 -4.47124  1.000 14.77498 ? 955  ASN A N   1 
ATOM   302 C CA  . ASN A 1 39  ? -8.24722  -17.98737 -5.10636  1.000 14.97739 ? 955  ASN A CA  1 
ATOM   303 C C   . ASN A 1 39  ? -7.95500  -19.07752 -4.08710  1.000 15.94564 ? 955  ASN A C   1 
ATOM   304 O O   . ASN A 1 39  ? -8.06573  -20.26657 -4.40531  1.000 16.30569 ? 955  ASN A O   1 
ATOM   305 C CB  . ASN A 1 39  ? -7.05813  -17.74249 -6.03687  1.000 14.97020 ? 955  ASN A CB  1 
ATOM   306 C CG  . ASN A 1 39  ? -7.42094  -16.84918 -7.20205  1.000 14.18180 ? 955  ASN A CG  1 
ATOM   307 O OD1 . ASN A 1 39  ? -8.60174  -16.67996 -7.51671  1.000 15.56087 ? 955  ASN A OD1 1 
ATOM   308 N ND2 . ASN A 1 39  ? -6.41695  -16.33471 -7.89374  1.000 13.31399 ? 955  ASN A ND2 1 
ATOM   309 N N   . ALA A 1 40  ? -7.57832  -18.69908 -2.86703  1.000 13.23453 ? 956  ALA A N   1 
ATOM   310 C CA  . ALA A 1 40  ? -7.49252  -19.68150 -1.79349  1.000 13.75100 ? 956  ALA A CA  1 
ATOM   311 C C   . ALA A 1 40  ? -8.86631  -20.25731 -1.48408  1.000 14.88044 ? 956  ALA A C   1 
ATOM   312 O O   . ALA A 1 40  ? -9.01024  -21.47011 -1.28999  1.000 15.39604 ? 956  ALA A O   1 
ATOM   313 C CB  . ALA A 1 40  ? -6.89328  -19.03457 -0.54772  1.000 13.63182 ? 956  ALA A CB  1 
ATOM   314 N N   . GLN A 1 41  ? -9.88710  -19.39735 -1.43878  1.000 18.30501 ? 957  GLN A N   1 
ATOM   315 C CA  . GLN A 1 41  ? -11.24949 -19.86786 -1.20790  1.000 19.27603 ? 957  GLN A CA  1 
ATOM   316 C C   . GLN A 1 41  ? -11.71425 -20.77992 -2.33485  1.000 20.08983 ? 957  GLN A C   1 
ATOM   317 O O   . GLN A 1 41  ? -12.35609 -21.80893 -2.08642  1.000 20.39433 ? 957  GLN A O   1 
ATOM   318 C CB  . GLN A 1 41  ? -12.19183 -18.67230 -1.04824  1.000 19.06058 ? 957  GLN A CB  1 
ATOM   319 C CG  . GLN A 1 41  ? -13.66884 -19.04155 -0.98656  1.000 21.05015 ? 957  GLN A CG  1 
ATOM   320 C CD  . GLN A 1 41  ? -13.96656 -20.07661 0.08209   1.000 25.25408 ? 957  GLN A CD  1 
ATOM   321 O OE1 . GLN A 1 41  ? -14.45945 -21.16724 -0.21000  1.000 27.01124 ? 957  GLN A OE1 1 
ATOM   322 N NE2 . GLN A 1 41  ? -13.66802 -19.73898 1.33068   1.000 24.76602 ? 957  GLN A NE2 1 
ATOM   323 N N   . ALA A 1 42  ? -11.39018 -20.42542 -3.58228  1.000 15.39580 ? 958  ALA A N   1 
ATOM   324 C CA  . ALA A 1 42  ? -11.78015 -21.26191 -4.71436  1.000 15.66654 ? 958  ALA A CA  1 
ATOM   325 C C   . ALA A 1 42  ? -11.15328 -22.64564 -4.62015  1.000 15.59118 ? 958  ALA A C   1 
ATOM   326 O O   . ALA A 1 42  ? -11.82707 -23.65838 -4.84426  1.000 16.34700 ? 958  ALA A O   1 
ATOM   327 C CB  . ALA A 1 42  ? -11.39573 -20.58162 -6.02722  1.000 15.00242 ? 958  ALA A CB  1 
ATOM   328 N N   . LEU A 1 43  ? -9.86641  -22.71286 -4.27302  1.000 15.31019 ? 959  LEU A N   1 
ATOM   329 C CA  . LEU A 1 43  ? -9.20154  -24.00654 -4.15011  1.000 15.33029 ? 959  LEU A CA  1 
ATOM   330 C C   . LEU A 1 43  ? -9.79640  -24.82647 -3.01332  1.000 16.28251 ? 959  LEU A C   1 
ATOM   331 O O   . LEU A 1 43  ? -10.03450 -26.03010 -3.16649  1.000 16.84246 ? 959  LEU A O   1 
ATOM   332 C CB  . LEU A 1 43  ? -7.69778  -23.80360 -3.95518  1.000 14.40944 ? 959  LEU A CB  1 
ATOM   333 C CG  . LEU A 1 43  ? -6.84605  -25.06992 -3.84195  1.000 14.46139 ? 959  LEU A CG  1 
ATOM   334 C CD1 . LEU A 1 43  ? -7.03182  -25.94367 -5.07009  1.000 14.72724 ? 959  LEU A CD1 1 
ATOM   335 C CD2 . LEU A 1 43  ? -5.38084  -24.70209 -3.67713  1.000 13.65194 ? 959  LEU A CD2 1 
ATOM   336 N N   . ASN A 1 44  ? -10.05231 -24.19283 -1.86809  1.000 17.89256 ? 960  ASN A N   1 
ATOM   337 C CA  . ASN A 1 44  ? -10.64730 -24.91521 -0.74842  1.000 18.63286 ? 960  ASN A CA  1 
ATOM   338 C C   . ASN A 1 44  ? -12.05845 -25.38211 -1.07563  1.000 19.49357 ? 960  ASN A C   1 
ATOM   339 O O   . ASN A 1 44  ? -12.47322 -26.46633 -0.64831  1.000 19.63236 ? 960  ASN A O   1 
ATOM   340 C CB  . ASN A 1 44  ? -10.62892 -24.04754 0.50943   1.000 17.96925 ? 960  ASN A CB  1 
ATOM   341 C CG  . ASN A 1 44  ? -9.23265  -23.85808 1.05915   1.000 17.59732 ? 960  ASN A CG  1 
ATOM   342 O OD1 . ASN A 1 44  ? -8.40119  -24.76470 0.99548   1.000 17.90333 ? 960  ASN A OD1 1 
ATOM   343 N ND2 . ASN A 1 44  ? -8.96748  -22.68134 1.61503   1.000 17.23756 ? 960  ASN A ND2 1 
ATOM   344 N N   . THR A 1 45  ? -12.81117 -24.58271 -1.83324  1.000 18.65578 ? 961  THR A N   1 
ATOM   345 C CA  . THR A 1 45  ? -14.13794 -25.01417 -2.26224  1.000 19.57089 ? 961  THR A CA  1 
ATOM   346 C C   . THR A 1 45  ? -14.05012 -26.19258 -3.22467  1.000 19.80716 ? 961  THR A C   1 
ATOM   347 O O   . THR A 1 45  ? -14.90084 -27.09058 -3.18527  1.000 20.62506 ? 961  THR A O   1 
ATOM   348 C CB  . THR A 1 45  ? -14.89403 -23.84015 -2.88821  1.000 19.68040 ? 961  THR A CB  1 
ATOM   349 O OG1 . THR A 1 45  ? -15.05787 -22.80404 -1.91062  1.000 19.84805 ? 961  THR A OG1 1 
ATOM   350 C CG2 . THR A 1 45  ? -16.27292 -24.27441 -3.37795  1.000 20.92221 ? 961  THR A CG2 1 
ATOM   351 N N   . LEU A 1 46  ? -13.02223 -26.22074 -4.07430  1.000 18.25704 ? 962  LEU A N   1 
ATOM   352 C CA  . LEU A 1 46  ? -12.84251 -27.34624 -4.98600  1.000 18.32572 ? 962  LEU A CA  1 
ATOM   353 C C   . LEU A 1 46  ? -12.57568 -28.63391 -4.21841  1.000 18.80103 ? 962  LEU A C   1 
ATOM   354 O O   . LEU A 1 46  ? -13.19530 -29.67108 -4.48872  1.000 19.61700 ? 962  LEU A O   1 
ATOM   355 C CB  . LEU A 1 46  ? -11.71522 -27.04421 -5.97681  1.000 17.22226 ? 962  LEU A CB  1 
ATOM   356 C CG  . LEU A 1 46  ? -11.36252 -28.16880 -6.95192  1.000 17.28798 ? 962  LEU A CG  1 
ATOM   357 C CD1 . LEU A 1 46  ? -12.58426 -28.59201 -7.75980  1.000 18.22658 ? 962  LEU A CD1 1 
ATOM   358 C CD2 . LEU A 1 46  ? -10.24029 -27.71533 -7.86939  1.000 16.30223 ? 962  LEU A CD2 1 
ATOM   359 N N   . VAL A 1 47  ? -11.65775 -28.58612 -3.25088  1.000 18.39258 ? 963  VAL A N   1 
ATOM   360 C CA  . VAL A 1 47  ? -11.38311 -29.76279 -2.42977  1.000 18.97519 ? 963  VAL A CA  1 
ATOM   361 C C   . VAL A 1 47  ? -12.65148 -30.23827 -1.73222  1.000 20.29934 ? 963  VAL A C   1 
ATOM   362 O O   . VAL A 1 47  ? -12.94882 -31.43937 -1.70294  1.000 21.07626 ? 963  VAL A O   1 
ATOM   363 C CB  . VAL A 1 47  ? -10.25203 -29.47323 -1.42765  1.000 18.47708 ? 963  VAL A CB  1 
ATOM   364 C CG1 . VAL A 1 47  ? -10.06957 -30.65006 -0.47260  1.000 19.31314 ? 963  VAL A CG1 1 
ATOM   365 C CG2 . VAL A 1 47  ? -8.95463  -29.16886 -2.15785  1.000 17.31826 ? 963  VAL A CG2 1 
ATOM   366 N N   . LYS A 1 48  ? -13.42512 -29.30803 -1.17121  1.000 22.41510 ? 964  LYS A N   1 
ATOM   367 C CA  . LYS A 1 48  ? -14.63827 -29.70133 -0.46140  1.000 23.73564 ? 964  LYS A CA  1 
ATOM   368 C C   . LYS A 1 48  ? -15.65881 -30.31677 -1.41223  1.000 24.08455 ? 964  LYS A C   1 
ATOM   369 O O   . LYS A 1 48  ? -16.25049 -31.36029 -1.11421  1.000 25.15089 ? 964  LYS A O   1 
ATOM   370 C CB  . LYS A 1 48  ? -15.23454 -28.50065 0.26943   1.000 24.46801 ? 964  LYS A CB  1 
ATOM   371 C CG  . LYS A 1 48  ? -16.50986 -28.81929 1.02992   1.000 26.80114 ? 964  LYS A CG  1 
ATOM   372 C CD  . LYS A 1 48  ? -17.09450 -27.55269 1.61669   1.000 28.16895 ? 964  LYS A CD  1 
ATOM   373 C CE  . LYS A 1 48  ? -17.72167 -26.72055 0.49864   1.000 27.60002 ? 964  LYS A CE  1 
ATOM   374 N NZ  . LYS A 1 48  ? -18.45223 -25.53518 0.99704   1.000 30.89544 ? 964  LYS A NZ  1 
ATOM   375 N N   . GLN A 1 49  ? -15.87571 -29.68548 -2.56962  1.000 27.29012 ? 965  GLN A N   1 
ATOM   376 C CA  . GLN A 1 49  ? -16.87458 -30.18663 -3.50695  1.000 28.21242 ? 965  GLN A CA  1 
ATOM   377 C C   . GLN A 1 49  ? -16.48876 -31.52772 -4.11994  1.000 28.51792 ? 965  GLN A C   1 
ATOM   378 O O   . GLN A 1 49  ? -17.37683 -32.27927 -4.53727  1.000 29.71223 ? 965  GLN A O   1 
ATOM   379 C CB  . GLN A 1 49  ? -17.16640 -29.15201 -4.59161  1.000 28.25346 ? 965  GLN A CB  1 
ATOM   380 C CG  . GLN A 1 49  ? -17.85721 -27.90990 -4.06849  1.000 29.20128 ? 965  GLN A CG  1 
ATOM   381 C CD  . GLN A 1 49  ? -19.15903 -28.23447 -3.36820  1.000 31.90029 ? 965  GLN A CD  1 
ATOM   382 O OE1 . GLN A 1 49  ? -19.26428 -28.12103 -2.14726  1.000 33.39613 ? 965  GLN A OE1 1 
ATOM   383 N NE2 . GLN A 1 49  ? -20.15830 -28.64694 -4.13933  1.000 33.60181 ? 965  GLN A NE2 1 
ATOM   384 N N   . LEU A 1 50  ? -15.19624 -31.84832 -4.18264  1.000 22.17290 ? 966  LEU A N   1 
ATOM   385 C CA  . LEU A 1 50  ? -14.78253 -33.16947 -4.63975  1.000 22.34185 ? 966  LEU A CA  1 
ATOM   386 C C   . LEU A 1 50  ? -15.02812 -34.24603 -3.59600  1.000 23.34057 ? 966  LEU A C   1 
ATOM   387 O O   . LEU A 1 50  ? -15.06774 -35.43154 -3.94422  1.000 23.87703 ? 966  LEU A O   1 
ATOM   388 C CB  . LEU A 1 50  ? -13.29919 -33.16482 -5.01221  1.000 21.16573 ? 966  LEU A CB  1 
ATOM   389 C CG  . LEU A 1 50  ? -12.92519 -32.38486 -6.27067  1.000 20.28436 ? 966  LEU A CG  1 
ATOM   390 C CD1 . LEU A 1 50  ? -11.41720 -32.23983 -6.37363  1.000 19.20785 ? 966  LEU A CD1 1 
ATOM   391 C CD2 . LEU A 1 50  ? -13.48599 -33.07106 -7.50635  1.000 20.83436 ? 966  LEU A CD2 1 
ATOM   392 N N   . LEU A 1 51  ? -15.19677 -33.86209 -2.33198  1.000 23.69401 ? 967  LEU A N   1 
ATOM   393 C CA  . LEU A 1 51  ? -15.31119 -34.80879 -1.23189  1.000 24.68800 ? 967  LEU A CA  1 
ATOM   394 C C   . LEU A 1 51  ? -16.73025 -34.99300 -0.71710  1.000 26.14554 ? 967  LEU A C   1 
ATOM   395 O O   . LEU A 1 51  ? -17.05429 -36.07654 -0.23291  1.000 27.20098 ? 967  LEU A O   1 
ATOM   396 C CB  . LEU A 1 51  ? -14.41932 -34.36764 -0.06598  1.000 24.29242 ? 967  LEU A CB  1 
ATOM   397 C CG  . LEU A 1 51  ? -12.90637 -34.43435 -0.28316  1.000 23.15876 ? 967  LEU A CG  1 
ATOM   398 C CD1 . LEU A 1 51  ? -12.17710 -33.76606 0.86946   1.000 22.86282 ? 967  LEU A CD1 1 
ATOM   399 C CD2 . LEU A 1 51  ? -12.45852 -35.87744 -0.43943  1.000 23.60812 ? 967  LEU A CD2 1 
ATOM   400 N N   . VAL A 1 52  ? -17.57754 -33.97328 -0.80134  1.000 27.85902 ? 968  VAL A N   1 
ATOM   401 C CA  . VAL A 1 52  ? -18.92972 -34.04346 -0.24688  1.000 30.65257 ? 968  VAL A CA  1 
ATOM   402 C C   . VAL A 1 52  ? -19.78562 -34.95783 -1.11905  1.000 31.98771 ? 968  VAL A C   1 
ATOM   403 O O   . VAL A 1 52  ? -19.52240 -35.07886 -2.32386  1.000 31.19970 ? 968  VAL A O   1 
ATOM   404 C CB  . VAL A 1 52  ? -19.54249 -32.64069 -0.09011  1.000 31.48979 ? 968  VAL A CB  1 
ATOM   405 C CG1 . VAL A 1 52  ? -18.75169 -31.82153 0.92521   1.000 31.45274 ? 968  VAL A CG1 1 
ATOM   406 C CG2 . VAL A 1 52  ? -19.60663 -31.92952 -1.43212  1.000 30.73152 ? 968  VAL A CG2 1 
ATOM   407 N N   . PRO A 1 53  ? -20.79919 -35.62875 -0.56190  1.000 34.06482 ? 969  PRO A N   1 
ATOM   408 C CA  . PRO A 1 53  ? -21.66716 -36.47544 -1.39264  1.000 36.96514 ? 969  PRO A CA  1 
ATOM   409 C C   . PRO A 1 53  ? -22.40653 -35.60090 -2.39376  1.000 38.99798 ? 969  PRO A C   1 
ATOM   410 O O   . PRO A 1 53  ? -22.56099 -34.39688 -2.17953  1.000 37.83911 ? 969  PRO A O   1 
ATOM   411 C CB  . PRO A 1 53  ? -22.62148 -37.11044 -0.37383  1.000 37.25779 ? 969  PRO A CB  1 
ATOM   412 C CG  . PRO A 1 53  ? -22.62832 -36.14697 0.77719   1.000 37.87996 ? 969  PRO A CG  1 
ATOM   413 C CD  . PRO A 1 53  ? -21.24897 -35.56786 0.83942   1.000 35.99327 ? 969  PRO A CD  1 
ATOM   414 N N   . ARG A 1 54  ? -22.84384 -36.20709 -3.50063  1.000 69.15366 ? 970  ARG A N   1 
ATOM   415 C CA  . ARG A 1 54  ? -23.16071 -35.43825 -4.71735  1.000 68.78951 ? 970  ARG A CA  1 
ATOM   416 C C   . ARG A 1 54  ? -23.93571 -34.15924 -4.45071  1.000 70.32082 ? 970  ARG A C   1 
ATOM   417 O O   . ARG A 1 54  ? -24.40884 -33.51470 -5.38596  1.000 72.18074 ? 970  ARG A O   1 
ATOM   418 C CB  . ARG A 1 54  ? -23.99292 -36.23514 -5.71944  1.000 71.32057 ? 970  ARG A CB  1 
ATOM   419 N N   . ILE A 1 79  ? -7.12897  -36.50290 -0.58834  1.000 36.59739 ? 1169 ILE A N   1 
ATOM   420 C CA  . ILE A 1 79  ? -7.03144  -35.06771 -0.82150  1.000 34.59620 ? 1169 ILE A CA  1 
ATOM   421 C C   . ILE A 1 79  ? -7.53052  -34.29792 0.39417   1.000 35.05586 ? 1169 ILE A C   1 
ATOM   422 O O   . ILE A 1 79  ? -7.60539  -33.06596 0.37668   1.000 33.82446 ? 1169 ILE A O   1 
ATOM   423 C CB  . ILE A 1 79  ? -7.78353  -34.65473 -2.10395  1.000 33.72511 ? 1169 ILE A CB  1 
ATOM   424 C CG1 . ILE A 1 79  ? -9.28933  -34.83369 -1.92500  1.000 35.16545 ? 1169 ILE A CG1 1 
ATOM   425 C CG2 . ILE A 1 79  ? -7.31213  -35.48002 -3.28615  1.000 34.85324 ? 1169 ILE A CG2 1 
ATOM   426 C CD1 . ILE A 1 79  ? -10.11341 -34.20803 -3.03396  1.000 35.81842 ? 1169 ILE A CD1 1 
ATOM   427 N N   . SER A 1 80  ? -7.86136  -35.03734 1.45742   1.000 37.68102 ? 1170 SER A N   1 
ATOM   428 C CA  . SER A 1 80  ? -8.46626  -34.42103 2.63409   1.000 37.89085 ? 1170 SER A CA  1 
ATOM   429 C C   . SER A 1 80  ? -7.52772  -33.43470 3.32025   1.000 37.85842 ? 1170 SER A C   1 
ATOM   430 O O   . SER A 1 80  ? -7.98871  -32.43599 3.88263   1.000 38.58951 ? 1170 SER A O   1 
ATOM   431 C CB  . SER A 1 80  ? -8.90588  -35.50001 3.62334   1.000 40.75688 ? 1170 SER A CB  1 
ATOM   432 O OG  . SER A 1 80  ? -7.78415  -36.04985 4.30072   1.000 42.71660 ? 1170 SER A OG  1 
ATOM   433 N N   . GLY A 1 81  ? -6.22216  -33.68861 3.29034   1.000 38.52773 ? 1171 GLY A N   1 
ATOM   434 C CA  . GLY A 1 81  ? -5.28277  -32.83057 3.97970   1.000 37.61358 ? 1171 GLY A CA  1 
ATOM   435 C C   . GLY A 1 81  ? -4.84607  -31.58971 3.23624   1.000 36.61266 ? 1171 GLY A C   1 
ATOM   436 O O   . GLY A 1 81  ? -3.90891  -30.91871 3.67583   1.000 36.90301 ? 1171 GLY A O   1 
ATOM   437 N N   . ILE A 1 82  ? -5.49831  -31.25210 2.12913   1.000 26.59105 ? 1172 ILE A N   1 
ATOM   438 C CA  . ILE A 1 82  ? -5.07973  -30.13624 1.28701   1.000 24.52059 ? 1172 ILE A CA  1 
ATOM   439 C C   . ILE A 1 82  ? -5.86197  -28.89075 1.67945   1.000 25.73435 ? 1172 ILE A C   1 
ATOM   440 O O   . ILE A 1 82  ? -7.09824  -28.89186 1.67633   1.000 25.83238 ? 1172 ILE A O   1 
ATOM   441 C CB  . ILE A 1 82  ? -5.27630  -30.47383 -0.19784  1.000 24.40279 ? 1172 ILE A CB  1 
ATOM   442 C CG1 . ILE A 1 82  ? -4.43360  -31.69423 -0.56436  1.000 25.19272 ? 1172 ILE A CG1 1 
ATOM   443 C CG2 . ILE A 1 82  ? -4.90159  -29.28355 -1.06800  1.000 24.19676 ? 1172 ILE A CG2 1 
ATOM   444 C CD1 . ILE A 1 82  ? -4.77297  -32.28370 -1.90596  1.000 26.06590 ? 1172 ILE A CD1 1 
ATOM   445 N N   . ASN A 1 83  ? -5.14068  -27.81976 2.00168   1.000 29.98467 ? 1173 ASN A N   1 
ATOM   446 C CA  . ASN A 1 83  ? -5.75091  -26.60539 2.52824   1.000 30.20380 ? 1173 ASN A CA  1 
ATOM   447 C C   . ASN A 1 83  ? -4.98004  -25.41243 1.99141   1.000 29.11562 ? 1173 ASN A C   1 
ATOM   448 O O   . ASN A 1 83  ? -3.76041  -25.33254 2.16640   1.000 29.15584 ? 1173 ASN A O   1 
ATOM   449 C CB  . ASN A 1 83  ? -5.70214  -26.61402 4.05925   1.000 31.50910 ? 1173 ASN A CB  1 
ATOM   450 C CG  . ASN A 1 83  ? -6.58783  -25.55392 4.67920   1.000 32.48075 ? 1173 ASN A CG  1 
ATOM   451 O OD1 . ASN A 1 83  ? -7.37198  -24.90281 3.99237   1.000 34.38764 ? 1173 ASN A OD1 1 
ATOM   452 N ND2 . ASN A 1 83  ? -6.45744  -25.36911 5.98767   1.000 35.30898 ? 1173 ASN A ND2 1 
ATOM   453 N N   . ALA A 1 84  ? -5.68527  -24.49084 1.33864   1.000 18.82150 ? 1174 ALA A N   1 
ATOM   454 C CA  . ALA A 1 84  ? -5.06082  -23.26623 0.86253   1.000 17.99034 ? 1174 ALA A CA  1 
ATOM   455 C C   . ALA A 1 84  ? -5.03864  -22.23289 1.97924   1.000 17.63741 ? 1174 ALA A C   1 
ATOM   456 O O   . ALA A 1 84  ? -6.00255  -22.09193 2.73681   1.000 18.47321 ? 1174 ALA A O   1 
ATOM   457 C CB  . ALA A 1 84  ? -5.82313  -22.70874 -0.33886  1.000 19.32826 ? 1174 ALA A CB  1 
ATOM   458 N N   . SER A 1 85  ? -3.92956  -21.50942 2.07360   1.000 20.62340 ? 1175 SER A N   1 
ATOM   459 C CA  . SER A 1 85  ? -3.73029  -20.50376 3.10512   1.000 20.68856 ? 1175 SER A CA  1 
ATOM   460 C C   . SER A 1 85  ? -4.26607  -19.14842 2.65048   1.000 20.76041 ? 1175 SER A C   1 
ATOM   461 O O   . SER A 1 85  ? -4.37213  -18.85854 1.45741   1.000 20.68671 ? 1175 SER A O   1 
ATOM   462 C CB  . SER A 1 85  ? -2.24095  -20.37718 3.42939   1.000 21.09533 ? 1175 SER A CB  1 
ATOM   463 O OG  . SER A 1 85  ? -1.73045  -21.57258 3.99507   1.000 23.09502 ? 1175 SER A OG  1 
ATOM   464 N N   . VAL A 1 86  ? -4.59623  -18.31113 3.62831   1.000 19.02143 ? 1176 VAL A N   1 
ATOM   465 C CA  . VAL A 1 86  ? -5.00820  -16.94007 3.36927   1.000 18.98758 ? 1176 VAL A CA  1 
ATOM   466 C C   . VAL A 1 86  ? -3.90774  -15.99800 3.83831   1.000 17.55672 ? 1176 VAL A C   1 
ATOM   467 O O   . VAL A 1 86  ? -3.06152  -16.34417 4.66846   1.000 17.95008 ? 1176 VAL A O   1 
ATOM   468 C CB  . VAL A 1 86  ? -6.36334  -16.59258 4.01769   1.000 21.34164 ? 1176 VAL A CB  1 
ATOM   469 C CG1 . VAL A 1 86  ? -7.47294  -17.43170 3.39973   1.000 21.75373 ? 1176 VAL A CG1 1 
ATOM   470 C CG2 . VAL A 1 86  ? -6.30032  -16.81676 5.51322   1.000 21.31576 ? 1176 VAL A CG2 1 
ATOM   471 N N   . VAL A 1 87  ? -3.91627  -14.78951 3.28150   1.000 15.19694 ? 1177 VAL A N   1 
ATOM   472 C CA  . VAL A 1 87  ? -2.91632  -13.77658 3.59325   1.000 14.37063 ? 1177 VAL A CA  1 
ATOM   473 C C   . VAL A 1 87  ? -3.61073  -12.57577 4.21504   1.000 14.55349 ? 1177 VAL A C   1 
ATOM   474 O O   . VAL A 1 87  ? -4.75102  -12.24774 3.86689   1.000 16.02726 ? 1177 VAL A O   1 
ATOM   475 C CB  . VAL A 1 87  ? -2.09911  -13.37416 2.34700   1.000 13.50784 ? 1177 VAL A CB  1 
ATOM   476 C CG1 . VAL A 1 87  ? -2.97138  -12.63238 1.34152   1.000 14.78525 ? 1177 VAL A CG1 1 
ATOM   477 C CG2 . VAL A 1 87  ? -0.87160  -12.53971 2.73912   1.000 12.86227 ? 1177 VAL A CG2 1 
ATOM   478 N N   . ASN A 1 88  ? -2.92689  -11.93906 5.16227   1.000 13.13423 ? 1178 ASN A N   1 
ATOM   479 C CA  . ASN A 1 88  ? -3.41148  -10.71229 5.78988   1.000 13.57077 ? 1178 ASN A CA  1 
ATOM   480 C C   . ASN A 1 88  ? -2.19401  -9.80919  5.94569   1.000 12.72731 ? 1178 ASN A C   1 
ATOM   481 O O   . ASN A 1 88  ? -1.41173  -9.96212  6.88969   1.000 13.36099 ? 1178 ASN A O   1 
ATOM   482 C CB  . ASN A 1 88  ? -4.07624  -11.01339 7.12731   1.000 15.03884 ? 1178 ASN A CB  1 
ATOM   483 C CG  . ASN A 1 88  ? -4.67749  -9.78272  7.78051   1.000 16.88517 ? 1178 ASN A CG  1 
ATOM   484 O OD1 . ASN A 1 88  ? -4.41846  -8.64585  7.37989   1.000 15.37404 ? 1178 ASN A OD1 1 
ATOM   485 N ND2 . ASN A 1 88  ? -5.52166  -10.01080 8.77620   1.000 18.65901 ? 1178 ASN A ND2 1 
ATOM   486 N N   . ILE A 1 89  ? -2.18047  -8.78665  5.09461   1.000 11.30410 ? 1179 ILE A N   1 
ATOM   487 C CA  . ILE A 1 89  ? -1.13205  -7.72812  5.08936   1.000 10.70915 ? 1179 ILE A CA  1 
ATOM   488 C C   . ILE A 1 89  ? -1.83520  -6.38265  5.29667   1.000 12.32929 ? 1179 ILE A C   1 
ATOM   489 O O   . ILE A 1 89  ? -1.30570  -5.36828  4.85738   1.000 11.24443 ? 1179 ILE A O   1 
ATOM   490 C CB  . ILE A 1 89  ? -0.33400  -7.75582  3.77094   1.000 9.80365  ? 1179 ILE A CB  1 
ATOM   491 C CG1 . ILE A 1 89  ? -1.23610  -7.67475  2.53758   1.000 9.38488  ? 1179 ILE A CG1 1 
ATOM   492 C CG2 . ILE A 1 89  ? 0.58009   -8.96266  3.72668   1.000 9.55018  ? 1179 ILE A CG2 1 
ATOM   493 C CD1 . ILE A 1 89  ? -0.50801  -7.28251  1.27096   1.000 9.47430  ? 1179 ILE A CD1 1 
ATOM   494 N N   . GLN A 1 90  ? -2.99527  -6.39197  5.94956   1.000 13.94287 ? 1180 GLN A N   1 
ATOM   495 C CA  . GLN A 1 90  ? -3.75391  -5.12930  6.15386   1.000 15.90782 ? 1180 GLN A CA  1 
ATOM   496 C C   . GLN A 1 90  ? -2.98104  -4.14889  7.04873   1.000 13.63560 ? 1180 GLN A C   1 
ATOM   497 O O   . GLN A 1 90  ? -3.08193  -2.95373  6.77981   1.000 14.00286 ? 1180 GLN A O   1 
ATOM   498 C CB  . GLN A 1 90  ? -5.17748  -5.40207  6.65379   1.000 18.45096 ? 1180 GLN A CB  1 
ATOM   499 C CG  . GLN A 1 90  ? -6.12881  -4.23476  6.43810   1.000 20.07812 ? 1180 GLN A CG  1 
ATOM   500 C CD  . GLN A 1 90  ? -6.33494  -3.91043  4.97939   1.000 19.25557 ? 1180 GLN A CD  1 
ATOM   501 O OE1 . GLN A 1 90  ? -6.58785  -4.78308  4.16150   1.000 21.34710 ? 1180 GLN A OE1 1 
ATOM   502 N NE2 . GLN A 1 90  ? -6.22361  -2.63800  4.63888   1.000 21.27354 ? 1180 GLN A NE2 1 
ATOM   503 N N   . LYS A 1 91  ? -2.22951  -4.62272  8.04301   1.000 16.69484 ? 1181 LYS A N   1 
ATOM   504 C CA  . LYS A 1 91  ? -1.52379  -3.66206  8.88065   1.000 17.16512 ? 1181 LYS A CA  1 
ATOM   505 C C   . LYS A 1 91  ? -0.49917  -2.91396  8.04243   1.000 15.90368 ? 1181 LYS A C   1 
ATOM   506 O O   . LYS A 1 91  ? -0.32502  -1.70041  8.18660   1.000 15.95287 ? 1181 LYS A O   1 
ATOM   507 C CB  . LYS A 1 91  ? -0.83642  -4.40234  10.02375  1.000 18.22932 ? 1181 LYS A CB  1 
ATOM   508 C CG  . LYS A 1 91  ? 0.06165   -3.51886  10.85575  1.000 19.08738 ? 1181 LYS A CG  1 
ATOM   509 C CD  . LYS A 1 91  ? 0.56721   -4.26860  12.06490  1.000 22.84858 ? 1181 LYS A CD  1 
ATOM   510 C CE  . LYS A 1 91  ? 1.72516   -5.17000  11.68961  1.000 22.58565 ? 1181 LYS A CE  1 
ATOM   511 N NZ  . LYS A 1 91  ? 1.72714   -6.41645  12.50362  1.000 25.97192 ? 1181 LYS A NZ  1 
ATOM   512 N N   . GLU A 1 92  ? 0.17761   -3.63627  7.14400   1.000 13.94498 ? 1182 GLU A N   1 
ATOM   513 C CA  . GLU A 1 92  ? 1.18539   -3.02483  6.28294   1.000 12.17554 ? 1182 GLU A CA  1 
ATOM   514 C C   . GLU A 1 92  ? 0.56496   -2.05711  5.28552   1.000 12.24833 ? 1182 GLU A C   1 
ATOM   515 O O   . GLU A 1 92  ? 1.11212   -0.97341  5.03860   1.000 11.60834 ? 1182 GLU A O   1 
ATOM   516 C CB  . GLU A 1 92  ? 1.98316   -4.12227  5.57664   1.000 11.37689 ? 1182 GLU A CB  1 
ATOM   517 C CG  . GLU A 1 92  ? 2.84853   -4.95334  6.53222   1.000 12.58757 ? 1182 GLU A CG  1 
ATOM   518 C CD  . GLU A 1 92  ? 2.16416   -6.20677  7.06056   1.000 14.20013 ? 1182 GLU A CD  1 
ATOM   519 O OE1 . GLU A 1 92  ? 2.88521   -7.14250  7.46311   1.000 17.14183 ? 1182 GLU A OE1 1 
ATOM   520 O OE2 . GLU A 1 92  ? 0.91700   -6.25397  7.07515   1.000 16.95873 ? 1182 GLU A OE2 1 
ATOM   521 N N   . ILE A 1 93  ? -0.56869  -2.44049  4.70774   1.000 10.81928 ? 1183 ILE A N   1 
ATOM   522 C CA  . ILE A 1 93  ? -1.26188  -1.54580  3.73698   1.000 10.51823 ? 1183 ILE A CA  1 
ATOM   523 C C   . ILE A 1 93  ? -1.69822  -0.27216  4.47722   1.000 11.36864 ? 1183 ILE A C   1 
ATOM   524 O O   . ILE A 1 93  ? -1.46600  0.81998   3.97177   1.000 10.97000 ? 1183 ILE A O   1 
ATOM   525 C CB  . ILE A 1 93  ? -2.45419  -2.28680  3.10191   1.000 11.85816 ? 1183 ILE A CB  1 
ATOM   526 C CG1 . ILE A 1 93  ? -1.99450  -3.38575  2.13812   1.000 11.04582 ? 1183 ILE A CG1 1 
ATOM   527 C CG2 . ILE A 1 93  ? -3.40473  -1.31661  2.43241   1.000 12.82824 ? 1183 ILE A CG2 1 
ATOM   528 C CD1 . ILE A 1 93  ? -3.09245  -4.35414  1.75185   1.000 14.71358 ? 1183 ILE A CD1 1 
ATOM   529 N N   . ASP A 1 94  ? -2.30189  -0.42395  5.65259   1.000 13.44512 ? 1184 ASP A N   1 
ATOM   530 C CA  . ASP A 1 94  ? -2.73817  0.75110   6.40403   1.000 14.10955 ? 1184 ASP A CA  1 
ATOM   531 C C   . ASP A 1 94  ? -1.56145  1.65699   6.74436   1.000 13.84293 ? 1184 ASP A C   1 
ATOM   532 O O   . ASP A 1 94  ? -1.68390  2.88796   6.70162   1.000 14.11778 ? 1184 ASP A O   1 
ATOM   533 C CB  . ASP A 1 94  ? -3.47579  0.34113   7.68065   1.000 15.72529 ? 1184 ASP A CB  1 
ATOM   534 C CG  . ASP A 1 94  ? -4.79077  -0.36612  7.40413   1.000 16.26298 ? 1184 ASP A CG  1 
ATOM   535 O OD1 . ASP A 1 94  ? -5.30711  -0.27516  6.27214   1.000 16.88078 ? 1184 ASP A OD1 1 
ATOM   536 O OD2 . ASP A 1 94  ? -5.33206  -0.98055  8.34743   1.000 18.22164 ? 1184 ASP A OD2 1 
ATOM   537 N N   . ARG A 1 95  ? -0.41216  1.06975   7.07085   1.000 14.44900 ? 1185 ARG A N   1 
ATOM   538 C CA  . ARG A 1 95  ? 0.77842   1.88709   7.42789   1.000 14.05271 ? 1185 ARG A CA  1 
ATOM   539 C C   . ARG A 1 95  ? 1.23158   2.69085   6.20447   1.000 13.56420 ? 1185 ARG A C   1 
ATOM   540 O O   . ARG A 1 95  ? 1.61551   3.83489   6.36748   1.000 13.06152 ? 1185 ARG A O   1 
ATOM   541 C CB  . ARG A 1 95  ? 1.90173   0.99067   7.95316   1.000 14.22673 ? 1185 ARG A CB  1 
ATOM   542 C CG  . ARG A 1 95  ? 3.12263   1.74227   8.46415   1.000 14.02069 ? 1185 ARG A CG  1 
ATOM   543 C CD  . ARG A 1 95  ? 2.84795   2.58463   9.69520   1.000 16.69961 ? 1185 ARG A CD  1 
ATOM   544 N NE  . ARG A 1 95  ? 4.03167   3.34679   10.05929  1.000 16.21912 ? 1185 ARG A NE  1 
ATOM   545 C CZ  . ARG A 1 95  ? 4.05654   4.65500   10.26028  1.000 16.32652 ? 1185 ARG A CZ  1 
ATOM   546 N NH1 . ARG A 1 95  ? 2.95086   5.36831   10.15239  1.000 17.11193 ? 1185 ARG A NH1 1 
ATOM   547 N NH2 . ARG A 1 95  ? 5.19154   5.24594   10.57723  1.000 16.10187 ? 1185 ARG A NH2 1 
ATOM   548 N N   . LEU A 1 96  ? 1.20869   2.07847   5.02609   1.000 11.80307 ? 1186 LEU A N   1 
ATOM   549 C CA  . LEU A 1 96  ? 1.62911   2.80435   3.82964   1.000 10.83793 ? 1186 LEU A CA  1 
ATOM   550 C C   . LEU A 1 96  ? 0.71579   3.99168   3.56526   1.000 11.81229 ? 1186 LEU A C   1 
ATOM   551 O O   . LEU A 1 96  ? 1.18188   5.09155   3.24416   1.000 11.55703 ? 1186 LEU A O   1 
ATOM   552 C CB  . LEU A 1 96  ? 1.65852   1.86698   2.62263   1.000 10.77469 ? 1186 LEU A CB  1 
ATOM   553 C CG  . LEU A 1 96  ? 2.72165   0.77384   2.63460   1.000 10.06704 ? 1186 LEU A CG  1 
ATOM   554 C CD1 . LEU A 1 96  ? 2.52067   -0.16329  1.45231   1.000 10.31665 ? 1186 LEU A CD1 1 
ATOM   555 C CD2 . LEU A 1 96  ? 4.10890   1.37473   2.60423   1.000 10.15713 ? 1186 LEU A CD2 1 
ATOM   556 N N   . ASN A 1 97  ? -0.59869  3.78253   3.68533   1.000 10.63374 ? 1187 ASN A N   1 
ATOM   557 C CA  . ASN A 1 97  ? -1.53512  4.88748   3.51796   1.000 11.36107 ? 1187 ASN A CA  1 
ATOM   558 C C   . ASN A 1 97  ? -1.34702  5.93507   4.60793   1.000 11.97527 ? 1187 ASN A C   1 
ATOM   559 O O   . ASN A 1 97  ? -1.47037  7.13774   4.34815   1.000 12.15137 ? 1187 ASN A O   1 
ATOM   560 C CB  . ASN A 1 97  ? -2.96874  4.35527   3.49324   1.000 12.20889 ? 1187 ASN A CB  1 
ATOM   561 C CG  . ASN A 1 97  ? -3.30375  3.65831   2.18973   1.000 11.78986 ? 1187 ASN A CG  1 
ATOM   562 O OD1 . ASN A 1 97  ? -2.93164  4.12480   1.11221   1.000 11.57126 ? 1187 ASN A OD1 1 
ATOM   563 N ND2 . ASN A 1 97  ? -4.01931  2.53997   2.27883   1.000 12.76485 ? 1187 ASN A ND2 1 
ATOM   564 N N   . GLU A 1 98  ? -1.02952  5.49803   5.83108   1.000 13.80428 ? 1188 GLU A N   1 
ATOM   565 C CA  . GLU A 1 98  ? -0.77836  6.43831   6.92109   1.000 14.41551 ? 1188 GLU A CA  1 
ATOM   566 C C   . GLU A 1 98  ? 0.44684   7.29847   6.63588   1.000 14.00520 ? 1188 GLU A C   1 
ATOM   567 O O   . GLU A 1 98  ? 0.41991   8.51963   6.83964   1.000 14.46835 ? 1188 GLU A O   1 
ATOM   568 C CB  . GLU A 1 98  ? -0.59482  5.66862   8.22878   1.000 15.34536 ? 1188 GLU A CB  1 
ATOM   569 C CG  . GLU A 1 98  ? -0.54280  6.54031   9.46551   1.000 17.19339 ? 1188 GLU A CG  1 
ATOM   570 C CD  . GLU A 1 98  ? -0.27498  5.73899   10.72482  1.000 19.00032 ? 1188 GLU A CD  1 
ATOM   571 O OE1 . GLU A 1 98  ? 0.00429   4.52671   10.61391  1.000 18.91953 ? 1188 GLU A OE1 1 
ATOM   572 O OE2 . GLU A 1 98  ? -0.34613  6.32072   11.82759  1.000 22.76382 ? 1188 GLU A OE2 1 
ATOM   573 N N   . VAL A 1 99  ? 1.52850   6.67878   6.15906   1.000 12.15660 ? 1189 VAL A N   1 
ATOM   574 C CA  . VAL A 1 99  ? 2.73590   7.43760   5.84888   1.000 11.45223 ? 1189 VAL A CA  1 
ATOM   575 C C   . VAL A 1 99  ? 2.48762   8.39929   4.69656   1.000 11.80998 ? 1189 VAL A C   1 
ATOM   576 O O   . VAL A 1 99  ? 2.94700   9.54802   4.72371   1.000 11.88956 ? 1189 VAL A O   1 
ATOM   577 C CB  . VAL A 1 99  ? 3.92454   6.50238   5.56610   1.000 10.94130 ? 1189 VAL A CB  1 
ATOM   578 C CG1 . VAL A 1 99  ? 5.12033   7.31494   5.07946   1.000 10.28515 ? 1189 VAL A CG1 1 
ATOM   579 C CG2 . VAL A 1 99  ? 4.29367   5.70897   6.80911   1.000 11.72024 ? 1189 VAL A CG2 1 
ATOM   580 N N   . ALA A 1 100 ? 1.77311   7.94821   3.65963   1.000 11.08928 ? 1190 ALA A N   1 
ATOM   581 C CA  . ALA A 1 100 ? 1.46268   8.82852   2.53664   1.000 11.20073 ? 1190 ALA A CA  1 
ATOM   582 C C   . ALA A 1 100 ? 0.74295   10.08296  3.01161   1.000 12.46702 ? 1190 ALA A C   1 
ATOM   583 O O   . ALA A 1 100 ? 1.01734   11.19017  2.53239   1.000 12.88961 ? 1190 ALA A O   1 
ATOM   584 C CB  . ALA A 1 100 ? 0.62430   8.08224   1.49902   1.000 11.53822 ? 1190 ALA A CB  1 
ATOM   585 N N   . LYS A 1 101 ? -0.12045  9.93228   4.00277   1.000 12.73240 ? 1191 LYS A N   1 
ATOM   586 C CA  . LYS A 1 101 ? -0.84500  11.11655  4.51923   1.000 13.80924 ? 1191 LYS A CA  1 
ATOM   587 C C   . LYS A 1 101 ? 0.06688   11.93114  5.43963   1.000 13.76934 ? 1191 LYS A C   1 
ATOM   588 O O   . LYS A 1 101 ? 0.15781   13.13956  5.24499   1.000 14.31262 ? 1191 LYS A O   1 
ATOM   589 C CB  . LYS A 1 101 ? -2.08474  10.66458  5.29756   1.000 15.40041 ? 1191 LYS A CB  1 
ATOM   590 C CG  . LYS A 1 101 ? -2.90129  11.77680  5.94602   1.000 17.21861 ? 1191 LYS A CG  1 
ATOM   591 C CD  . LYS A 1 101 ? -4.16686  11.25170  6.58794   1.000 21.56248 ? 1191 LYS A CD  1 
ATOM   592 C CE  . LYS A 1 101 ? -4.20430  11.41717  8.09227   1.000 24.12139 ? 1191 LYS A CE  1 
ATOM   593 N NZ  . LYS A 1 101 ? -5.56260  11.78487  8.55543   1.000 25.78889 ? 1191 LYS A NZ  1 
ATOM   594 N N   . ASN A 1 102 ? 0.74665   11.27243  6.37221   1.000 12.76970 ? 1192 ASN A N   1 
ATOM   595 C CA  . ASN A 1 102 ? 1.50101   12.02255  7.36967   1.000 13.18295 ? 1192 ASN A CA  1 
ATOM   596 C C   . ASN A 1 102 ? 2.75105   12.68496  6.80710   1.000 12.01290 ? 1192 ASN A C   1 
ATOM   597 O O   . ASN A 1 102 ? 3.29835   13.58318  7.45747   1.000 12.26300 ? 1192 ASN A O   1 
ATOM   598 C CB  . ASN A 1 102 ? 1.86059   11.15387  8.57931   1.000 14.44570 ? 1192 ASN A CB  1 
ATOM   599 C CG  . ASN A 1 102 ? 0.63994   10.68629  9.34625   1.000 15.34879 ? 1192 ASN A CG  1 
ATOM   600 O OD1 . ASN A 1 102 ? -0.42344  11.30483  9.28015   1.000 16.68395 ? 1192 ASN A OD1 1 
ATOM   601 N ND2 . ASN A 1 102 ? 0.79895   9.61559   10.11174  1.000 16.76740 ? 1192 ASN A ND2 1 
ATOM   602 N N   . LEU A 1 103 ? 3.21680   12.27759  5.62408   1.000 9.50006  ? 1193 LEU A N   1 
ATOM   603 C CA  . LEU A 1 103 ? 4.32702   12.99470  5.00438   1.000 8.82810  ? 1193 LEU A CA  1 
ATOM   604 C C   . LEU A 1 103 ? 3.99123   14.45795  4.73390   1.000 9.26818  ? 1193 LEU A C   1 
ATOM   605 O O   . LEU A 1 103 ? 4.90824   15.27603  4.59763   1.000 9.16091  ? 1193 LEU A O   1 
ATOM   606 C CB  . LEU A 1 103 ? 4.80521   12.28310  3.73682   1.000 7.87156  ? 1193 LEU A CB  1 
ATOM   607 C CG  . LEU A 1 103 ? 5.80230   11.14431  3.95433   1.000 7.29881  ? 1193 LEU A CG  1 
ATOM   608 C CD1 . LEU A 1 103 ? 5.92787   10.32969  2.68150   1.000 6.58392  ? 1193 LEU A CD1 1 
ATOM   609 C CD2 . LEU A 1 103 ? 7.16081   11.70547  4.37435   1.000 7.10615  ? 1193 LEU A CD2 1 
ATOM   610 N N   . ASN A 1 104 ? 2.70336   14.81245  4.67552   1.000 10.75846 ? 1194 ASN A N   1 
ATOM   611 C CA  . ASN A 1 104 ? 2.32812   16.22262  4.59053   1.000 11.12364 ? 1194 ASN A CA  1 
ATOM   612 C C   . ASN A 1 104 ? 2.93795   17.03905  5.72621   1.000 12.03327 ? 1194 ASN A C   1 
ATOM   613 O O   . ASN A 1 104 ? 3.26480   18.21777  5.54139   1.000 12.54358 ? 1194 ASN A O   1 
ATOM   614 C CB  . ASN A 1 104 ? 0.80311   16.37208  4.63055   1.000 12.19988 ? 1194 ASN A CB  1 
ATOM   615 C CG  . ASN A 1 104 ? 0.13020   15.88592  3.36331   1.000 12.67556 ? 1194 ASN A CG  1 
ATOM   616 O OD1 . ASN A 1 104 ? 0.62930   16.09029  2.25832   1.000 12.17167 ? 1194 ASN A OD1 1 
ATOM   617 N ND2 . ASN A 1 104 ? -1.02770  15.25450  3.51915   1.000 15.01599 ? 1194 ASN A ND2 1 
ATOM   618 N N   . GLU A 1 105 ? 3.10293   16.43354  6.90076   1.000 13.06608 ? 1195 GLU A N   1 
ATOM   619 C CA  . GLU A 1 105 ? 3.67292   17.12556  8.05136   1.000 13.23462 ? 1195 GLU A CA  1 
ATOM   620 C C   . GLU A 1 105 ? 5.18168   17.30249  7.94177   1.000 12.86091 ? 1195 GLU A C   1 
ATOM   621 O O   . GLU A 1 105 ? 5.75724   18.07619  8.71954   1.000 13.34790 ? 1195 GLU A O   1 
ATOM   622 C CB  . GLU A 1 105 ? 3.29702   16.38401  9.33965   1.000 14.63248 ? 1195 GLU A CB  1 
ATOM   623 C CG  . GLU A 1 105 ? 1.78659   16.34266  9.57439   1.000 15.85388 ? 1195 GLU A CG  1 
ATOM   624 C CD  . GLU A 1 105 ? 1.37126   15.33611  10.63489  1.000 18.04515 ? 1195 GLU A CD  1 
ATOM   625 O OE1 . GLU A 1 105 ? 2.24163   14.59814  11.14119  1.000 17.95984 ? 1195 GLU A OE1 1 
ATOM   626 O OE2 . GLU A 1 105 ? 0.16076   15.26932  10.94214  1.000 20.57831 ? 1195 GLU A OE2 1 
ATOM   627 N N   . SER A 1 106 ? 5.82415   16.61651  6.99242   1.000 10.91164 ? 1196 SER A N   1 
ATOM   628 C CA  . SER A 1 106 ? 7.24793   16.77534  6.72875   1.000 10.28033 ? 1196 SER A CA  1 
ATOM   629 C C   . SER A 1 106 ? 7.55470   17.75797  5.60792   1.000 10.89718 ? 1196 SER A C   1 
ATOM   630 O O   . SER A 1 106 ? 8.73038   18.06306  5.38353   1.000 10.74482 ? 1196 SER A O   1 
ATOM   631 C CB  . SER A 1 106 ? 7.90173   15.42498  6.40248   1.000 9.61543  ? 1196 SER A CB  1 
ATOM   632 O OG  . SER A 1 106 ? 7.70870   14.48560  7.44853   1.000 9.93792  ? 1196 SER A OG  1 
ATOM   633 N N   . LEU A 1 107 ? 6.54712   18.25074  4.89130   1.000 9.74388  ? 1197 LEU A N   1 
ATOM   634 C CA  . LEU A 1 107 ? 6.79887   19.24611  3.85900   1.000 10.19392 ? 1197 LEU A CA  1 
ATOM   635 C C   . LEU A 1 107 ? 7.31623   20.53516  4.48993   1.000 10.99778 ? 1197 LEU A C   1 
ATOM   636 O O   . LEU A 1 107 ? 6.97242   20.88485  5.62254   1.000 11.48902 ? 1197 LEU A O   1 
ATOM   637 C CB  . LEU A 1 107 ? 5.51266   19.52990  3.08059   1.000 10.61031 ? 1197 LEU A CB  1 
ATOM   638 C CG  . LEU A 1 107 ? 4.94252   18.35506  2.27836   1.000 9.54802  ? 1197 LEU A CG  1 
ATOM   639 C CD1 . LEU A 1 107 ? 3.53814   18.67883  1.79439   1.000 10.47313 ? 1197 LEU A CD1 1 
ATOM   640 C CD2 . LEU A 1 107 ? 5.84058   18.00359  1.10576   1.000 9.24884  ? 1197 LEU A CD2 1 
ATOM   641 N N   . ILE A 1 108 ? 8.16600   21.23979  3.75409   1.000 10.02703 ? 1198 ILE A N   1 
ATOM   642 C CA  . ILE A 1 108 ? 8.73017   22.49790  4.22737   1.000 10.59960 ? 1198 ILE A CA  1 
ATOM   643 C C   . ILE A 1 108 ? 7.76580   23.61688  3.86160   1.000 11.75192 ? 1198 ILE A C   1 
ATOM   644 O O   . ILE A 1 108 ? 7.39679   23.76830  2.69231   1.000 11.54072 ? 1198 ILE A O   1 
ATOM   645 C CB  . ILE A 1 108 ? 10.11763  22.74408  3.61921   1.000 10.58600 ? 1198 ILE A CB  1 
ATOM   646 C CG1 . ILE A 1 108 ? 11.09786  21.67074  4.10198   1.000 9.76065  ? 1198 ILE A CG1 1 
ATOM   647 C CG2 . ILE A 1 108 ? 10.61249  24.14129  3.99252   1.000 11.78600 ? 1198 ILE A CG2 1 
ATOM   648 C CD1 . ILE A 1 108 ? 12.37370  21.59480  3.29191   1.000 8.69356  ? 1198 ILE A CD1 1 
ATOM   649 N N   . ASP A 1 109 ? 7.35003   24.37753  4.87163   1.000 17.79041 ? 1199 ASP A N   1 
ATOM   650 C CA  . ASP A 1 109 ? 6.48472   25.56093  4.64418   1.000 18.96611 ? 1199 ASP A CA  1 
ATOM   651 C C   . ASP A 1 109 ? 7.42398   26.68279  4.19980   1.000 19.53160 ? 1199 ASP A C   1 
ATOM   652 O O   . ASP A 1 109 ? 8.18320   27.18248  5.02622   1.000 19.68307 ? 1199 ASP A O   1 
ATOM   653 C CB  . ASP A 1 109 ? 5.70638   25.89531  5.91462   1.000 20.09364 ? 1199 ASP A CB  1 
ATOM   654 C CG  . ASP A 1 109 ? 4.80474   27.10772  5.77193   1.000 22.18344 ? 1199 ASP A CG  1 
ATOM   655 O OD1 . ASP A 1 109 ? 4.86190   27.75132  4.73053   1.000 24.51696 ? 1199 ASP A OD1 1 
ATOM   656 O OD2 . ASP A 1 109 ? 4.07252   27.38674  6.72079   1.000 23.67700 ? 1199 ASP A OD2 1 
ATOM   657 N N   . LEU A 1 110 ? 7.34752   27.09933  2.93435   1.000 22.59901 ? 1200 LEU A N   1 
ATOM   658 C CA  . LEU A 1 110 ? 8.28900   28.13339  2.42649   1.000 22.46628 ? 1200 LEU A CA  1 
ATOM   659 C C   . LEU A 1 110 ? 8.12516   29.47473  3.16201   1.000 23.61043 ? 1200 LEU A C   1 
ATOM   660 O O   . LEU A 1 110 ? 9.11593   30.18832  3.28068   1.000 24.61130 ? 1200 LEU A O   1 
ATOM   661 C CB  . LEU A 1 110 ? 8.14343   28.25601  0.90927   1.000 22.60539 ? 1200 LEU A CB  1 
ATOM   662 C CG  . LEU A 1 110 ? 9.10712   27.37606  0.11282   1.000 22.54028 ? 1200 LEU A CG  1 
ATOM   663 C CD1 . LEU A 1 110 ? 8.71209   25.91861  0.21512   1.000 21.55757 ? 1200 LEU A CD1 1 
ATOM   664 C CD2 . LEU A 1 110 ? 9.15740   27.81184  -1.33879  1.000 22.55262 ? 1200 LEU A CD2 1 
ATOM   665 N N   . GLN A 1 111 ? 6.91774   29.79055  3.62378   1.000 30.20547 ? 1201 GLN A N   1 
ATOM   666 C CA  . GLN A 1 111 ? 6.64605   31.02310  4.40353   1.000 31.67127 ? 1201 GLN A CA  1 
ATOM   667 C C   . GLN A 1 111 ? 7.45872   31.03068  5.69972   1.000 32.35852 ? 1201 GLN A C   1 
ATOM   668 O O   . GLN A 1 111 ? 7.61160   32.11013  6.27182   1.000 32.51722 ? 1201 GLN A O   1 
ATOM   669 C CB  . GLN A 1 111 ? 5.15855   31.08794  4.72155   1.000 32.59261 ? 1201 GLN A CB  1 
ATOM   670 C CG  . GLN A 1 111 ? 4.31519   31.17619  3.46617   1.000 33.90147 ? 1201 GLN A CG  1 
ATOM   671 C CD  . GLN A 1 111 ? 4.73631   32.40345  2.70566   1.000 36.08960 ? 1201 GLN A CD  1 
ATOM   672 O OE1 . GLN A 1 111 ? 5.35881   32.31779  1.65125   1.000 36.76200 ? 1201 GLN A OE1 1 
ATOM   673 N NE2 . GLN A 1 111 ? 4.43698   33.55733  3.27452   1.000 36.90114 ? 1201 GLN A NE2 1 
ATOM   674 N N   . GLU A 1 112 ? 7.95144   29.87488  6.15107   1.000 29.64413 ? 1202 GLU A N   1 
ATOM   675 C CA  . GLU A 1 112 ? 8.73058   29.84278  7.37953   1.000 29.37771 ? 1202 GLU A CA  1 
ATOM   676 C C   . GLU A 1 112 ? 10.21874  30.02902  7.14843   1.000 29.58875 ? 1202 GLU A C   1 
ATOM   677 O O   . GLU A 1 112 ? 10.98229  30.05345  8.11876   1.000 29.91831 ? 1202 GLU A O   1 
ATOM   678 C CB  . GLU A 1 112 ? 8.48713   28.53651  8.12476   1.000 29.25323 ? 1202 GLU A CB  1 
ATOM   679 C CG  . GLU A 1 112 ? 7.11917   28.49781  8.70539   1.000 30.65037 ? 1202 GLU A CG  1 
ATOM   680 C CD  . GLU A 1 112 ? 6.82859   27.22546  9.43278   1.000 31.72040 ? 1202 GLU A CD  1 
ATOM   681 O OE1 . GLU A 1 112 ? 7.61205   26.25355  9.33993   1.000 29.15699 ? 1202 GLU A OE1 1 
ATOM   682 O OE2 . GLU A 1 112 ? 5.80396   27.22383  10.12345  1.000 32.54681 ? 1202 GLU A OE2 1 
ATOM   683 N N   . LEU A 1 113 ? 10.64707  30.14420  5.89826   1.000 21.07468 ? 1203 LEU A N   1 
ATOM   684 C CA  . LEU A 1 113 ? 12.03588  30.45790  5.58285   1.000 20.81671 ? 1203 LEU A CA  1 
ATOM   685 C C   . LEU A 1 113 ? 12.16724  31.97176  5.67321   1.000 23.94762 ? 1203 LEU A C   1 
ATOM   686 O O   . LEU A 1 113 ? 11.96660  32.69680  4.69884   1.000 24.91681 ? 1203 LEU A O   1 
ATOM   687 C CB  . LEU A 1 113 ? 12.38440  29.93929  4.19517   1.000 21.03681 ? 1203 LEU A CB  1 
ATOM   688 C CG  . LEU A 1 113 ? 12.21010  28.42462  4.03344   1.000 20.14388 ? 1203 LEU A CG  1 
ATOM   689 C CD1 . LEU A 1 113 ? 12.45568  28.01006  2.58963   1.000 19.87626 ? 1203 LEU A CD1 1 
ATOM   690 C CD2 . LEU A 1 113 ? 13.13960  27.68050  4.97223   1.000 20.32041 ? 1203 LEU A CD2 1 
ATOM   691 N N   . HIS A 1 114 ? 12.49144  32.45435  6.87063   1.000 28.20049 ? 1204 HIS A N   1 
ATOM   692 C CA  . HIS A 1 114 ? 12.49895  33.88751  7.12101   1.000 30.34042 ? 1204 HIS A CA  1 
ATOM   693 C C   . HIS A 1 114 ? 13.64776  34.56461  6.37514   1.000 31.51533 ? 1204 HIS A C   1 
ATOM   694 O O   . HIS A 1 114 ? 14.59897  33.92470  5.91445   1.000 28.95636 ? 1204 HIS A O   1 
ATOM   695 C CB  . HIS A 1 114 ? 12.57234  34.17486  8.62142   1.000 30.68851 ? 1204 HIS A CB  1 
ATOM   696 C CG  . HIS A 1 114 ? 13.62405  33.38838  9.33956   1.000 30.40175 ? 1204 HIS A CG  1 
ATOM   697 N ND1 . HIS A 1 114 ? 13.36319  32.18075  9.94994   1.000 29.49189 ? 1204 HIS A ND1 1 
ATOM   698 C CD2 . HIS A 1 114 ? 14.93971  33.63617  9.54168   1.000 30.68874 ? 1204 HIS A CD2 1 
ATOM   699 C CE1 . HIS A 1 114 ? 14.47169  31.72080  10.50206  1.000 27.84905 ? 1204 HIS A CE1 1 
ATOM   700 N NE2 . HIS A 1 114 ? 15.44386  32.58326  10.26656  1.000 29.38936 ? 1204 HIS A NE2 1 
ATOM   701 N N   . HIS A 1 115 ? 13.54789  35.88728  6.26389   1.000 55.58829 ? 1205 HIS A N   1 
ATOM   702 C CA  . HIS A 1 115 ? 14.47479  36.67031  5.45301   1.000 56.41412 ? 1205 HIS A CA  1 
ATOM   703 C C   . HIS A 1 115 ? 14.99637  37.88121  6.21944   1.000 56.32316 ? 1205 HIS A C   1 
ATOM   704 O O   . HIS A 1 115 ? 16.20198  38.02553  6.42867   1.000 56.88659 ? 1205 HIS A O   1 
ATOM   705 C CB  . HIS A 1 115 ? 13.77495  37.12551  4.17293   1.000 55.38848 ? 1205 HIS A CB  1 
ATOM   706 C CG  . HIS A 1 115 ? 13.10639  36.01287  3.42881   1.000 55.83125 ? 1205 HIS A CG  1 
ATOM   707 N ND1 . HIS A 1 115 ? 13.80805  35.08129  2.69402   1.000 54.84861 ? 1205 HIS A ND1 1 
ATOM   708 C CD2 . HIS A 1 115 ? 11.80174  35.66478  3.33012   1.000 55.73926 ? 1205 HIS A CD2 1 
ATOM   709 C CE1 . HIS A 1 115 ? 12.96322  34.21621  2.16200   1.000 53.52043 ? 1205 HIS A CE1 1 
ATOM   710 N NE2 . HIS A 1 115 ? 11.73925  34.54764  2.53394   1.000 54.56265 ? 1205 HIS A NE2 1 
HETATM 711 O O   . HOH B 2 .   ? -1.07990  8.41690   12.28469  1.000 32.84084 ? 1301 HOH A O   1 
HETATM 712 O O   . HOH B 2 .   ? 10.08086  32.91554  2.77123   1.000 36.85609 ? 1302 HOH A O   1 
HETATM 713 O O   . HOH B 2 .   ? -7.50557  -6.30088  0.10151   1.000 25.41625 ? 1303 HOH A O   1 
HETATM 714 O O   . HOH B 2 .   ? 11.16357  31.71175  10.60441  1.000 28.89666 ? 1304 HOH A O   1 
HETATM 715 O O   . HOH B 2 .   ? 4.44889   13.68744  11.41067  1.000 26.67831 ? 1305 HOH A O   1 
HETATM 716 O O   . HOH B 2 .   ? -9.26050  -27.76900 2.24054   1.000 37.22070 ? 1306 HOH A O   1 
HETATM 717 O O   . HOH B 2 .   ? -10.71733 -11.55325 -1.06219  1.000 27.30260 ? 1307 HOH A O   1 
HETATM 718 O O   . HOH B 2 .   ? 15.56853  39.50105  8.38166   1.000 38.63183 ? 1308 HOH A O   1 
HETATM 719 O O   . HOH B 2 .   ? -5.48505  1.49091   4.45617   1.000 25.64091 ? 1309 HOH A O   1 
HETATM 720 O O   . HOH B 2 .   ? 8.60106   31.52597  -0.96860  1.000 33.11692 ? 1310 HOH A O   1 
HETATM 721 O O   . HOH B 2 .   ? -11.95271 -27.53075 1.63121   1.000 30.96898 ? 1311 HOH A O   1 
HETATM 722 O O   . HOH B 2 .   ? -1.42240  17.29469  10.61556  1.000 38.88524 ? 1312 HOH A O   1 
HETATM 723 O O   . HOH B 2 .   ? -2.65817  10.14507  9.91109   1.000 35.52917 ? 1313 HOH A O   1 
HETATM 724 O O   . HOH B 2 .   ? -1.48744  2.43166   10.22248  1.000 24.29171 ? 1314 HOH A O   1 
HETATM 725 O O   . HOH B 2 .   ? 16.79680  33.82481  4.50826   1.000 37.99885 ? 1315 HOH A O   1 
HETATM 726 O O   . HOH B 2 .   ? 18.95637  28.27667  4.68161   1.000 27.11852 ? 1316 HOH A O   1 
HETATM 727 O O   . HOH B 2 .   ? 2.54357   16.66549  -1.23129  1.000 19.76119 ? 1317 HOH A O   1 
HETATM 728 O O   . HOH B 2 .   ? -11.70547 -21.17083 2.33086   1.000 29.38903 ? 1318 HOH A O   1 
HETATM 729 O O   . HOH B 2 .   ? -19.97148 -31.89479 -4.74440  1.000 45.86274 ? 1319 HOH A O   1 
HETATM 730 O O   . HOH B 2 .   ? 0.38708   17.88990  0.28571   1.000 25.65944 ? 1320 HOH A O   1 
HETATM 731 O O   . HOH B 2 .   ? 4.68270   18.30765  -2.32296  1.000 18.38845 ? 1321 HOH A O   1 
HETATM 732 O O   . HOH B 2 .   ? 17.47771  32.64881  12.04144  1.000 38.19836 ? 1322 HOH A O   1 
HETATM 733 O O   . HOH B 2 .   ? -0.87756  -0.28813  10.42104  1.000 22.83876 ? 1323 HOH A O   1 
HETATM 734 O O   . HOH B 2 .   ? -0.68501  7.04498   -6.69299  1.000 22.09496 ? 1324 HOH A O   1 
HETATM 735 O O   . HOH B 2 .   ? -2.95299  6.70046   0.23007   1.000 19.06841 ? 1325 HOH A O   1 
HETATM 736 O O   . HOH B 2 .   ? -3.09648  8.23517   2.47779   1.000 17.68092 ? 1326 HOH A O   1 
HETATM 737 O O   . HOH B 2 .   ? 0.03649   -11.43723 8.65068   1.000 28.63407 ? 1327 HOH A O   1 
HETATM 738 O O   . HOH B 2 .   ? 7.63038   4.37976   -2.14904  1.000 29.85014 ? 1328 HOH A O   1 
HETATM 739 O O   . HOH B 2 .   ? -10.18387 -16.63659 1.45421   1.000 28.61236 ? 1329 HOH A O   1 
HETATM 740 O O   . HOH B 2 .   ? -13.45072 -17.47438 -4.08752  1.000 32.42567 ? 1330 HOH A O   1 
HETATM 741 O O   . HOH B 2 .   ? -1.27497  -24.22887 2.46217   1.000 33.31306 ? 1331 HOH A O   1 
HETATM 742 O O   . HOH B 2 .   ? 4.59953   19.95395  10.34367  1.000 24.28918 ? 1332 HOH A O   1 
HETATM 743 O O   . HOH B 2 .   ? -4.24270  -18.04130 -3.65929  1.000 13.20693 ? 1333 HOH A O   1 
HETATM 744 O O   . HOH B 2 .   ? -9.47209  -5.62985  -4.92304  1.000 32.22013 ? 1334 HOH A O   1 
HETATM 745 O O   . HOH B 2 .   ? 5.51366   16.47740  -6.43055  1.000 18.34506 ? 1335 HOH A O   1 
HETATM 746 O O   . HOH B 2 .   ? -4.15262  4.01076   7.14440   1.000 21.21302 ? 1336 HOH A O   1 
HETATM 747 O O   . HOH B 2 .   ? 6.82889   17.75522  -8.62062  1.000 25.56244 ? 1337 HOH A O   1 
HETATM 748 O O   . HOH B 2 .   ? -0.02972  -8.25251  8.72740   1.000 22.81995 ? 1338 HOH A O   1 
HETATM 749 O O   . HOH B 2 .   ? -4.77729  -19.48127 6.13045   1.000 33.92047 ? 1339 HOH A O   1 
HETATM 750 O O   . HOH B 2 .   ? -7.06757  1.42958   -5.02267  1.000 35.36021 ? 1340 HOH A O   1 
HETATM 751 O O   . HOH B 2 .   ? 7.28317   23.77149  -2.57613  1.000 22.12049 ? 1341 HOH A O   1 
HETATM 752 O O   . HOH B 2 .   ? -6.37624  -2.07449  -3.13646  1.000 22.28393 ? 1342 HOH A O   1 
HETATM 753 O O   . HOH B 2 .   ? -1.39784  13.87772  8.81240   1.000 27.25395 ? 1343 HOH A O   1 
HETATM 754 O O   . HOH B 2 .   ? 1.25547   13.64342  -4.09159  1.000 27.03360 ? 1344 HOH A O   1 
HETATM 755 O O   . HOH B 2 .   ? 4.35684   20.64175  6.63289   1.000 24.68781 ? 1345 HOH A O   1 
HETATM 756 O O   . HOH B 2 .   ? -3.84550  3.54162   -1.72245  1.000 19.68012 ? 1346 HOH A O   1 
HETATM 757 O O   . HOH B 2 .   ? 7.95931   22.00579  -5.19393  1.000 22.00918 ? 1347 HOH A O   1 
HETATM 758 O O   . HOH B 2 .   ? 4.73305   23.21864  1.89152   1.000 25.35053 ? 1348 HOH A O   1 
HETATM 759 O O   . HOH B 2 .   ? 5.33179   15.96705  -9.27634  1.000 33.01709 ? 1349 HOH A O   1 
HETATM 760 O O   . HOH B 2 .   ? -2.68911  -7.22237  9.16159   1.000 19.63339 ? 1350 HOH A O   1 
HETATM 761 O O   . HOH B 2 .   ? 7.91160   23.70406  7.59849   1.000 18.66922 ? 1351 HOH A O   1 
HETATM 762 O O   . HOH B 2 .   ? 17.92433  34.05970  -7.87400  1.000 20.28236 ? 1352 HOH A O   1 
HETATM 763 O O   . HOH B 2 .   ? 18.20466  29.13475  -8.48392  1.000 20.19992 ? 1353 HOH A O   1 
HETATM 764 O O   . HOH B 2 .   ? 12.96424  28.60836  9.64764   1.000 16.60628 ? 1354 HOH A O   1 
HETATM 765 O O   . HOH B 2 .   ? -3.10288  -17.40066 7.36233   1.000 34.07181 ? 1355 HOH A O   1 
HETATM 766 O O   . HOH B 2 .   ? -15.19206 -38.31638 -0.15507  1.000 38.55050 ? 1356 HOH A O   1 
HETATM 767 O O   . HOH B 2 .   ? -14.78333 -23.79042 1.06420   1.000 42.16159 ? 1357 HOH A O   1 
HETATM 768 O O   . HOH B 2 .   ? 7.97533   24.66023  11.78120  0.50  22.86662 ? 1358 HOH A O   1 
HETATM 769 O O   . HOH B 2 .   ? 5.94814   1.32282   10.99069  1.000 27.09327 ? 1359 HOH A O   1 
HETATM 770 O O   . HOH B 2 .   ? -9.19228  -10.59059 1.36089   1.000 24.73026 ? 1360 HOH A O   1 
HETATM 771 O O   . HOH B 2 .   ? -1.57859  3.98876   -9.26528  1.000 18.62550 ? 1361 HOH A O   1 
HETATM 772 O O   . HOH B 2 .   ? -0.69250  -13.38651 6.45903   1.000 27.85612 ? 1362 HOH A O   1 
HETATM 773 O O   . HOH B 2 .   ? 3.35402   14.36343  -7.28587  1.000 32.52025 ? 1363 HOH A O   1 
HETATM 774 O O   . HOH B 2 .   ? 14.04707  33.29319  -4.13619  1.000 18.38520 ? 1364 HOH A O   1 
HETATM 775 O O   . HOH B 2 .   ? -6.88918  -7.59400  9.98671   1.000 32.73401 ? 1365 HOH A O   1 
HETATM 776 O O   . HOH B 2 .   ? -5.13421  1.39099   -0.30426  1.000 23.61563 ? 1366 HOH A O   1 
HETATM 777 O O   . HOH B 2 .   ? -5.05853  -20.58761 -4.71002  1.000 19.01182 ? 1367 HOH A O   1 
HETATM 778 O O   . HOH B 2 .   ? -2.18879  -28.26142 2.58634   1.000 33.41635 ? 1368 HOH A O   1 
HETATM 779 O O   . HOH B 2 .   ? -0.89841  10.41578  -1.83174  1.000 25.94647 ? 1369 HOH A O   1 
HETATM 780 O O   . HOH B 2 .   ? 20.85968  32.11047  -1.90378  1.000 26.16609 ? 1370 HOH A O   1 
HETATM 781 O O   . HOH B 2 .   ? -5.51197  -1.30823  -0.63245  1.000 22.13206 ? 1371 HOH A O   1 
HETATM 782 O O   . HOH B 2 .   ? 19.52177  30.71514  0.64262   1.000 23.15600 ? 1372 HOH A O   1 
HETATM 783 O O   . HOH B 2 .   ? -9.38580  -38.09402 0.86556   1.000 43.04454 ? 1373 HOH A O   1 
HETATM 784 O O   . HOH B 2 .   ? 4.85126   26.18468  1.29912   1.000 25.54385 ? 1374 HOH A O   1 
HETATM 785 O O   . HOH B 2 .   ? -3.18603  15.07747  1.26900   1.000 33.88932 ? 1375 HOH A O   1 
HETATM 786 O O   . HOH B 2 .   ? 3.78107   8.41982   9.90060   1.000 15.03095 ? 1376 HOH A O   1 
HETATM 787 O O   . HOH B 2 .   ? -1.99200  9.32164   -5.03158  1.000 27.14921 ? 1377 HOH A O   1 
HETATM 788 O O   . HOH B 2 .   ? -16.30875 -20.44089 -3.69741  1.000 34.94823 ? 1378 HOH A O   1 
HETATM 789 O O   . HOH B 2 .   ? -2.25007  15.62138  6.49873   1.000 28.37778 ? 1379 HOH A O   1 
HETATM 790 O O   . HOH B 2 .   ? -6.84745  -2.04915  1.43289   1.000 27.99272 ? 1380 HOH A O   1 
HETATM 791 O O   . HOH B 2 .   ? -0.28744  12.53413  -2.57481  1.000 30.89712 ? 1381 HOH A O   1 
HETATM 792 O O   . HOH B 2 .   ? -11.93363 -13.77424 -0.50043  1.000 31.39086 ? 1382 HOH A O   1 
HETATM 793 O O   . HOH B 2 .   ? -4.31177  6.86403   6.71599   1.000 31.14550 ? 1383 HOH A O   1 
HETATM 794 O O   . HOH B 2 .   ? -2.64699  10.68559  1.31919   1.000 26.01253 ? 1384 HOH A O   1 
HETATM 795 O O   . HOH B 2 .   ? -10.94134 -7.47838  2.48431   1.000 39.11829 ? 1385 HOH A O   1 
HETATM 796 O O   . HOH B 2 .   ? -3.49673  17.89363  2.42092   1.000 40.13195 ? 1386 HOH A O   1 
HETATM 797 O O   . HOH B 2 .   ? -5.18803  7.83839   4.19747   1.000 29.77408 ? 1387 HOH A O   1 
HETATM 798 O O   . HOH B 2 .   ? -12.04012 -37.54313 -4.95008  1.000 41.39559 ? 1388 HOH A O   1 
HETATM 799 O O   . HOH B 2 .   ? -3.73841  3.37757   -8.08615  1.000 30.70583 ? 1389 HOH A O   1 
HETATM 800 O O   . HOH B 2 .   ? 5.32813   22.65862  8.68487   1.000 30.91883 ? 1390 HOH A O   1 
HETATM 801 O O   . HOH B 2 .   ? -3.12647  5.53349   -6.12988  1.000 33.27503 ? 1391 HOH A O   1 
HETATM 802 O O   . HOH B 2 .   ? 4.29852   18.55940  -4.96908  1.000 26.69590 ? 1392 HOH A O   1 
HETATM 803 O O   . HOH B 2 .   ? -1.61235  14.08614  -0.31895  1.000 32.85204 ? 1393 HOH A O   1 
HETATM 804 O O   . HOH B 2 .   ? 16.00294  37.57543  10.37480  1.000 43.35468 ? 1394 HOH A O   1 
HETATM 805 O O   . HOH B 2 .   ? -4.48156  3.68465   9.48792   1.000 32.65419 ? 1395 HOH A O   1 
HETATM 806 O O   . HOH B 2 .   ? -6.24590  3.68059   5.49190   1.000 31.31911 ? 1396 HOH A O   1 
HETATM 807 O O   . HOH B 2 .   ? -11.96446 -22.57583 4.45556   1.000 39.22009 ? 1397 HOH A O   1 
HETATM 808 O O   . HOH B 2 .   ? -2.91775  -1.17008  11.70596  1.000 33.54383 ? 1398 HOH A O   1 
HETATM 809 O O   . HOH B 2 .   ? -13.53857 -29.39038 3.00472   1.000 35.41653 ? 1399 HOH A O   1 
HETATM 810 O O   . HOH B 2 .   ? -5.14412  -5.77519  10.82460  1.000 36.20073 ? 1400 HOH A O   1 
HETATM 811 O O   . HOH B 2 .   ? 20.40849  32.43701  3.79298   1.000 40.35910 ? 1401 HOH A O   1 
HETATM 812 O O   . HOH B 2 .   ? -11.64528 -14.57684 1.85136   1.000 36.83740 ? 1402 HOH A O   1 
HETATM 813 O O   . HOH B 2 .   ? 3.22499   22.55142  4.48170   1.000 29.56853 ? 1403 HOH A O   1 
HETATM 814 O O   . HOH B 2 .   ? 4.42762   20.79664  -1.83360  1.000 25.48034 ? 1404 HOH A O   1 
HETATM 815 O O   . HOH B 2 .   ? 16.34414  27.66104  -10.19073 1.000 24.26472 ? 1405 HOH A O   1 
HETATM 816 O O   . HOH B 2 .   ? 0.97377   16.32215  -3.60505  1.000 31.58967 ? 1406 HOH A O   1 
HETATM 817 O O   . HOH B 2 .   ? 2.85112   -1.01095  11.25440  1.000 30.24654 ? 1407 HOH A O   1 
HETATM 818 O O   . HOH B 2 .   ? -11.01872 -10.51757 3.29037   1.000 38.02798 ? 1408 HOH A O   1 
HETATM 819 O O   . HOH B 2 .   ? -2.37249  -17.39824 -5.52630  0.33  14.41274 ? 1409 HOH A O   1 
HETATM 820 O O   . HOH B 2 .   ? 20.09487  25.77353  3.33924   0.33  28.12655 ? 1410 HOH A O   1 
HETATM 821 O O   . HOH B 2 .   ? -10.77087 -39.35730 -2.71934  1.000 40.72418 ? 1411 HOH A O   1 
HETATM 822 O O   . HOH B 2 .   ? 2.09978   19.78132  -5.90521  1.000 34.97409 ? 1412 HOH A O   1 
HETATM 823 O O   . HOH B 2 .   ? -13.48564 -13.04784 2.72445   1.000 40.83946 ? 1413 HOH A O   1 
# 
loop_
_atom_site_anisotrop.id 
_atom_site_anisotrop.type_symbol 
_atom_site_anisotrop.pdbx_label_atom_id 
_atom_site_anisotrop.pdbx_label_alt_id 
_atom_site_anisotrop.pdbx_label_comp_id 
_atom_site_anisotrop.pdbx_label_asym_id 
_atom_site_anisotrop.pdbx_label_seq_id 
_atom_site_anisotrop.pdbx_PDB_ins_code 
_atom_site_anisotrop.U[1][1] 
_atom_site_anisotrop.U[2][2] 
_atom_site_anisotrop.U[3][3] 
_atom_site_anisotrop.U[1][2] 
_atom_site_anisotrop.U[1][3] 
_atom_site_anisotrop.U[2][3] 
_atom_site_anisotrop.pdbx_auth_seq_id 
_atom_site_anisotrop.pdbx_auth_comp_id 
_atom_site_anisotrop.pdbx_auth_asym_id 
_atom_site_anisotrop.pdbx_auth_atom_id 
1   N N   . MET A 1   ? 0.21277 0.13210 0.15430 0.01107  -0.04732 0.05169  917  MET A N   
2   C CA  . MET A 1   ? 0.21024 0.12802 0.16211 0.01638  -0.04717 0.04692  917  MET A CA  
3   C C   . MET A 1   ? 0.21114 0.13776 0.16031 0.01243  -0.04021 0.04093  917  MET A C   
4   O O   . MET A 1   ? 0.21426 0.14774 0.15540 0.00724  -0.03823 0.04227  917  MET A O   
5   C CB  . MET A 1   ? 0.19780 0.12468 0.16039 0.02338  -0.04762 0.04463  917  MET A CB  
6   C CG  . MET A 1   ? 0.18369 0.12721 0.14235 0.02277  -0.04330 0.04274  917  MET A CG  
7   S SD  . MET A 1   ? 0.16717 0.12225 0.13876 0.02879  -0.04206 0.04013  917  MET A SD  
8   C CE  . MET A 1   ? 0.16859 0.12492 0.13721 0.02642  -0.04357 0.04432  917  MET A CE  
9   N N   . GLU A 2   ? 0.23801 0.16366 0.19419 0.01450  -0.03666 0.03410  918  GLU A N   
10  C CA  . GLU A 2   ? 0.23897 0.17086 0.19066 0.01028  -0.03184 0.02858  918  GLU A CA  
11  C C   . GLU A 2   ? 0.22330 0.17029 0.17226 0.01075  -0.03069 0.02819  918  GLU A C   
12  O O   . GLU A 2   ? 0.21023 0.16258 0.16321 0.01582  -0.03129 0.02889  918  GLU A O   
13  C CB  . GLU A 2   ? 0.26089 0.18688 0.21768 0.01203  -0.02766 0.02085  918  GLU A CB  
14  C CG  . GLU A 2   ? 0.30615 0.21731 0.26415 0.00957  -0.02744 0.01931  918  GLU A CG  
15  C CD  . GLU A 2   ? 0.35434 0.25792 0.31953 0.01232  -0.02215 0.01106  918  GLU A CD  
16  O OE1 . GLU A 2   ? 0.37288 0.26310 0.34192 0.01167  -0.02163 0.00914  918  GLU A OE1 
17  O OE2 . GLU A 2   ? 0.35719 0.26736 0.32391 0.01465  -0.01778 0.00615  918  GLU A OE2 
18  N N   . ASN A 3   ? 0.22272 0.17631 0.16630 0.00536  -0.02963 0.02707  919  ASN A N   
19  C CA  . ASN A 3   ? 0.20354 0.17074 0.14598 0.00573  -0.02944 0.02699  919  ASN A CA  
20  C C   . ASN A 3   ? 0.19370 0.16392 0.13749 0.01010  -0.02771 0.02280  919  ASN A C   
21  O O   . ASN A 3   ? 0.18110 0.15952 0.12629 0.01353  -0.02805 0.02422  919  ASN A O   
22  C CB  . ASN A 3   ? 0.21925 0.19206 0.15943 -0.00052 -0.02979 0.02560  919  ASN A CB  
23  C CG  . ASN A 3   ? 0.22438 0.19664 0.16472 -0.00566 -0.02987 0.02937  919  ASN A CG  
24  O OD1 . ASN A 3   ? 0.22014 0.19059 0.15924 -0.00488 -0.02958 0.03389  919  ASN A OD1 
25  N ND2 . ASN A 3   ? 0.25109 0.22441 0.19223 -0.01177 -0.03026 0.02742  919  ASN A ND2 
26  N N   . GLN A 4   ? 0.18346 0.14607 0.12602 0.00940  -0.02503 0.01724  920  GLN A N   
27  C CA  . GLN A 4   ? 0.18322 0.14705 0.12530 0.01214  -0.02161 0.01259  920  GLN A CA  
28  C C   . GLN A 4   ? 0.17983 0.14422 0.13190 0.01891  -0.02055 0.01351  920  GLN A C   
29  O O   . GLN A 4   ? 0.17418 0.14426 0.12738 0.02156  -0.01855 0.01191  920  GLN A O   
30  C CB  . GLN A 4   ? 0.22525 0.17870 0.16166 0.00857  -0.01741 0.00553  920  GLN A CB  
31  C CG  . GLN A 4   ? 0.25492 0.19645 0.19841 0.01015  -0.01458 0.00296  920  GLN A CG  
32  C CD  . GLN A 4   ? 0.32050 0.25062 0.25631 0.00530  -0.00964 -0.00472 920  GLN A CD  
33  O OE1 . GLN A 4   ? 0.28828 0.21856 0.21124 0.00016  -0.00914 -0.00773 920  GLN A OE1 
34  N NE2 . GLN A 4   ? 0.32972 0.24844 0.27263 0.00654  -0.00647 -0.00796 920  GLN A NE2 
35  N N   . LYS A 5   ? 0.17937 0.13751 0.13896 0.02140  -0.02281 0.01651  921  LYS A N   
36  C CA  . LYS A 5   ? 0.17274 0.13129 0.14414 0.02789  -0.02407 0.01794  921  LYS A CA  
37  C C   . LYS A 5   ? 0.15051 0.11846 0.11956 0.02930  -0.02842 0.02393  921  LYS A C   
38  O O   . LYS A 5   ? 0.14122 0.11386 0.11700 0.03355  -0.02858 0.02371  921  LYS A O   
39  C CB  . LYS A 5   ? 0.18124 0.12820 0.16177 0.03008  -0.02706 0.01968  921  LYS A CB  
40  C CG  . LYS A 5   ? 0.22472 0.16247 0.21279 0.03072  -0.02129 0.01210  921  LYS A CG  
41  C CD  . LYS A 5   ? 0.25203 0.17845 0.25328 0.03433  -0.02514 0.01390  921  LYS A CD  
42  C CE  . LYS A 5   ? 0.28231 0.19806 0.29085 0.03422  -0.01864 0.00586  921  LYS A CE  
43  N NZ  . LYS A 5   ? 0.29207 0.21139 0.31069 0.03715  -0.01008 -0.00263 921  LYS A NZ  
44  N N   . LEU A 6   ? 0.16031 0.13022 0.12072 0.02535  -0.03118 0.02860  922  LEU A N   
45  C CA  . LEU A 6   ? 0.14084 0.12006 0.09895 0.02517  -0.03278 0.03263  922  LEU A CA  
46  C C   . LEU A 6   ? 0.12828 0.11853 0.08773 0.02481  -0.02931 0.02891  922  LEU A C   
47  O O   . LEU A 6   ? 0.11524 0.11110 0.08173 0.02442  -0.02838 0.02835  922  LEU A O   
48  C CB  . LEU A 6   ? 0.14259 0.12400 0.09466 0.01933  -0.03213 0.03567  922  LEU A CB  
49  C CG  . LEU A 6   ? 0.12613 0.12065 0.08106 0.01725  -0.02817 0.03622  922  LEU A CG  
50  C CD1 . LEU A 6   ? 0.13973 0.13431 0.09884 0.01922  -0.02818 0.03778  922  LEU A CD1 
51  C CD2 . LEU A 6   ? 0.15026 0.14057 0.09489 0.01455  -0.02732 0.03687  922  LEU A CD2 
52  N N   . ILE A 7   ? 0.12203 0.11282 0.07385 0.02366  -0.02816 0.02607  923  ILE A N   
53  C CA  . ILE A 7   ? 0.10827 0.10681 0.06030 0.02217  -0.02562 0.02283  923  ILE A CA  
54  C C   . ILE A 7   ? 0.11324 0.11029 0.06705 0.02798  -0.02364 0.02028  923  ILE A C   
55  O O   . ILE A 7   ? 0.09911 0.10225 0.05810 0.02739  -0.02198 0.01952  923  ILE A O   
56  C CB  . ILE A 7   ? 0.11615 0.11334 0.05842 0.01890  -0.02633 0.02053  923  ILE A CB  
57  C CG1 . ILE A 7   ? 0.11801 0.12004 0.06266 0.01361  -0.02832 0.02311  923  ILE A CG1 
58  C CG2 . ILE A 7   ? 0.11369 0.11467 0.05453 0.01697  -0.02448 0.01747  923  ILE A CG2 
59  C CD1 . ILE A 7   ? 0.13561 0.13490 0.07308 0.00946  -0.03082 0.02097  923  ILE A CD1 
60  N N   . ALA A 8   ? 0.11139 0.10007 0.06922 0.02841  -0.02028 0.01613  924  ALA A N   
61  C CA  . ALA A 8   ? 0.11191 0.09962 0.07669 0.03149  -0.01537 0.01152  924  ALA A CA  
62  C C   . ALA A 8   ? 0.10512 0.09714 0.08211 0.03701  -0.01833 0.01474  924  ALA A C   
63  O O   . ALA A 8   ? 0.10026 0.09716 0.08162 0.03917  -0.01592 0.01293  924  ALA A O   
64  C CB  . ALA A 8   ? 0.12803 0.10533 0.09691 0.03070  -0.01004 0.00552  924  ALA A CB  
65  N N   . ASN A 9   ? 0.12859 0.11774 0.11017 0.03866  -0.02411 0.01974  925  ASN A N   
66  C CA  . ASN A 9   ? 0.12037 0.11231 0.11266 0.04129  -0.02822 0.02310  925  ASN A CA  
67  C C   . ASN A 9   ? 0.10201 0.10272 0.09156 0.03441  -0.02728 0.02411  925  ASN A C   
68  O O   . ASN A 9   ? 0.10012 0.10416 0.09752 0.03456  -0.02734 0.02362  925  ASN A O   
69  C CB  . ASN A 9   ? 0.12511 0.11130 0.12109 0.03928  -0.03265 0.02797  925  ASN A CB  
70  C CG  . ASN A 9   ? 0.15099 0.12697 0.15985 0.04513  -0.03446 0.02582  925  ASN A CG  
71  O OD1 . ASN A 9   ? 0.15345 0.13167 0.17769 0.04886  -0.03293 0.02293  925  ASN A OD1 
72  N ND2 . ASN A 9   ? 0.17982 0.14501 0.18500 0.04427  -0.03644 0.02653  925  ASN A ND2 
73  N N   . GLN A 10  ? 0.10469 0.10719 0.08526 0.02832  -0.02652 0.02468  926  GLN A N   
74  C CA  . GLN A 10  ? 0.09501 0.10091 0.07482 0.02300  -0.02540 0.02355  926  GLN A CA  
75  C C   . GLN A 10  ? 0.09278 0.10287 0.07212 0.02490  -0.02163 0.01996  926  GLN A C   
76  O O   . GLN A 10  ? 0.08897 0.10066 0.07148 0.02376  -0.02099 0.01904  926  GLN A O   
77  C CB  . GLN A 10  ? 0.09671 0.10156 0.07028 0.01789  -0.02532 0.02381  926  GLN A CB  
78  C CG  . GLN A 10  ? 0.10660 0.10674 0.07796 0.01537  -0.02840 0.02729  926  GLN A CG  
79  C CD  . GLN A 10  ? 0.10989 0.10894 0.08186 0.01485  -0.02973 0.02833  926  GLN A CD  
80  O OE1 . GLN A 10  ? 0.12119 0.12180 0.10072 0.01633  -0.03136 0.03051  926  GLN A OE1 
81  N NE2 . GLN A 10  ? 0.11694 0.11447 0.08169 0.01321  -0.02870 0.02751  926  GLN A NE2 
82  N N   . PHE A 11  ? 0.08377 0.09453 0.05716 0.02767  -0.01954 0.01822  927  PHE A N   
83  C CA  . PHE A 11  ? 0.08261 0.09611 0.05249 0.02967  -0.01641 0.01555  927  PHE A CA  
84  C C   . PHE A 11  ? 0.08336 0.09872 0.06024 0.03618  -0.01550 0.01485  927  PHE A C   
85  O O   . PHE A 11  ? 0.07795 0.09673 0.05664 0.03543  -0.01384 0.01385  927  PHE A O   
86  C CB  . PHE A 11  ? 0.09489 0.10510 0.05210 0.03090  -0.01533 0.01392  927  PHE A CB  
87  C CG  . PHE A 11  ? 0.09265 0.10194 0.04100 0.03159  -0.01144 0.01083  927  PHE A CG  
88  C CD1 . PHE A 11  ? 0.09225 0.10293 0.04027 0.02544  -0.01142 0.01057  927  PHE A CD1 
89  C CD2 . PHE A 11  ? 0.10004 0.10350 0.05308 0.03143  -0.00409 0.00500  927  PHE A CD2 
90  C CE1 . PHE A 11  ? 0.09917 0.10677 0.03775 0.02424  -0.00788 0.00809  927  PHE A CE1 
91  C CE2 . PHE A 11  ? 0.10654 0.10683 0.05244 0.02851  0.00225  0.00069  927  PHE A CE2 
92  C CZ  . PHE A 11  ? 0.10589 0.10802 0.03918 0.02605  -0.00046 0.00313  927  PHE A CZ  
93  N N   . ASN A 12  ? 0.08418 0.09641 0.06898 0.04282  -0.01638 0.01477  928  ASN A N   
94  C CA  . ASN A 12  ? 0.08359 0.09706 0.08431 0.04641  -0.01366 0.01165  928  ASN A CA  
95  C C   . ASN A 12  ? 0.07727 0.09378 0.08529 0.04233  -0.01814 0.01465  928  ASN A C   
96  O O   . ASN A 12  ? 0.07434 0.09456 0.09048 0.04353  -0.01644 0.01286  928  ASN A O   
97  C CB  . ASN A 12  ? 0.09101 0.09780 0.10610 0.04846  -0.01189 0.00840  928  ASN A CB  
98  C CG  . ASN A 12  ? 0.10769 0.10754 0.11721 0.04481  -0.00291 0.00149  928  ASN A CG  
99  O OD1 . ASN A 12  ? 0.11762 0.11723 0.11423 0.04074  0.00279  -0.00174 928  ASN A OD1 
100 N ND2 . ASN A 12  ? 0.12252 0.11502 0.14108 0.04587  -0.00182 -0.00093 928  ASN A ND2 
101 N N   A SER A 13  ? 0.09685 0.11031 0.10226 0.03628  -0.02279 0.01851  929  SER A N   
102 N N   B SER A 13  ? 0.09680 0.11030 0.10200 0.03619  -0.02275 0.01850  929  SER A N   
103 C CA  A SER A 13  ? 0.09385 0.10719 0.10326 0.03117  -0.02631 0.02099  929  SER A CA  
104 C CA  B SER A 13  ? 0.09376 0.10719 0.10349 0.03128  -0.02629 0.02096  929  SER A CA  
105 C C   A SER A 13  ? 0.08842 0.10438 0.09060 0.02875  -0.02315 0.01850  929  SER A C   
106 C C   B SER A 13  ? 0.08860 0.10448 0.09053 0.02863  -0.02326 0.01859  929  SER A C   
107 O O   A SER A 13  ? 0.09034 0.10821 0.09724 0.02928  -0.02386 0.01828  929  SER A O   
108 O O   B SER A 13  ? 0.09135 0.10894 0.09731 0.02891  -0.02419 0.01856  929  SER A O   
109 C CB  A SER A 13  ? 0.10389 0.11357 0.10809 0.02660  -0.02998 0.02504  929  SER A CB  
110 C CB  B SER A 13  ? 0.10501 0.11485 0.11089 0.02684  -0.03017 0.02528  929  SER A CB  
111 O OG  A SER A 13  ? 0.10643 0.11621 0.10645 0.02436  -0.03143 0.02587  929  SER A OG  
112 O OG  B SER A 13  ? 0.10229 0.11115 0.09518 0.02414  -0.02813 0.02377  929  SER A OG  
113 N N   . ALA A 14  ? 0.08346 0.10029 0.07522 0.02716  -0.01955 0.01692  930  ALA A N   
114 C CA  . ALA A 14  ? 0.08043 0.10055 0.06733 0.02639  -0.01603 0.01504  930  ALA A CA  
115 C C   . ALA A 14  ? 0.07978 0.10208 0.06923 0.02830  -0.01408 0.01344  930  ALA A C   
116 O O   . ALA A 14  ? 0.07751 0.10196 0.06735 0.02828  -0.01308 0.01284  930  ALA A O   
117 C CB  . ALA A 14  ? 0.08009 0.10085 0.06092 0.02460  -0.01381 0.01422  930  ALA A CB  
118 N N   . ILE A 15  ? 0.07672 0.10144 0.06482 0.03411  -0.01214 0.01260  931  ILE A N   
119 C CA  . ILE A 15  ? 0.07996 0.10945 0.06864 0.03990  -0.00851 0.01085  931  ILE A CA  
120 C C   . ILE A 15  ? 0.08574 0.11735 0.09047 0.04092  -0.00936 0.01008  931  ILE A C   
121 O O   . ILE A 15  ? 0.08068 0.11587 0.08714 0.04147  -0.00713 0.00901  931  ILE A O   
122 C CB  . ILE A 15  ? 0.10824 0.13448 0.09428 0.04227  -0.00273 0.00707  931  ILE A CB  
123 C CG1 . ILE A 15  ? 0.11284 0.13456 0.07978 0.03802  -0.00356 0.00805  931  ILE A CG1 
124 C CG2 . ILE A 15  ? 0.12016 0.14522 0.11014 0.04034  0.00648  0.00116  931  ILE A CG2 
125 C CD1 . ILE A 15  ? 0.10278 0.12493 0.06002 0.03389  -0.00446 0.00924  931  ILE A CD1 
126 N N   . GLY A 16  ? 0.07835 0.10716 0.09591 0.04055  -0.01336 0.01099  932  GLY A N   
127 C CA  . GLY A 16  ? 0.07996 0.10990 0.11532 0.04040  -0.01595 0.01103  932  GLY A CA  
128 C C   . GLY A 16  ? 0.07540 0.10436 0.10557 0.03530  -0.01936 0.01319  932  GLY A C   
129 O O   . GLY A 16  ? 0.07294 0.10508 0.11270 0.03603  -0.01908 0.01231  932  GLY A O   
130 N N   . LYS A 17  ? 0.09909 0.12415 0.11533 0.03103  -0.02122 0.01509  933  LYS A N   
131 C CA  . LYS A 17  ? 0.10248 0.12775 0.11211 0.02907  -0.02191 0.01557  933  LYS A CA  
132 C C   . LYS A 17  ? 0.09820 0.12651 0.10229 0.02917  -0.01699 0.01330  933  LYS A C   
133 O O   . LYS A 17  ? 0.09749 0.12716 0.10352 0.02889  -0.01763 0.01320  933  LYS A O   
134 C CB  . LYS A 17  ? 0.10738 0.12991 0.10649 0.02676  -0.02218 0.01667  933  LYS A CB  
135 C CG  . LYS A 17  ? 0.11121 0.12976 0.11340 0.02574  -0.02803 0.02014  933  LYS A CG  
136 C CD  . LYS A 17  ? 0.12247 0.13837 0.11437 0.02334  -0.02757 0.02087  933  LYS A CD  
137 C CE  . LYS A 17  ? 0.13624 0.14795 0.12910 0.02145  -0.03300 0.02516  933  LYS A CE  
138 N NZ  . LYS A 17  ? 0.15282 0.16816 0.15211 0.02042  -0.03562 0.02967  933  LYS A NZ  
139 N N   . ILE A 18  ? 0.08543 0.11424 0.08261 0.02932  -0.01290 0.01200  934  ILE A N   
140 C CA  . ILE A 18  ? 0.07937 0.10996 0.07117 0.02915  -0.00936 0.01078  934  ILE A CA  
141 C C   . ILE A 18  ? 0.08539 0.12245 0.08341 0.03443  -0.00768 0.01014  934  ILE A C   
142 O O   . ILE A 18  ? 0.08704 0.12648 0.08360 0.03453  -0.00635 0.00995  934  ILE A O   
143 C CB  . ILE A 18  ? 0.08067 0.11054 0.06420 0.02901  -0.00684 0.01022  934  ILE A CB  
144 C CG1 . ILE A 18  ? 0.08292 0.11159 0.06469 0.02690  -0.00721 0.01038  934  ILE A CG1 
145 C CG2 . ILE A 18  ? 0.08881 0.12005 0.06652 0.02986  -0.00431 0.00973  934  ILE A CG2 
146 C CD1 . ILE A 18  ? 0.08868 0.11546 0.06675 0.02580  -0.00727 0.01034  934  ILE A CD1 
147 N N   . GLN A 19  ? 0.08653 0.12648 0.09628 0.03876  -0.00662 0.00877  935  GLN A N   
148 C CA  . GLN A 19  ? 0.09137 0.13672 0.11803 0.04195  -0.00174 0.00503  935  GLN A CA  
149 C C   . GLN A 19  ? 0.08935 0.13487 0.12658 0.03932  -0.00672 0.00606  935  GLN A C   
150 O O   . GLN A 19  ? 0.08911 0.13918 0.13114 0.03990  -0.00304 0.00414  935  GLN A O   
151 C CB  . GLN A 19  ? 0.09605 0.14107 0.13950 0.04447  0.00173  0.00119  935  GLN A CB  
152 C CG  . GLN A 19  ? 0.11535 0.15786 0.15066 0.04480  0.01288  -0.00396 935  GLN A CG  
153 C CD  . GLN A 19  ? 0.11613 0.15546 0.16510 0.04647  0.01630  -0.00808 935  GLN A CD  
154 O OE1 . GLN A 19  ? 0.11638 0.15494 0.17023 0.04921  0.00805  -0.00434 935  GLN A OE1 
155 N NE2 . GLN A 19  ? 0.13236 0.16826 0.18815 0.04352  0.02894  -0.01615 935  GLN A NE2 
156 N N   . ASP A 20  ? 0.12707 0.16716 0.16767 0.03608  -0.01446 0.00914  936  ASP A N   
157 C CA  . ASP A 20  ? 0.12643 0.16536 0.17472 0.03333  -0.01972 0.01128  936  ASP A CA  
158 C C   . ASP A 20  ? 0.12912 0.16725 0.16278 0.03116  -0.01855 0.01106  936  ASP A C   
159 O O   . ASP A 20  ? 0.12703 0.16820 0.16803 0.03140  -0.01917 0.01064  936  ASP A O   
160 C CB  . ASP A 20  ? 0.13597 0.17043 0.18144 0.03075  -0.02579 0.01572  936  ASP A CB  
161 C CG  . ASP A 20  ? 0.16786 0.20931 0.22322 0.03386  -0.02223 0.02111  936  ASP A CG  
162 O OD1 . ASP A 20  ? 0.17270 0.22172 0.23252 0.04150  -0.01736 0.01663  936  ASP A OD1 
163 O OD2 . ASP A 20  ? 0.19130 0.23277 0.23802 0.03562  -0.02504 0.02328  936  ASP A OD2 
164 N N   . SER A 21  ? 0.08831 0.12361 0.10352 0.02962  -0.01613 0.01142  937  SER A N   
165 C CA  A SER A 21  ? 0.08467 0.11975 0.08926 0.02822  -0.01401 0.01127  937  SER A CA  
166 C CA  B SER A 21  ? 0.08442 0.11951 0.08912 0.02822  -0.01406 0.01128  937  SER A CA  
167 C C   . SER A 21  ? 0.09062 0.13028 0.09527 0.03021  -0.01038 0.01033  937  SER A C   
168 O O   . SER A 21  ? 0.08962 0.12984 0.09304 0.02943  -0.01050 0.01042  937  SER A O   
169 C CB  A SER A 21  ? 0.09493 0.12819 0.08821 0.02727  -0.01099 0.01097  937  SER A CB  
170 C CB  B SER A 21  ? 0.09514 0.12832 0.08850 0.02722  -0.01119 0.01102  937  SER A CB  
171 O OG  A SER A 21  ? 0.10948 0.14063 0.10238 0.02659  -0.01348 0.01192  937  SER A OG  
172 O OG  B SER A 21  ? 0.08674 0.12018 0.07587 0.02764  -0.00784 0.01025  937  SER A OG  
173 N N   . LEU A 22  ? 0.08940 0.13462 0.09399 0.03461  -0.00622 0.00962  938  LEU A N   
174 C CA  . LEU A 22  ? 0.09567 0.14847 0.10002 0.03873  -0.00031 0.00873  938  LEU A CA  
175 C C   . LEU A 22  ? 0.09988 0.15804 0.12415 0.03878  0.00236  0.00547  938  LEU A C   
176 O O   . LEU A 22  ? 0.10120 0.16048 0.12369 0.03701  0.00569  0.00472  938  LEU A O   
177 C CB  . LEU A 22  ? 0.11072 0.15945 0.10923 0.03725  0.00770  0.00548  938  LEU A CB  
178 C CG  . LEU A 22  ? 0.11220 0.15509 0.08997 0.03618  0.00469  0.00868  938  LEU A CG  
179 C CD1 . LEU A 22  ? 0.12294 0.15893 0.09436 0.03284  0.01170  0.00484  938  LEU A CD1 
180 C CD2 . LEU A 22  ? 0.12204 0.15906 0.08765 0.03204  0.00335  0.01041  938  LEU A CD2 
181 N N   . SER A 23  ? 0.09603 0.15417 0.13931 0.03850  0.00052  0.00327  939  SER A N   
182 C CA  . SER A 23  ? 0.09772 0.16058 0.16398 0.03807  0.00147  0.00023  939  SER A CA  
183 C C   . SER A 23  ? 0.09963 0.16076 0.16275 0.03606  -0.00666 0.00369  939  SER A C   
184 O O   . SER A 23  ? 0.09473 0.16161 0.16823 0.03590  -0.00408 0.00186  939  SER A O   
185 C CB  . SER A 23  ? 0.10270 0.16536 0.18658 0.03900  0.00076  0.00222  939  SER A CB  
186 O OG  . SER A 23  ? 0.11155 0.17634 0.19428 0.04201  0.00834  -0.00306 939  SER A OG  
187 N N   . SER A 24  ? 0.09945 0.15178 0.14847 0.03333  -0.01446 0.00774  940  SER A N   
188 C CA  . SER A 24  ? 0.09833 0.14654 0.14252 0.03026  -0.01989 0.00990  940  SER A CA  
189 C C   . SER A 24  ? 0.09800 0.14807 0.12879 0.03056  -0.01596 0.00959  940  SER A C   
190 O O   . SER A 24  ? 0.10011 0.15262 0.13521 0.03016  -0.01758 0.00954  940  SER A O   
191 C CB  . SER A 24  ? 0.10518 0.14495 0.13755 0.02716  -0.02470 0.01263  940  SER A CB  
192 O OG  . SER A 24  ? 0.11573 0.15538 0.15865 0.02707  -0.02852 0.01489  940  SER A OG  
193 N N   . THR A 25  ? 0.08874 0.13768 0.10422 0.03120  -0.01150 0.01005  941  THR A N   
194 C CA  . THR A 25  ? 0.08667 0.13626 0.09036 0.03150  -0.00871 0.01099  941  THR A CA  
195 C C   . THR A 25  ? 0.10411 0.16463 0.11779 0.03473  -0.00364 0.00985  941  THR A C   
196 O O   . THR A 25  ? 0.10832 0.16736 0.11928 0.03246  -0.00342 0.01003  941  THR A O   
197 C CB  . THR A 25  ? 0.08844 0.13328 0.07832 0.03082  -0.00568 0.01153  941  THR A CB  
198 O OG1 . THR A 25  ? 0.09124 0.12754 0.08030 0.02647  -0.00767 0.01059  941  THR A OG1 
199 C CG2 . THR A 25  ? 0.09145 0.13209 0.07185 0.02913  -0.00429 0.01236  941  THR A CG2 
200 N N   . ALA A 26  ? 0.07952 0.14061 0.10272 0.03313  0.00427  0.00564  942  ALA A N   
201 C CA  . ALA A 26  ? 0.08337 0.14375 0.11461 0.02809  0.01462  0.00065  942  ALA A CA  
202 C C   . ALA A 26  ? 0.08591 0.15415 0.13887 0.02849  0.01155  -0.00082 942  ALA A C   
203 O O   . ALA A 26  ? 0.09446 0.16129 0.14804 0.02407  0.01660  -0.00269 942  ALA A O   
204 C CB  . ALA A 26  ? 0.09046 0.15036 0.13063 0.02653  0.02451  -0.00474 942  ALA A CB  
205 N N   . SER A 27  ? 0.08663 0.16211 0.15696 0.03319  0.00252  0.00026  943  SER A N   
206 C CA  . SER A 27  ? 0.08107 0.16256 0.17182 0.03299  -0.00292 -0.00040 943  SER A CA  
207 C C   . SER A 27  ? 0.08664 0.16616 0.16380 0.03200  -0.00891 0.00277  943  SER A C   
208 O O   . SER A 27  ? 0.09373 0.17543 0.18045 0.02878  -0.00744 0.00069  943  SER A O   
209 C CB  . SER A 27  ? 0.08648 0.16625 0.17848 0.03438  -0.01100 0.00370  943  SER A CB  
210 O OG  . SER A 27  ? 0.09383 0.17514 0.19236 0.03301  -0.01768 0.00373  943  SER A OG  
211 N N   . ALA A 28  ? 0.07442 0.14365 0.12752 0.03176  -0.01421 0.00702  944  ALA A N   
212 C CA  . ALA A 28  ? 0.07278 0.13685 0.11242 0.03004  -0.01844 0.00921  944  ALA A CA  
213 C C   . ALA A 28  ? 0.09084 0.15605 0.12294 0.02872  -0.01139 0.00871  944  ALA A C   
214 O O   . ALA A 28  ? 0.09547 0.15959 0.12818 0.02626  -0.01267 0.00839  944  ALA A O   
215 C CB  . ALA A 28  ? 0.07579 0.12562 0.09543 0.02720  -0.02070 0.01115  944  ALA A CB  
216 N N   . LEU A 29  ? 0.08329 0.14331 0.10426 0.02707  -0.00344 0.00818  945  LEU A N   
217 C CA  . LEU A 29  ? 0.09869 0.15049 0.10679 0.02193  0.00378  0.00766  945  LEU A CA  
218 C C   . LEU A 29  ? 0.10783 0.16227 0.13161 0.01683  0.01140  0.00305  945  LEU A C   
219 O O   . LEU A 29  ? 0.11731 0.16662 0.13510 0.01264  0.01377  0.00308  945  LEU A O   
220 C CB  . LEU A 29  ? 0.09672 0.14083 0.08842 0.02021  0.00963  0.00814  945  LEU A CB  
221 C CG  . LEU A 29  ? 0.08300 0.12342 0.05860 0.02415  0.00269  0.01271  945  LEU A CG  
222 C CD1 . LEU A 29  ? 0.08724 0.12082 0.04969 0.02190  0.00750  0.01266  945  LEU A CD1 
223 C CD2 . LEU A 29  ? 0.08348 0.11780 0.04655 0.02428  -0.00221 0.01612  945  LEU A CD2 
224 N N   . GLY A 30  ? 0.09540 0.15767 0.14097 0.01702  0.01556  -0.00124 946  GLY A N   
225 C CA  . GLY A 30  ? 0.09736 0.16398 0.16314 0.01222  0.02351  -0.00658 946  GLY A CA  
226 C C   . GLY A 30  ? 0.09684 0.16888 0.17562 0.01237  0.01543  -0.00595 946  GLY A C   
227 O O   . GLY A 30  ? 0.10622 0.17704 0.18945 0.00688  0.02105  -0.00841 946  GLY A O   
228 N N   . LYS A 31  ? 0.10866 0.18545 0.19199 0.01781  0.00219  -0.00270 947  LYS A N   
229 C CA  . LYS A 31  ? 0.10241 0.18241 0.19466 0.01729  -0.00687 -0.00197 947  LYS A CA  
230 C C   . LYS A 31  ? 0.11961 0.19046 0.18956 0.01462  -0.00716 0.00044  947  LYS A C   
231 O O   . LYS A 31  ? 0.12640 0.19746 0.20297 0.01079  -0.00766 -0.00103 947  LYS A O   
232 C CB  . LYS A 31  ? 0.08770 0.17165 0.18480 0.02252  -0.02107 0.00122  947  LYS A CB  
233 C CG  . LYS A 31  ? 0.08210 0.17135 0.19898 0.02406  -0.02200 -0.00042 947  LYS A CG  
234 C CD  . LYS A 31  ? 0.09848 0.18187 0.20047 0.02592  -0.03151 0.00426  947  LYS A CD  
235 C CE  . LYS A 31  ? 0.11425 0.19900 0.23084 0.02685  -0.03214 0.00284  947  LYS A CE  
236 N NZ  . LYS A 31  ? 0.13247 0.21147 0.23566 0.02792  -0.03990 0.00679  947  LYS A NZ  
237 N N   . LEU A 32  ? 0.09931 0.16196 0.14452 0.01659  -0.00720 0.00400  948  LEU A N   
238 C CA  . LEU A 32  ? 0.10938 0.16245 0.13548 0.01456  -0.00728 0.00614  948  LEU A CA  
239 C C   . LEU A 32  ? 0.13831 0.18544 0.16181 0.00786  0.00334  0.00402  948  LEU A C   
240 O O   . LEU A 32  ? 0.15486 0.19729 0.17531 0.00431  0.00322  0.00396  948  LEU A O   
241 C CB  . LEU A 32  ? 0.10555 0.15197 0.11036 0.01838  -0.00964 0.01005  948  LEU A CB  
242 C CG  . LEU A 32  ? 0.07765 0.12630 0.07889 0.02358  -0.01926 0.01232  948  LEU A CG  
243 C CD1 . LEU A 32  ? 0.07418 0.11672 0.06065 0.02588  -0.01850 0.01450  948  LEU A CD1 
244 C CD2 . LEU A 32  ? 0.08012 0.12518 0.07704 0.02276  -0.02468 0.01249  948  LEU A CD2 
245 N N   . GLN A 33  ? 0.13189 0.17770 0.15496 0.00528  0.01306  0.00205  949  GLN A N   
246 C CA  . GLN A 33  ? 0.14354 0.18168 0.16139 -0.00267 0.02459  -0.00030 949  GLN A CA  
247 C C   . GLN A 33  ? 0.14751 0.19266 0.18835 -0.00702 0.02783  -0.00474 949  GLN A C   
248 O O   . GLN A 33  ? 0.15683 0.19470 0.19155 -0.01323 0.03247  -0.00518 949  GLN A O   
249 C CB  . GLN A 33  ? 0.13690 0.17246 0.15113 -0.00537 0.03524  -0.00285 949  GLN A CB  
250 C CG  . GLN A 33  ? 0.15299 0.17863 0.15891 -0.01518 0.04914  -0.00591 949  GLN A CG  
251 C CD  . GLN A 33  ? 0.14368 0.16666 0.14682 -0.01845 0.06058  -0.00975 949  GLN A CD  
252 O OE1 . GLN A 33  ? 0.16434 0.17261 0.14112 -0.02369 0.06614  -0.00821 949  GLN A OE1 
253 N NE2 . GLN A 33  ? 0.14046 0.17660 0.17071 -0.01562 0.06362  -0.01486 949  GLN A NE2 
254 N N   A ASP A 34  ? 0.15901 0.21778 0.22737 -0.00411 0.02460  -0.00785 950  ASP A N   
255 N N   B ASP A 34  ? 0.15905 0.21783 0.22738 -0.00407 0.02463  -0.00786 950  ASP A N   
256 C CA  A ASP A 34  ? 0.15807 0.22504 0.25299 -0.00817 0.02658  -0.01238 950  ASP A CA  
257 C CA  B ASP A 34  ? 0.15757 0.22489 0.25294 -0.00788 0.02622  -0.01235 950  ASP A CA  
258 C C   A ASP A 34  ? 0.16715 0.23167 0.25795 -0.00894 0.01721  -0.00998 950  ASP A C   
259 C C   B ASP A 34  ? 0.16716 0.23166 0.25781 -0.00888 0.01724  -0.00996 950  ASP A C   
260 O O   A ASP A 34  ? 0.17065 0.23294 0.26631 -0.01546 0.02248  -0.01233 950  ASP A O   
261 O O   B ASP A 34  ? 0.17112 0.23308 0.26601 -0.01547 0.02280  -0.01228 950  ASP A O   
262 C CB  A ASP A 34  ? 0.13835 0.21993 0.26536 -0.00401 0.02234  -0.01553 950  ASP A CB  
263 C CB  B ASP A 34  ? 0.13803 0.21969 0.26398 -0.00312 0.02054  -0.01489 950  ASP A CB  
264 C CG  A ASP A 34  ? 0.14381 0.22847 0.28302 -0.00549 0.03565  -0.02067 950  ASP A CG  
265 C CG  B ASP A 34  ? 0.13908 0.23116 0.29851 -0.00676 0.02123  -0.01991 950  ASP A CG  
266 O OD1 A ASP A 34  ? 0.16987 0.24550 0.29417 -0.01180 0.04968  -0.02282 950  ASP A OD1 
267 O OD1 B ASP A 34  ? 0.15880 0.24820 0.32113 -0.01425 0.03258  -0.02358 950  ASP A OD1 
268 O OD2 A ASP A 34  ? 0.14584 0.24047 0.30835 -0.00074 0.03199  -0.02261 950  ASP A OD2 
269 O OD2 B ASP A 34  ? 0.13449 0.23682 0.31761 -0.00253 0.00993  -0.02004 950  ASP A OD2 
270 N N   . VAL A 35  ? 0.09677 0.16064 0.17760 -0.00303 0.00417  -0.00572 951  VAL A N   
271 C CA  . VAL A 35  ? 0.09991 0.16064 0.17643 -0.00400 -0.00457 -0.00430 951  VAL A CA  
272 C C   . VAL A 35  ? 0.12810 0.17499 0.18073 -0.00756 0.00022  -0.00233 951  VAL A C   
273 O O   . VAL A 35  ? 0.13585 0.17915 0.18983 -0.01211 -0.00023 -0.00336 951  VAL A O   
274 C CB  . VAL A 35  ? 0.08828 0.15058 0.15936 0.00215  -0.01838 -0.00113 951  VAL A CB  
275 C CG1 . VAL A 35  ? 0.09762 0.15380 0.15930 0.00044  -0.02596 -0.00026 951  VAL A CG1 
276 C CG2 . VAL A 35  ? 0.08141 0.15565 0.17758 0.00456  -0.02524 -0.00255 951  VAL A CG2 
277 N N   . VAL A 36  ? 0.13587 0.17408 0.16690 -0.00569 0.00387  0.00072  952  VAL A N   
278 C CA  . VAL A 36  ? 0.14720 0.17080 0.15640 -0.00898 0.00710  0.00326  952  VAL A CA  
279 C C   . VAL A 36  ? 0.15461 0.17391 0.16804 -0.01798 0.01770  0.00042  952  VAL A C   
280 O O   . VAL A 36  ? 0.16712 0.17785 0.17374 -0.02216 0.01764  0.00102  952  VAL A O   
281 C CB  . VAL A 36  ? 0.13740 0.15272 0.12542 -0.00583 0.00807  0.00716  952  VAL A CB  
282 C CG1 . VAL A 36  ? 0.14369 0.14244 0.11086 -0.01055 0.01178  0.00999  952  VAL A CG1 
283 C CG2 . VAL A 36  ? 0.12464 0.14205 0.10706 0.00210  -0.00208 0.00987  952  VAL A CG2 
284 N N   . ASN A 37  ? 0.15421 0.17893 0.17956 -0.02156 0.02775  -0.00325 953  ASN A N   
285 C CA  . ASN A 37  ? 0.15747 0.17765 0.18669 -0.03131 0.04029  -0.00681 953  ASN A CA  
286 C C   . ASN A 37  ? 0.15938 0.18880 0.21397 -0.03459 0.03873  -0.01078 953  ASN A C   
287 O O   . ASN A 37  ? 0.16708 0.18919 0.21913 -0.04241 0.04490  -0.01199 953  ASN A O   
288 C CB  . ASN A 37  ? 0.14738 0.17002 0.18235 -0.03481 0.05334  -0.01083 953  ASN A CB  
289 C CG  . ASN A 37  ? 0.15870 0.16748 0.16351 -0.03502 0.05638  -0.00698 953  ASN A CG  
290 O OD1 . ASN A 37  ? 0.16644 0.16129 0.14611 -0.03514 0.05135  -0.00149 953  ASN A OD1 
291 N ND2 . ASN A 37  ? 0.15256 0.16422 0.16034 -0.03544 0.06442  -0.01001 953  ASN A ND2 
292 N N   . GLN A 38  ? 0.21197 0.25648 0.29088 -0.02932 0.02986  -0.01259 954  GLN A N   
293 C CA  . GLN A 38  ? 0.20682 0.25965 0.30977 -0.03236 0.02531  -0.01580 954  GLN A CA  
294 C C   . GLN A 38  ? 0.23020 0.27266 0.31612 -0.03362 0.01783  -0.01274 954  GLN A C   
295 O O   . GLN A 38  ? 0.22940 0.27044 0.32378 -0.04036 0.02024  -0.01516 954  GLN A O   
296 C CB  . GLN A 38  ? 0.19338 0.26143 0.32140 -0.02618 0.01375  -0.01687 954  GLN A CB  
297 C CG  . GLN A 38  ? 0.18700 0.26708 0.34126 -0.02541 0.02091  -0.02130 954  GLN A CG  
298 C CD  . GLN A 38  ? 0.20016 0.29224 0.37486 -0.01824 0.00710  -0.02067 954  GLN A CD  
299 O OE1 . GLN A 38  ? 0.19598 0.28661 0.36266 -0.01466 -0.00765 -0.01687 954  GLN A OE1 
300 N NE2 . GLN A 38  ? 0.19082 0.29325 0.39083 -0.01650 0.01202  -0.02449 954  GLN A NE2 
301 N N   . ASN A 39  ? 0.15458 0.18938 0.21742 -0.02746 0.00950  -0.00792 955  ASN A N   
302 C CA  . ASN A 39  ? 0.16558 0.19005 0.21343 -0.02806 0.00288  -0.00583 955  ASN A CA  
303 C C   . ASN A 39  ? 0.18977 0.19819 0.21790 -0.03369 0.01123  -0.00405 955  ASN A C   
304 O O   . ASN A 39  ? 0.19901 0.19903 0.22150 -0.03714 0.00893  -0.00390 955  ASN A O   
305 C CB  . ASN A 39  ? 0.17120 0.19332 0.20428 -0.01993 -0.00779 -0.00245 955  ASN A CB  
306 C CG  . ASN A 39  ? 0.15174 0.18625 0.20087 -0.01605 -0.01778 -0.00366 955  ASN A CG  
307 O OD1 . ASN A 39  ? 0.15818 0.20232 0.23074 -0.01933 -0.01983 -0.00683 955  ASN A OD1 
308 N ND2 . ASN A 39  ? 0.14523 0.17859 0.18205 -0.00961 -0.02478 -0.00109 955  ASN A ND2 
309 N N   . ALA A 40  ? 0.16149 0.16384 0.17752 -0.03518 0.02031  -0.00252 956  ALA A N   
310 C CA  . ALA A 40  ? 0.17992 0.16542 0.17713 -0.04251 0.02842  -0.00065 956  ALA A CA  
311 C C   . ALA A 40  ? 0.18848 0.17568 0.20121 -0.05251 0.03747  -0.00527 956  ALA A C   
312 O O   . ALA A 40  ? 0.20258 0.17721 0.20518 -0.05854 0.03920  -0.00422 956  ALA A O   
313 C CB  . ALA A 40  ? 0.18665 0.16460 0.16670 -0.04333 0.03578  0.00168  956  ALA A CB  
314 N N   . GLN A 41  ? 0.21788 0.22054 0.25709 -0.05443 0.04342  -0.01064 957  GLN A N   
315 C CA  . GLN A 41  ? 0.22173 0.22885 0.28182 -0.06390 0.05250  -0.01609 957  GLN A CA  
316 C C   . GLN A 41  ? 0.22711 0.23728 0.29894 -0.06452 0.04250  -0.01692 957  GLN A C   
317 O O   . GLN A 41  ? 0.23278 0.23628 0.30583 -0.07318 0.04796  -0.01859 957  GLN A O   
318 C CB  . GLN A 41  ? 0.20256 0.22756 0.29408 -0.06419 0.05955  -0.02223 957  GLN A CB  
319 C CG  . GLN A 41  ? 0.21455 0.24856 0.33670 -0.07299 0.06791  -0.02902 957  GLN A CG  
320 C CD  . GLN A 41  ? 0.27858 0.29663 0.38433 -0.08504 0.08246  -0.02979 957  GLN A CD  
321 O OE1 . GLN A 41  ? 0.30107 0.31517 0.41006 -0.09090 0.08130  -0.03036 957  GLN A OE1 
322 N NE2 . GLN A 41  ? 0.28253 0.28975 0.36871 -0.08956 0.09609  -0.02971 957  GLN A NE2 
323 N N   . ALA A 42  ? 0.16257 0.18127 0.24114 -0.05625 0.02792  -0.01581 958  ALA A N   
324 C CA  . ALA A 42  ? 0.16306 0.18282 0.24937 -0.05730 0.01742  -0.01674 958  ALA A CA  
325 C C   . ALA A 42  ? 0.17726 0.17793 0.23721 -0.06008 0.01688  -0.01355 958  ALA A C   
326 O O   . ALA A 42  ? 0.18629 0.18306 0.25176 -0.06681 0.01698  -0.01561 958  ALA A O   
327 C CB  . ALA A 42  ? 0.15015 0.17864 0.24123 -0.04865 0.00221  -0.01561 958  ALA A CB  
328 N N   . LEU A 43  ? 0.18690 0.17519 0.21963 -0.05502 0.01599  -0.00859 959  LEU A N   
329 C CA  . LEU A 43  ? 0.20127 0.17048 0.21073 -0.05672 0.01470  -0.00531 959  LEU A CA  
330 C C   . LEU A 43  ? 0.21927 0.17660 0.22279 -0.06738 0.02641  -0.00540 959  LEU A C   
331 O O   . LEU A 43  ? 0.23164 0.17811 0.23018 -0.07262 0.02571  -0.00543 959  LEU A O   
332 C CB  . LEU A 43  ? 0.20051 0.16034 0.18665 -0.04869 0.01083  -0.00010 959  LEU A CB  
333 C CG  . LEU A 43  ? 0.21516 0.15496 0.17935 -0.04855 0.00796  0.00363  959  LEU A CG  
334 C CD1 . LEU A 43  ? 0.21737 0.15585 0.18635 -0.04830 0.00040  0.00095  959  LEU A CD1 
335 C CD2 . LEU A 43  ? 0.21237 0.14629 0.16006 -0.03990 0.00343  0.00818  959  LEU A CD2 
336 N N   . ASN A 44  ? 0.23976 0.19763 0.24244 -0.07150 0.03785  -0.00571 960  ASN A N   
337 C CA  . ASN A 44  ? 0.25622 0.20113 0.25061 -0.08326 0.05062  -0.00609 960  ASN A CA  
338 C C   . ASN A 44  ? 0.25547 0.20932 0.27588 -0.09167 0.05537  -0.01213 960  ASN A C   
339 O O   . ASN A 44  ? 0.26419 0.20482 0.27694 -0.10105 0.06128  -0.01206 960  ASN A O   
340 C CB  . ASN A 44  ? 0.25109 0.19406 0.23759 -0.08668 0.06282  -0.00610 960  ASN A CB  
341 C CG  . ASN A 44  ? 0.26120 0.19001 0.21741 -0.08116 0.05834  0.00073  960  ASN A CG  
342 O OD1 . ASN A 44  ? 0.27721 0.19002 0.21301 -0.07925 0.05077  0.00606  960  ASN A OD1 
343 N ND2 . ASN A 44  ? 0.25536 0.18966 0.20992 -0.07864 0.06268  0.00037  960  ASN A ND2 
344 N N   . THR A 45  ? 0.22703 0.20271 0.27910 -0.08872 0.05213  -0.01719 961  THR A N   
345 C CA  . THR A 45  ? 0.22561 0.21144 0.30655 -0.09605 0.05396  -0.02300 961  THR A CA  
346 C C   . THR A 45  ? 0.23294 0.21123 0.30841 -0.09640 0.04265  -0.02179 961  THR A C   
347 O O   . THR A 45  ? 0.24126 0.21646 0.32596 -0.10574 0.04680  -0.02468 961  THR A O   
348 C CB  . THR A 45  ? 0.20675 0.21701 0.32401 -0.09185 0.05019  -0.02794 961  THR A CB  
349 O OG1 . THR A 45  ? 0.20476 0.22087 0.32850 -0.09257 0.06298  -0.03019 961  THR A OG1 
350 C CG2 . THR A 45  ? 0.20733 0.22925 0.35837 -0.09920 0.04999  -0.03394 961  THR A CG2 
351 N N   . LEU A 46  ? 0.21973 0.19407 0.27988 -0.08698 0.02939  -0.01804 962  LEU A N   
352 C CA  . LEU A 46  ? 0.22642 0.19134 0.27853 -0.08728 0.01965  -0.01754 962  LEU A CA  
353 C C   . LEU A 46  ? 0.24750 0.19005 0.27680 -0.09402 0.02623  -0.01468 962  LEU A C   
354 O O   . LEU A 46  ? 0.25845 0.19498 0.29193 -0.10128 0.02598  -0.01680 962  LEU A O   
355 C CB  . LEU A 46  ? 0.21707 0.18122 0.25608 -0.07618 0.00672  -0.01488 962  LEU A CB  
356 C CG  . LEU A 46  ? 0.22566 0.17808 0.25313 -0.07583 -0.00245 -0.01502 962  LEU A CG  
357 C CD1 . LEU A 46  ? 0.22776 0.18793 0.27684 -0.08273 -0.00740 -0.02009 962  LEU A CD1 
358 C CD2 . LEU A 46  ? 0.21724 0.16965 0.23252 -0.06543 -0.01239 -0.01338 962  LEU A CD2 
359 N N   . VAL A 47  ? 0.25506 0.18401 0.25977 -0.09210 0.03126  -0.00956 963  VAL A N   
360 C CA  . VAL A 47  ? 0.27812 0.18341 0.25945 -0.09881 0.03646  -0.00575 963  VAL A CA  
361 C C   . VAL A 47  ? 0.29200 0.19563 0.28365 -0.11263 0.04917  -0.00919 963  VAL A C   
362 O O   . VAL A 47  ? 0.30871 0.19828 0.29382 -0.12000 0.05025  -0.00891 963  VAL A O   
363 C CB  . VAL A 47  ? 0.28533 0.17683 0.23989 -0.09512 0.03859  0.00068  963  VAL A CB  
364 C CG1 . VAL A 47  ? 0.31300 0.17807 0.24274 -0.10346 0.04340  0.00536  963  VAL A CG1 
365 C CG2 . VAL A 47  ? 0.27324 0.16542 0.21935 -0.08198 0.02627  0.00370  963  VAL A CG2 
366 N N   . LYS A 48  ? 0.30827 0.22601 0.31738 -0.11666 0.05970  -0.01303 964  LYS A N   
367 C CA  . LYS A 48  ? 0.32128 0.23823 0.34233 -0.13051 0.07423  -0.01736 964  LYS A CA  
368 C C   . LYS A 48  ? 0.31317 0.24047 0.36147 -0.13491 0.06978  -0.02272 964  LYS A C   
369 O O   . LYS A 48  ? 0.33100 0.24745 0.37716 -0.14521 0.07577  -0.02369 964  LYS A O   
370 C CB  . LYS A 48  ? 0.32026 0.25153 0.35789 -0.13315 0.08722  -0.02170 964  LYS A CB  
371 C CG  . LYS A 48  ? 0.34443 0.27921 0.39468 -0.14126 0.10028  -0.02650 964  LYS A CG  
372 C CD  . LYS A 48  ? 0.35021 0.30146 0.41862 -0.13900 0.11019  -0.03165 964  LYS A CD  
373 C CE  . LYS A 48  ? 0.32015 0.29826 0.43027 -0.13320 0.10241  -0.03689 964  LYS A CE  
374 N NZ  . LYS A 48  ? 0.34904 0.34335 0.48149 -0.13024 0.11128  -0.04263 964  LYS A NZ  
375 N N   . GLN A 49  ? 0.33885 0.28633 0.41173 -0.12719 0.05813  -0.02588 965  GLN A N   
376 C CA  . GLN A 49  ? 0.33817 0.29594 0.43782 -0.13167 0.05188  -0.03097 965  GLN A CA  
377 C C   . GLN A 49  ? 0.35406 0.29437 0.43512 -0.13303 0.04309  -0.02864 965  GLN A C   
378 O O   . GLN A 49  ? 0.36344 0.30520 0.46029 -0.14102 0.04197  -0.03255 965  GLN A O   
379 C CB  . GLN A 49  ? 0.32172 0.30269 0.44909 -0.12352 0.03963  -0.03402 965  GLN A CB  
380 C CG  . GLN A 49  ? 0.31793 0.31819 0.47340 -0.12367 0.04849  -0.03806 965  GLN A CG  
381 C CD  . GLN A 49  ? 0.34367 0.34925 0.51915 -0.13273 0.06130  -0.04252 965  GLN A CD  
382 O OE1 . GLN A 49  ? 0.36823 0.36780 0.53287 -0.13576 0.07662  -0.04233 965  GLN A OE1 
383 N NE2 . GLN A 49  ? 0.35367 0.36952 0.55353 -0.13485 0.05342  -0.04569 965  GLN A NE2 
384 N N   . LEU A 50  ? 0.28958 0.21349 0.33940 -0.12554 0.03699  -0.02285 966  LEU A N   
385 C CA  . LEU A 50  ? 0.30409 0.20897 0.33583 -0.12694 0.03059  -0.02103 966  LEU A CA  
386 C C   . LEU A 50  ? 0.32862 0.21292 0.34531 -0.13822 0.04179  -0.01895 966  LEU A C   
387 O O   . LEU A 50  ? 0.34287 0.21267 0.35168 -0.14249 0.03824  -0.01890 966  LEU A O   
388 C CB  . LEU A 50  ? 0.30115 0.19524 0.30782 -0.11509 0.02134  -0.01612 966  LEU A CB  
389 C CG  . LEU A 50  ? 0.28218 0.19103 0.29751 -0.10483 0.00884  -0.01805 966  LEU A CG  
390 C CD1 . LEU A 50  ? 0.27966 0.17865 0.27150 -0.09380 0.00373  -0.01345 966  LEU A CD1 
391 C CD2 . LEU A 50  ? 0.28535 0.19550 0.31075 -0.10794 -0.00063 -0.02265 966  LEU A CD2 
392 N N   . LEU A 51  ? 0.33609 0.21719 0.34699 -0.14380 0.05541  -0.01736 967  LEU A N   
393 C CA  . LEU A 51  ? 0.36241 0.22271 0.35292 -0.15251 0.06516  -0.01387 967  LEU A CA  
394 C C   . LEU A 51  ? 0.37041 0.24175 0.38125 -0.16078 0.07616  -0.01850 967  LEU A C   
395 O O   . LEU A 51  ? 0.39217 0.24949 0.39185 -0.16703 0.08016  -0.01690 967  LEU A O   
396 C CB  . LEU A 51  ? 0.37084 0.21859 0.33357 -0.14954 0.07033  -0.00757 967  LEU A CB  
397 C CG  . LEU A 51  ? 0.37036 0.20203 0.30754 -0.14067 0.05940  -0.00095 967  LEU A CG  
398 C CD1 . LEU A 51  ? 0.37650 0.20041 0.29178 -0.13826 0.06398  0.00448  967  LEU A CD1 
399 C CD2 . LEU A 51  ? 0.38976 0.19844 0.30880 -0.14144 0.05273  0.00292  967  LEU A CD2 
400 N N   . VAL A 52  ? 0.37405 0.26966 0.41481 -0.16056 0.08085  -0.02420 968  VAL A N   
401 C CA  . VAL A 52  ? 0.39895 0.30545 0.46026 -0.16751 0.09213  -0.02907 968  VAL A CA  
402 C C   . VAL A 52  ? 0.40768 0.31877 0.48894 -0.17222 0.08573  -0.03238 968  VAL A C   
403 O O   . VAL A 52  ? 0.39384 0.30854 0.48306 -0.16870 0.07190  -0.03310 968  VAL A O   
404 C CB  . VAL A 52  ? 0.39239 0.32299 0.48107 -0.16414 0.09808  -0.03428 968  VAL A CB  
405 C CG1 . VAL A 52  ? 0.40194 0.32542 0.46769 -0.16082 0.10588  -0.03129 968  VAL A CG1 
406 C CG2 . VAL A 52  ? 0.36660 0.31747 0.48359 -0.15744 0.08443  -0.03724 968  VAL A CG2 
407 N N   . PRO A 53  ? 0.43203 0.34204 0.52023 -0.18054 0.09507  -0.03473 969  PRO A N   
408 C CA  . PRO A 53  ? 0.46029 0.37540 0.56881 -0.18543 0.08857  -0.03789 969  PRO A CA  
409 C C   . PRO A 53  ? 0.46401 0.40637 0.61137 -0.18157 0.08014  -0.04337 969  PRO A C   
410 O O   . PRO A 53  ? 0.43890 0.39733 0.60149 -0.17673 0.08389  -0.04569 969  PRO A O   
411 C CB  . PRO A 53  ? 0.46551 0.37582 0.57430 -0.19504 0.10332  -0.03972 969  PRO A CB  
412 C CG  . PRO A 53  ? 0.47400 0.38774 0.57753 -0.19409 0.11745  -0.04083 969  PRO A CG  
413 C CD  . PRO A 53  ? 0.46142 0.36619 0.53997 -0.18618 0.11216  -0.03546 969  PRO A CD  
414 N N   . ARG A 54  ? 0.83974 0.78609 1.00170 -0.18339 0.06760  -0.04522 970  ARG A N   
415 C CA  . ARG A 54  ? 0.81912 0.78609 1.00848 -0.17793 0.05310  -0.04845 970  ARG A CA  
416 C C   . ARG A 54  ? 0.82044 0.81145 1.03997 -0.17422 0.05825  -0.05229 970  ARG A C   
417 O O   . ARG A 54  ? 0.82946 0.83851 1.07457 -0.16986 0.04627  -0.05481 970  ARG A O   
418 C CB  . ARG A 54  ? 0.84433 0.81521 1.05032 -0.18294 0.04161  -0.05105 970  ARG A CB  
419 N N   . ILE A 79  ? 0.59332 0.35171 0.44552 -0.10196 0.01412  0.02493  1169 ILE A N   
420 C CA  . ILE A 79  ? 0.55579 0.33852 0.42020 -0.09524 0.01491  0.02231  1169 ILE A CA  
421 C C   . ILE A 79  ? 0.56344 0.34774 0.42078 -0.10317 0.02537  0.02427  1169 ILE A C   
422 O O   . ILE A 79  ? 0.53805 0.34158 0.40556 -0.09942 0.02804  0.02191  1169 ILE A O   
423 C CB  . ILE A 79  ? 0.52807 0.33501 0.41834 -0.09323 0.01424  0.01393  1169 ILE A CB  
424 C CG1 . ILE A 79  ? 0.53993 0.35309 0.44310 -0.10602 0.02382  0.00946  1169 ILE A CG1 
425 C CG2 . ILE A 79  ? 0.54304 0.34511 0.43611 -0.08722 0.00517  0.01135  1169 ILE A CG2 
426 C CD1 . ILE A 79  ? 0.53056 0.36916 0.46122 -0.10466 0.02209  0.00193  1169 ILE A CD1 
427 N N   . SER A 80  ? 0.60888 0.37391 0.44891 -0.11334 0.03130  0.02802  1170 SER A N   
428 C CA  . SER A 80  ? 0.61152 0.38168 0.44648 -0.12005 0.04253  0.02753  1170 SER A CA  
429 C C   . SER A 80  ? 0.61540 0.38595 0.43711 -0.11366 0.03973  0.03167  1170 SER A C   
430 O O   . SER A 80  ? 0.61991 0.40168 0.44464 -0.11685 0.04884  0.02890  1170 SER A O   
431 C CB  . SER A 80  ? 0.65808 0.41257 0.47793 -0.12809 0.04698  0.02946  1170 SER A CB  
432 O OG  . SER A 80  ? 0.69700 0.43257 0.49348 -0.12327 0.03746  0.03677  1170 SER A OG  
433 N N   . GLY A 81  ? 0.63160 0.39123 0.44106 -0.10431 0.02721  0.03753  1171 GLY A N   
434 C CA  . GLY A 81  ? 0.62348 0.38395 0.42171 -0.09812 0.02296  0.04126  1171 GLY A CA  
435 C C   . GLY A 81  ? 0.60159 0.37788 0.41165 -0.09035 0.02072  0.04005  1171 GLY A C   
436 O O   . GLY A 81  ? 0.60725 0.38497 0.40992 -0.08349 0.01513  0.04318  1171 GLY A O   
437 N N   . ILE A 82  ? 0.46055 0.25576 0.29403 -0.08872 0.02340  0.03363  1172 ILE A N   
438 C CA  . ILE A 82  ? 0.42058 0.23938 0.27171 -0.07725 0.01890  0.03016  1172 ILE A CA  
439 C C   . ILE A 82  ? 0.42699 0.26291 0.28789 -0.08114 0.02924  0.02609  1172 ILE A C   
440 O O   . ILE A 82  ? 0.42110 0.26507 0.29534 -0.08945 0.03891  0.02088  1172 ILE A O   
441 C CB  . ILE A 82  ? 0.40779 0.23973 0.27968 -0.07137 0.01346  0.02467  1172 ILE A CB  
442 C CG1 . ILE A 82  ? 0.42687 0.24081 0.28953 -0.06714 0.00438  0.02781  1172 ILE A CG1 
443 C CG2 . ILE A 82  ? 0.39243 0.24700 0.27994 -0.06102 0.00925  0.02133  1172 ILE A CG2 
444 C CD1 . ILE A 82  ? 0.43051 0.25138 0.30850 -0.06484 0.00093  0.02195  1172 ILE A CD1 
445 N N   . ASN A 83  ? 0.48031 0.32217 0.33680 -0.07503 0.02726  0.02801  1173 ASN A N   
446 C CA  . ASN A 83  ? 0.47655 0.33145 0.33960 -0.07855 0.03737  0.02451  1173 ASN A CA  
447 C C   . ASN A 83  ? 0.45416 0.32569 0.32641 -0.06675 0.03075  0.02403  1173 ASN A C   
448 O O   . ASN A 83  ? 0.46197 0.32543 0.32039 -0.06013 0.02222  0.02927  1173 ASN A O   
449 C CB  . ASN A 83  ? 0.50895 0.34355 0.34470 -0.08859 0.04519  0.02875  1173 ASN A CB  
450 C CG  . ASN A 83  ? 0.51525 0.36069 0.35817 -0.09533 0.05965  0.02331  1173 ASN A CG  
451 O OD1 . ASN A 83  ? 0.52225 0.39055 0.39377 -0.09303 0.06393  0.01639  1173 ASN A OD1 
452 N ND2 . ASN A 83  ? 0.56002 0.39636 0.38521 -0.09834 0.06299  0.02340  1173 ASN A ND2 
453 N N   . ALA A 84  ? 0.30809 0.20234 0.20468 -0.06432 0.03410  0.01789  1174 ALA A N   
454 C CA  . ALA A 84  ? 0.28962 0.19925 0.19469 -0.05434 0.02893  0.01731  1174 ALA A CA  
455 C C   . ALA A 84  ? 0.28823 0.19724 0.18467 -0.05754 0.03698  0.01767  1174 ALA A C   
456 O O   . ALA A 84  ? 0.29872 0.20657 0.19662 -0.06714 0.04943  0.01441  1174 ALA A O   
457 C CB  . ALA A 84  ? 0.28951 0.22160 0.22327 -0.05056 0.02733  0.01127  1174 ALA A CB  
458 N N   . SER A 85  ? 0.32879 0.23826 0.21655 -0.04996 0.03050  0.02106  1175 SER A N   
459 C CA  . SER A 85  ? 0.33406 0.24125 0.21076 -0.05242 0.03647  0.02170  1175 SER A CA  
460 C C   . SER A 85  ? 0.31977 0.24921 0.21982 -0.04853 0.04065  0.01590  1175 SER A C   
461 O O   . SER A 85  ? 0.30648 0.25218 0.22735 -0.04124 0.03453  0.01345  1175 SER A O   
462 C CB  . SER A 85  ? 0.34911 0.24586 0.20655 -0.04626 0.02614  0.02831  1175 SER A CB  
463 O OG  . SER A 85  ? 0.38922 0.26333 0.22496 -0.05009 0.02137  0.03432  1175 SER A OG  
464 N N   . VAL A 86  ? 0.29978 0.22809 0.19486 -0.05395 0.05105  0.01370  1176 VAL A N   
465 C CA  . VAL A 86  ? 0.28620 0.23315 0.20208 -0.05016 0.05519  0.00850  1176 VAL A CA  
466 C C   . VAL A 86  ? 0.27423 0.21792 0.17494 -0.04541 0.05125  0.01176  1176 VAL A C   
467 O O   . VAL A 86  ? 0.29433 0.22004 0.16765 -0.04806 0.04855  0.01714  1176 VAL A O   
468 C CB  . VAL A 86  ? 0.31031 0.26143 0.23914 -0.05967 0.07183  0.00136  1176 VAL A CB  
469 C CG1 . VAL A 86  ? 0.30621 0.26418 0.25615 -0.06354 0.07432  -0.00238 1176 VAL A CG1 
470 C CG2 . VAL A 86  ? 0.32697 0.25670 0.22622 -0.07088 0.08285  0.00262  1176 VAL A CG2 
471 N N   . VAL A 87  ? 0.23253 0.19325 0.15165 -0.03847 0.04979  0.00875  1177 VAL A N   
472 C CA  . VAL A 87  ? 0.22571 0.18592 0.13439 -0.03351 0.04588  0.01112  1177 VAL A CA  
473 C C   . VAL A 87  ? 0.22301 0.18949 0.14047 -0.03705 0.05791  0.00524  1177 VAL A C   
474 O O   . VAL A 87  ? 0.22879 0.20832 0.17185 -0.03822 0.06502  -0.00093 1177 VAL A O   
475 C CB  . VAL A 87  ? 0.20688 0.17953 0.12683 -0.02176 0.03276  0.01328  1177 VAL A CB  
476 C CG1 . VAL A 87  ? 0.20658 0.19896 0.15624 -0.01771 0.03321  0.00817  1177 VAL A CG1 
477 C CG2 . VAL A 87  ? 0.20446 0.17374 0.11052 -0.01731 0.02767  0.01677  1177 VAL A CG2 
478 N N   . ASN A 88  ? 0.21528 0.17162 0.11214 -0.03908 0.06002  0.00688  1178 ASN A N   
479 C CA  . ASN A 88  ? 0.21645 0.17774 0.12143 -0.04101 0.06965  0.00095  1178 ASN A CA  
480 C C   . ASN A 88  ? 0.20906 0.16984 0.10468 -0.03433 0.06000  0.00441  1178 ASN A C   
481 O O   . ASN A 88  ? 0.22719 0.17544 0.10503 -0.03579 0.05416  0.00759  1178 ASN A O   
482 C CB  . ASN A 88  ? 0.24253 0.19067 0.13821 -0.05055 0.07866  -0.00277 1178 ASN A CB  
483 C CG  . ASN A 88  ? 0.26117 0.21323 0.16716 -0.05242 0.08831  -0.00991 1178 ASN A CG  
484 O OD1 . ASN A 88  ? 0.23460 0.19755 0.15199 -0.04619 0.08666  -0.01110 1178 ASN A OD1 
485 N ND2 . ASN A 88  ? 0.28814 0.23047 0.19034 -0.06122 0.09881  -0.01516 1178 ASN A ND2 
486 N N   . ILE A 89  ? 0.18045 0.15626 0.09280 -0.02772 0.05956  0.00244  1179 ILE A N   
487 C CA  . ILE A 89  ? 0.17379 0.15184 0.08127 -0.02139 0.05206  0.00474  1179 ILE A CA  
488 C C   . ILE A 89  ? 0.18586 0.17273 0.10987 -0.02160 0.06182  -0.00212 1179 ILE A C   
489 O O   . ILE A 89  ? 0.16756 0.16201 0.09766 -0.01517 0.05712  -0.00173 1179 ILE A O   
490 C CB  . ILE A 89  ? 0.15580 0.14424 0.07246 -0.01105 0.03805  0.00906  1179 ILE A CB  
491 C CG1 . ILE A 89  ? 0.13501 0.14031 0.08125 -0.00639 0.03667  0.00580  1179 ILE A CG1 
492 C CG2 . ILE A 89  ? 0.16204 0.13970 0.06112 -0.01046 0.02871  0.01548  1179 ILE A CG2 
493 C CD1 . ILE A 89  ? 0.12976 0.14527 0.08494 0.00309  0.02440  0.00873  1179 ILE A CD1 
494 N N   . GLN A 90  ? 0.20358 0.18924 0.13695 -0.02825 0.07361  -0.00829 1180 GLN A N   
495 C CA  . GLN A 90  ? 0.21890 0.21283 0.17269 -0.02773 0.08194  -0.01543 1180 GLN A CA  
496 C C   . GLN A 90  ? 0.19837 0.18356 0.13616 -0.02793 0.07993  -0.01486 1180 GLN A C   
497 O O   . GLN A 90  ? 0.19514 0.18910 0.14782 -0.02358 0.08134  -0.01804 1180 GLN A O   
498 C CB  . GLN A 90  ? 0.24613 0.23985 0.21507 -0.03462 0.09406  -0.02252 1180 GLN A CB  
499 C CG  . GLN A 90  ? 0.25213 0.25843 0.25231 -0.03173 0.09995  -0.02977 1180 GLN A CG  
500 C CD  . GLN A 90  ? 0.22512 0.25120 0.25530 -0.02272 0.09297  -0.02937 1180 GLN A CD  
501 O OE1 . GLN A 90  ? 0.24557 0.27917 0.28635 -0.02169 0.08963  -0.02778 1180 GLN A OE1 
502 N NE2 . GLN A 90  ? 0.24334 0.27725 0.28771 -0.01632 0.08960  -0.03068 1180 GLN A NE2 
503 N N   . LYS A 91  ? 0.25139 0.22045 0.16249 -0.03253 0.07576  -0.01100 1181 LYS A N   
504 C CA  . LYS A 91  ? 0.26369 0.22564 0.16286 -0.03317 0.07371  -0.01101 1181 LYS A CA  
505 C C   . LYS A 91  ? 0.24306 0.21494 0.14627 -0.02410 0.06344  -0.00701 1181 LYS A C   
506 O O   . LYS A 91  ? 0.24137 0.21599 0.14878 -0.02219 0.06480  -0.00949 1181 LYS A O   
507 C CB  . LYS A 91  ? 0.29189 0.23576 0.16499 -0.03934 0.06904  -0.00725 1181 LYS A CB  
508 C CG  . LYS A 91  ? 0.30943 0.24585 0.16995 -0.04011 0.06487  -0.00645 1181 LYS A CG  
509 C CD  . LYS A 91  ? 0.37131 0.28881 0.20802 -0.04756 0.06149  -0.00389 1181 LYS A CD  
510 C CE  . LYS A 91  ? 0.36936 0.28738 0.20141 -0.04249 0.04692  0.00394  1181 LYS A CE  
511 N NZ  . LYS A 91  ? 0.42367 0.32506 0.23808 -0.04974 0.04556  0.00601  1181 LYS A NZ  
512 N N   . GLU A 92  ? 0.21701 0.19370 0.11913 -0.01875 0.05332  -0.00113 1182 GLU A N   
513 C CA  . GLU A 92  ? 0.19032 0.17604 0.09625 -0.01061 0.04321  0.00255  1182 GLU A CA  
514 C C   . GLU A 92  ? 0.18032 0.17915 0.10591 -0.00562 0.04852  -0.00156 1182 GLU A C   
515 O O   . GLU A 92  ? 0.16976 0.17292 0.09837 -0.00131 0.04535  -0.00155 1182 GLU A O   
516 C CB  . GLU A 92  ? 0.18074 0.16803 0.08351 -0.00681 0.03168  0.00880  1182 GLU A CB  
517 C CG  . GLU A 92  ? 0.20398 0.18058 0.09371 -0.00961 0.02495  0.01277  1182 GLU A CG  
518 C CD  . GLU A 92  ? 0.23129 0.19651 0.11174 -0.01589 0.02941  0.01276  1182 GLU A CD  
519 O OE1 . GLU A 92  ? 0.27381 0.23143 0.14607 -0.01658 0.02229  0.01670  1182 GLU A OE1 
520 O OE2 . GLU A 92  ? 0.26537 0.22991 0.14906 -0.02044 0.04053  0.00831  1182 GLU A OE2 
521 N N   . ILE A 93  ? 0.15361 0.16006 0.09741 -0.00575 0.05536  -0.00521 1183 ILE A N   
522 C CA  . ILE A 93  ? 0.13374 0.15655 0.10937 0.00087  0.05423  -0.00864 1183 ILE A CA  
523 C C   . ILE A 93  ? 0.14244 0.16457 0.12495 -0.00135 0.06534  -0.01528 1183 ILE A C   
524 O O   . ILE A 93  ? 0.13102 0.16023 0.12557 0.00471  0.06073  -0.01543 1183 ILE A O   
525 C CB  . ILE A 93  ? 0.14013 0.17184 0.13857 0.00053  0.05603  -0.01115 1183 ILE A CB  
526 C CG1 . ILE A 93  ? 0.13069 0.16415 0.12485 0.00404  0.04376  -0.00504 1183 ILE A CG1 
527 C CG2 . ILE A 93  ? 0.13636 0.18228 0.16878 0.00513  0.05689  -0.01591 1183 ILE A CG2 
528 C CD1 . ILE A 93  ? 0.17043 0.20850 0.18011 0.00131  0.04611  -0.00727 1183 ILE A CD1 
529 N N   . ASP A 94  ? 0.17426 0.18665 0.14994 -0.00932 0.07415  -0.01909 1184 ASP A N   
530 C CA  . ASP A 94  ? 0.18138 0.19106 0.16366 -0.01138 0.08098  -0.02469 1184 ASP A CA  
531 C C   . ASP A 94  ? 0.18555 0.18960 0.15083 -0.00955 0.07561  -0.02198 1184 ASP A C   
532 O O   . ASP A 94  ? 0.18379 0.19157 0.16105 -0.00674 0.07759  -0.02539 1184 ASP A O   
533 C CB  . ASP A 94  ? 0.20904 0.20602 0.18243 -0.02126 0.09134  -0.02911 1184 ASP A CB  
534 C CG  . ASP A 94  ? 0.20683 0.20985 0.20124 -0.02363 0.09813  -0.03333 1184 ASP A CG  
535 O OD1 . ASP A 94  ? 0.20045 0.21887 0.22209 -0.01727 0.09475  -0.03390 1184 ASP A OD1 
536 O OD2 . ASP A 94  ? 0.23869 0.23046 0.22319 -0.03218 0.10633  -0.03634 1184 ASP A OD2 
537 N N   . ARG A 95  ? 0.20467 0.19995 0.14437 -0.01090 0.06746  -0.01571 1185 ARG A N   
538 C CA  . ARG A 95  ? 0.20584 0.19652 0.13157 -0.00948 0.06050  -0.01284 1185 ARG A CA  
539 C C   . ARG A 95  ? 0.19139 0.19424 0.12976 -0.00087 0.05497  -0.01149 1185 ARG A C   
540 O O   . ARG A 95  ? 0.18500 0.18749 0.12379 0.00055  0.05477  -0.01298 1185 ARG A O   
541 C CB  . ARG A 95  ? 0.21818 0.19989 0.12248 -0.01164 0.05034  -0.00618 1185 ARG A CB  
542 C CG  . ARG A 95  ? 0.22027 0.19807 0.11438 -0.01107 0.04284  -0.00364 1185 ARG A CG  
543 C CD  . ARG A 95  ? 0.26088 0.22722 0.14641 -0.01758 0.05081  -0.00854 1185 ARG A CD  
544 N NE  . ARG A 95  ? 0.25835 0.22203 0.13588 -0.01668 0.04336  -0.00618 1185 ARG A NE  
545 C CZ  . ARG A 95  ? 0.25939 0.22231 0.13865 -0.01679 0.04719  -0.00987 1185 ARG A CZ  
546 N NH1 . ARG A 95  ? 0.26474 0.22974 0.15569 -0.01730 0.05856  -0.01644 1185 ARG A NH1 
547 N NH2 . ARG A 95  ? 0.25983 0.22027 0.13170 -0.01635 0.03978  -0.00735 1185 ARG A NH2 
548 N N   . LEU A 96  ? 0.16339 0.17477 0.11030 0.00453  0.05078  -0.00854 1186 LEU A N   
549 C CA  . LEU A 96  ? 0.14251 0.16494 0.10434 0.01343  0.04122  -0.00567 1186 LEU A CA  
550 C C   . LEU A 96  ? 0.14364 0.17397 0.13121 0.01631  0.04669  -0.01141 1186 LEU A C   
551 O O   . LEU A 96  ? 0.13814 0.17082 0.13014 0.02046  0.04245  -0.01077 1186 LEU A O   
552 C CB  . LEU A 96  ? 0.13612 0.16679 0.10649 0.01824  0.03131  -0.00092 1186 LEU A CB  
553 C CG  . LEU A 96  ? 0.13616 0.16056 0.08580 0.01764  0.02368  0.00514  1186 LEU A CG  
554 C CD1 . LEU A 96  ? 0.13338 0.16526 0.09335 0.02155  0.01666  0.00792  1186 LEU A CD1 
555 C CD2 . LEU A 96  ? 0.14089 0.16097 0.08406 0.01842  0.01462  0.00825  1186 LEU A CD2 
556 N N   . ASN A 97  ? 0.12097 0.15541 0.12765 0.01414  0.05592  -0.01718 1187 ASN A N   
557 C CA  . ASN A 97  ? 0.11863 0.16000 0.15303 0.01682  0.06016  -0.02285 1187 ASN A CA  
558 C C   . ASN A 97  ? 0.13323 0.16479 0.15698 0.01282  0.06652  -0.02660 1187 ASN A C   
559 O O   . ASN A 97  ? 0.12960 0.16431 0.16779 0.01677  0.06511  -0.02845 1187 ASN A O   
560 C CB  . ASN A 97  ? 0.12089 0.16687 0.17613 0.01429  0.06447  -0.02666 1187 ASN A CB  
561 C CG  . ASN A 97  ? 0.10586 0.16339 0.17872 0.01945  0.05492  -0.02315 1187 ASN A CG  
562 O OD1 . ASN A 97  ? 0.09806 0.16214 0.17946 0.02636  0.04325  -0.01894 1187 ASN A OD1 
563 N ND2 . ASN A 97  ? 0.11662 0.17511 0.19327 0.01536  0.05873  -0.02447 1187 ASN A ND2 
564 N N   . GLU A 98  ? 0.16933 0.18777 0.16740 0.00475  0.07198  -0.02713 1188 GLU A N   
565 C CA  . GLU A 98  ? 0.18467 0.19236 0.17070 0.00015  0.07698  -0.03037 1188 GLU A CA  
566 C C   . GLU A 98  ? 0.18296 0.19018 0.15899 0.00430  0.06966  -0.02706 1188 GLU A C   
567 O O   . GLU A 98  ? 0.18712 0.19292 0.16968 0.00523  0.07239  -0.03057 1188 GLU A O   
568 C CB  . GLU A 98  ? 0.21015 0.20289 0.17001 -0.00935 0.08083  -0.03006 1188 GLU A CB  
569 C CG  . GLU A 98  ? 0.24156 0.22165 0.19006 -0.01577 0.08749  -0.03441 1188 GLU A CG  
570 C CD  . GLU A 98  ? 0.27866 0.24265 0.20062 -0.02522 0.08920  -0.03327 1188 GLU A CD  
571 O OE1 . GLU A 98  ? 0.28133 0.24419 0.19334 -0.02593 0.08365  -0.02829 1188 GLU A OE1 
572 O OE2 . GLU A 98  ? 0.33407 0.28562 0.24524 -0.03216 0.09591  -0.03740 1188 GLU A OE2 
573 N N   . VAL A 99  ? 0.16448 0.17228 0.12514 0.00651  0.06024  -0.02039 1189 VAL A N   
574 C CA  . VAL A 99  ? 0.15897 0.16599 0.11018 0.00992  0.05262  -0.01682 1189 VAL A CA  
575 C C   . VAL A 99  ? 0.15167 0.16943 0.12763 0.01865  0.04963  -0.01703 1189 VAL A C   
576 O O   . VAL A 99  ? 0.15314 0.16908 0.12953 0.02034  0.04828  -0.01777 1189 VAL A O   
577 C CB  . VAL A 99  ? 0.15863 0.16423 0.09286 0.00981  0.04034  -0.00888 1189 VAL A CB  
578 C CG1 . VAL A 99  ? 0.15093 0.15737 0.08247 0.01366  0.03062  -0.00466 1189 VAL A CG1 
579 C CG2 . VAL A 99  ? 0.17721 0.17412 0.09398 0.00221  0.03853  -0.00737 1189 VAL A CG2 
580 N N   . ALA A 100 ? 0.13158 0.16052 0.12925 0.02361  0.04532  -0.01553 1190 ALA A N   
581 C CA  . ALA A 100 ? 0.12174 0.16003 0.14380 0.03095  0.03842  -0.01448 1190 ALA A CA  
582 C C   . ALA A 100 ? 0.13251 0.16944 0.17174 0.03113  0.04754  -0.02185 1190 ALA A C   
583 O O   . ALA A 100 ? 0.13473 0.17271 0.18231 0.03548  0.04229  -0.02074 1190 ALA A O   
584 C CB  . ALA A 100 ? 0.11606 0.16443 0.15790 0.03455  0.03296  -0.01263 1190 ALA A CB  
585 N N   . LYS A 101 ? 0.13707 0.16943 0.17727 0.02499  0.05827  -0.02802 1191 LYS A N   
586 C CA  . LYS A 101 ? 0.14735 0.17636 0.20097 0.02370  0.06422  -0.03379 1191 LYS A CA  
587 C C   . LYS A 101 ? 0.15761 0.17548 0.19009 0.01999  0.06861  -0.03578 1191 LYS A C   
588 O O   . LYS A 101 ? 0.16137 0.17882 0.20362 0.02326  0.06734  -0.03721 1191 LYS A O   
589 C CB  . LYS A 101 ? 0.16568 0.19226 0.22721 0.01748  0.07432  -0.03939 1191 LYS A CB  
590 C CG  . LYS A 101 ? 0.18538 0.20757 0.26128 0.01494  0.08271  -0.04634 1191 LYS A CG  
591 C CD  . LYS A 101 ? 0.23725 0.25788 0.32415 0.00885  0.09292  -0.05212 1191 LYS A CD  
592 C CE  . LYS A 101 ? 0.28021 0.28683 0.34946 -0.00078 0.10615  -0.05809 1191 LYS A CE  
593 N NZ  . LYS A 101 ? 0.29394 0.29967 0.38625 -0.00464 0.11687  -0.06609 1191 LYS A NZ  
594 N N   . ASN A 102 ? 0.15781 0.16606 0.16131 0.01311  0.07153  -0.03492 1192 ASN A N   
595 C CA  . ASN A 102 ? 0.17407 0.17015 0.15668 0.00795  0.07420  -0.03661 1192 ASN A CA  
596 C C   . ASN A 102 ? 0.16204 0.15840 0.13599 0.01237  0.06611  -0.03264 1192 ASN A C   
597 O O   . ASN A 102 ? 0.17193 0.15961 0.13441 0.00925  0.06757  -0.03460 1192 ASN A O   
598 C CB  . ASN A 102 ? 0.20332 0.18749 0.15806 -0.00125 0.07605  -0.03543 1192 ASN A CB  
599 C CG  . ASN A 102 ? 0.21428 0.19416 0.17474 -0.00742 0.08668  -0.04060 1192 ASN A CG  
600 O OD1 . ASN A 102 ? 0.22238 0.20579 0.20573 -0.00649 0.09426  -0.04649 1192 ASN A OD1 
601 N ND2 . ASN A 102 ? 0.24179 0.21314 0.18214 -0.01412 0.08684  -0.03840 1192 ASN A ND2 
602 N N   . LEU A 103 ? 0.12569 0.13072 0.10454 0.01921  0.05742  -0.02666 1193 LEU A N   
603 C CA  . LEU A 103 ? 0.11818 0.12451 0.09273 0.02311  0.04587  -0.02090 1193 LEU A CA  
604 C C   . LEU A 103 ? 0.11737 0.12417 0.11061 0.02690  0.04770  -0.02459 1193 LEU A C   
605 O O   . LEU A 103 ? 0.11960 0.12323 0.10524 0.02766  0.04184  -0.02193 1193 LEU A O   
606 C CB  . LEU A 103 ? 0.10136 0.11774 0.07998 0.02861  0.03258  -0.01237 1193 LEU A CB  
607 C CG  . LEU A 103 ? 0.10252 0.11640 0.05840 0.02562  0.02674  -0.00696 1193 LEU A CG  
608 C CD1 . LEU A 103 ? 0.08730 0.11126 0.05161 0.03086  0.01722  -0.00085 1193 LEU A CD1 
609 C CD2 . LEU A 103 ? 0.10832 0.11570 0.04597 0.02324  0.02161  -0.00444 1193 LEU A CD2 
610 N N   . ASN A 104 ? 0.12649 0.13684 0.14544 0.02917  0.05565  -0.03086 1194 ASN A N   
611 C CA  . ASN A 104 ? 0.12558 0.13430 0.16278 0.03219  0.05771  -0.03500 1194 ASN A CA  
612 C C   . ASN A 104 ? 0.14811 0.14374 0.16536 0.02603  0.06485  -0.03968 1194 ASN A C   
613 O O   . ASN A 104 ? 0.15386 0.14600 0.17674 0.02874  0.06348  -0.04077 1194 ASN A O   
614 C CB  . ASN A 104 ? 0.12948 0.14239 0.19168 0.03209  0.06131  -0.03901 1194 ASN A CB  
615 C CG  . ASN A 104 ? 0.12484 0.14913 0.20764 0.03794  0.05102  -0.03379 1194 ASN A CG  
616 O OD1 . ASN A 104 ? 0.11602 0.14440 0.20204 0.04353  0.03914  -0.02723 1194 ASN A OD1 
617 N ND2 . ASN A 104 ? 0.14917 0.17718 0.24420 0.03556  0.05504  -0.03637 1194 ASN A ND2 
618 N N   . GLU A 105 ? 0.17194 0.15922 0.16530 0.01722  0.07073  -0.04166 1195 GLU A N   
619 C CA  . GLU A 105 ? 0.18554 0.15944 0.15787 0.00993  0.07512  -0.04497 1195 GLU A CA  
620 C C   . GLU A 105 ? 0.19023 0.15919 0.13923 0.00939  0.06678  -0.04007 1195 GLU A C   
621 O O   . GLU A 105 ? 0.20475 0.16334 0.13907 0.00428  0.06790  -0.04224 1195 GLU A O   
622 C CB  . GLU A 105 ? 0.21148 0.17702 0.16747 0.00034  0.08179  -0.04717 1195 GLU A CB  
623 C CG  . GLU A 105 ? 0.21869 0.18689 0.19680 -0.00072 0.09191  -0.05303 1195 GLU A CG  
624 C CD  . GLU A 105 ? 0.25408 0.21460 0.21696 -0.00972 0.09827  -0.05427 1195 GLU A CD  
625 O OE1 . GLU A 105 ? 0.26409 0.21778 0.20052 -0.01433 0.09302  -0.04963 1195 GLU A OE1 
626 O OE2 . GLU A 105 ? 0.28067 0.24171 0.25950 -0.01222 0.10780  -0.05965 1195 GLU A OE2 
627 N N   . SER A 106 ? 0.16338 0.14052 0.11070 0.01409  0.05583  -0.03205 1196 SER A N   
628 C CA  . SER A 106 ? 0.16064 0.13716 0.09280 0.01402  0.04351  -0.02496 1196 SER A CA  
629 C C   . SER A 106 ? 0.16043 0.14366 0.10995 0.02085  0.03553  -0.02129 1196 SER A C   
630 O O   . SER A 106 ? 0.16211 0.14472 0.10143 0.02033  0.02690  -0.01643 1196 SER A O   
631 C CB  . SER A 106 ? 0.15408 0.13600 0.07526 0.01415  0.03425  -0.01736 1196 SER A CB  
632 O OG  . SER A 106 ? 0.16538 0.14095 0.07126 0.00700  0.03847  -0.01904 1196 SER A OG  
633 N N   . LEU A 107 ? 0.13518 0.12421 0.11083 0.02681  0.03756  -0.02324 1197 LEU A N   
634 C CA  . LEU A 107 ? 0.13519 0.12737 0.12477 0.03237  0.02950  -0.01937 1197 LEU A CA  
635 C C   . LEU A 107 ? 0.15126 0.13289 0.13371 0.02925  0.03264  -0.02323 1197 LEU A C   
636 O O   . LEU A 107 ? 0.16272 0.13494 0.13887 0.02437  0.04369  -0.03130 1197 LEU A O   
637 C CB  . LEU A 107 ? 0.12842 0.12671 0.14801 0.03891  0.03006  -0.02087 1197 LEU A CB  
638 C CG  . LEU A 107 ? 0.10827 0.11711 0.13740 0.04228  0.02524  -0.01673 1197 LEU A CG  
639 C CD1 . LEU A 107 ? 0.10794 0.12143 0.16855 0.04756  0.02687  -0.02002 1197 LEU A CD1 
640 C CD2 . LEU A 107 ? 0.10524 0.11926 0.12692 0.04470  0.01196  -0.00715 1197 LEU A CD2 
641 N N   . ILE A 108 ? 0.13895 0.12106 0.12096 0.03125  0.02346  -0.01774 1198 ILE A N   
642 C CA  . ILE A 108 ? 0.15155 0.12374 0.12744 0.02833  0.02503  -0.02065 1198 ILE A CA  
643 C C   . ILE A 108 ? 0.15900 0.12850 0.15902 0.03328  0.02829  -0.02451 1198 ILE A C   
644 O O   . ILE A 108 ? 0.14851 0.12398 0.16599 0.03948  0.02078  -0.01940 1198 ILE A O   
645 C CB  . ILE A 108 ? 0.15440 0.12812 0.11968 0.02747  0.01426  -0.01320 1198 ILE A CB  
646 C CG1 . ILE A 108 ? 0.15007 0.12600 0.09480 0.02271  0.01082  -0.01023 1198 ILE A CG1 
647 C CG2 . ILE A 108 ? 0.17414 0.13758 0.13609 0.02472  0.01546  -0.01612 1198 ILE A CG2 
648 C CD1 . ILE A 108 ? 0.13605 0.11771 0.07656 0.02295  0.00048  -0.00270 1198 ILE A CD1 
649 N N   . ASP A 109 ? 0.23867 0.19803 0.23925 0.03018  0.03927  -0.03364 1199 ASP A N   
650 C CA  . ASP A 109 ? 0.24661 0.20176 0.27226 0.03492  0.04301  -0.03845 1199 ASP A CA  
651 C C   . ASP A 109 ? 0.25751 0.20647 0.27814 0.03492  0.03501  -0.03414 1199 ASP A C   
652 O O   . ASP A 109 ? 0.26874 0.20829 0.27085 0.02871  0.03852  -0.03749 1199 ASP A O   
653 C CB  . ASP A 109 ? 0.26313 0.20919 0.29114 0.03097  0.05972  -0.05101 1199 ASP A CB  
654 C CG  . ASP A 109 ? 0.28151 0.22363 0.33775 0.03570  0.06394  -0.05661 1199 ASP A CG  
655 O OD1 . ASP A 109 ? 0.30523 0.24874 0.37757 0.04222  0.05381  -0.05105 1199 ASP A OD1 
656 O OD2 . ASP A 109 ? 0.30057 0.23987 0.35918 0.03106  0.07412  -0.06367 1199 ASP A OD2 
657 N N   . LEU A 110 ? 0.29001 0.24271 0.32595 0.04100  0.02442  -0.02698 1200 LEU A N   
658 C CA  . LEU A 110 ? 0.29266 0.23876 0.32220 0.04016  0.01669  -0.02203 1200 LEU A CA  
659 C C   . LEU A 110 ? 0.30993 0.24271 0.34444 0.03868  0.02412  -0.02994 1200 LEU A C   
660 O O   . LEU A 110 ? 0.32970 0.25522 0.35020 0.03453  0.02142  -0.02844 1200 LEU A O   
661 C CB  . LEU A 110 ? 0.28879 0.23910 0.33102 0.04594  0.00417  -0.01262 1200 LEU A CB  
662 C CG  . LEU A 110 ? 0.29082 0.24906 0.31655 0.04411  -0.00456 -0.00354 1200 LEU A CG  
663 C CD1 . LEU A 110 ? 0.27524 0.24431 0.29954 0.04478  -0.00269 -0.00364 1200 LEU A CD1 
664 C CD2 . LEU A 110 ? 0.28938 0.24628 0.32124 0.04737  -0.01612 0.00532  1200 LEU A CD2 
665 N N   . GLN A 111 ? 0.38755 0.31737 0.44275 0.04177  0.03357  -0.03849 1201 GLN A N   
666 C CA  . GLN A 111 ? 0.40835 0.32474 0.47028 0.04040  0.04306  -0.04797 1201 GLN A CA  
667 C C   . GLN A 111 ? 0.42984 0.33739 0.46224 0.03064  0.05181  -0.05422 1201 GLN A C   
668 O O   . GLN A 111 ? 0.43686 0.33154 0.46711 0.02778  0.05741  -0.06054 1201 GLN A O   
669 C CB  . GLN A 111 ? 0.41029 0.33026 0.49783 0.04373  0.05162  -0.05516 1201 GLN A CB  
670 C CG  . GLN A 111 ? 0.41525 0.34476 0.52809 0.05120  0.03974  -0.04735 1201 GLN A CG  
671 C CD  . GLN A 111 ? 0.44425 0.36499 0.56199 0.05407  0.02991  -0.04204 1201 GLN A CD  
672 O OE1 . GLN A 111 ? 0.45420 0.37517 0.56742 0.05644  0.01733  -0.03228 1201 GLN A OE1 
673 N NE2 . GLN A 111 ? 0.45499 0.36716 0.57993 0.05293  0.03594  -0.04832 1201 GLN A NE2 
674 N N   . GLU A 112 ? 0.40106 0.31400 0.41128 0.02547  0.05219  -0.05247 1202 GLU A N   
675 C CA  . GLU A 112 ? 0.41091 0.31388 0.39143 0.01558  0.05804  -0.05746 1202 GLU A CA  
676 C C   . GLU A 112 ? 0.42050 0.32265 0.38109 0.01145  0.04643  -0.04982 1202 GLU A C   
677 O O   . GLU A 112 ? 0.43577 0.32927 0.37172 0.00294  0.04833  -0.05290 1202 GLU A O   
678 C CB  . GLU A 112 ? 0.41320 0.31942 0.37886 0.01111  0.06424  -0.05992 1202 GLU A CB  
679 C CG  . GLU A 112 ? 0.42652 0.33047 0.40758 0.01185  0.07920  -0.07000 1202 GLU A CG  
680 C CD  . GLU A 112 ? 0.44332 0.35188 0.41004 0.00631  0.08340  -0.07000 1202 GLU A CD  
681 O OE1 . GLU A 112 ? 0.41709 0.32750 0.36324 0.00410  0.07733  -0.06485 1202 GLU A OE1 
682 O OE2 . GLU A 112 ? 0.45040 0.35980 0.42644 0.00369  0.09271  -0.07489 1202 GLU A OE2 
683 N N   . LEU A 113 ? 0.30672 0.21699 0.27704 0.01655  0.03452  -0.04015 1203 LEU A N   
684 C CA  . LEU A 113 ? 0.30834 0.21813 0.26447 0.01268  0.02481  -0.03360 1203 LEU A CA  
685 C C   . LEU A 113 ? 0.35086 0.24770 0.31134 0.01156  0.02640  -0.03716 1203 LEU A C   
686 O O   . LEU A 113 ? 0.35793 0.25418 0.33462 0.01680  0.02137  -0.03293 1203 LEU A O   
687 C CB  . LEU A 113 ? 0.30444 0.22681 0.26805 0.01757  0.01367  -0.02272 1203 LEU A CB  
688 C CG  . LEU A 113 ? 0.28988 0.22472 0.25078 0.01918  0.01212  -0.01940 1203 LEU A CG  
689 C CD1 . LEU A 113 ? 0.28047 0.22565 0.24908 0.02384  0.00235  -0.00969 1203 LEU A CD1 
690 C CD2 . LEU A 113 ? 0.29965 0.23462 0.23781 0.01195  0.01185  -0.02016 1203 LEU A CD2 
691 N N   . HIS A 114 ? 0.41419 0.29876 0.35854 0.00409  0.03316  -0.04501 1204 HIS A N   
692 C CA  . HIS A 114 ? 0.44481 0.31506 0.39292 0.00253  0.03679  -0.05038 1204 HIS A CA  
693 C C   . HIS A 114 ? 0.46089 0.33078 0.40577 0.00095  0.02577  -0.04253 1204 HIS A C   
694 O O   . HIS A 114 ? 0.42817 0.30785 0.36418 -0.00094 0.01685  -0.03461 1204 HIS A O   
695 C CB  . HIS A 114 ? 0.46071 0.31641 0.38890 -0.00638 0.04725  -0.06135 1204 HIS A CB  
696 C CG  . HIS A 114 ? 0.46639 0.32276 0.36599 -0.01517 0.04260  -0.05931 1204 HIS A CG  
697 N ND1 . HIS A 114 ? 0.45780 0.31786 0.34490 -0.01775 0.04592  -0.06060 1204 HIS A ND1 
698 C CD2 . HIS A 114 ? 0.47672 0.33014 0.35918 -0.02208 0.03392  -0.05582 1204 HIS A CD2 
699 C CE1 . HIS A 114 ? 0.44551 0.30403 0.30859 -0.02560 0.03853  -0.05761 1204 HIS A CE1 
700 N NE2 . HIS A 114 ? 0.46675 0.32205 0.32787 -0.02822 0.03106  -0.05486 1204 HIS A NE2 
701 N N   . HIS A 115 ? 0.76697 0.62484 0.72029 0.00149  0.02718  -0.04529 1205 HIS A N   
702 C CA  . HIS A 115 ? 0.77825 0.63391 0.73132 0.00022  0.01784  -0.03800 1205 HIS A CA  
703 C C   . HIS A 115 ? 0.78578 0.62500 0.72925 -0.00665 0.02127  -0.04448 1205 HIS A C   
704 O O   . HIS A 115 ? 0.79856 0.63671 0.72616 -0.01411 0.01612  -0.04219 1205 HIS A O   
705 C CB  . HIS A 115 ? 0.75741 0.61396 0.73315 0.00891  0.01292  -0.03193 1205 HIS A CB  
706 C CG  . HIS A 115 ? 0.75482 0.62554 0.74097 0.01561  0.00971  -0.02654 1205 HIS A CG  
707 N ND1 . HIS A 115 ? 0.74082 0.62430 0.71887 0.01492  0.00192  -0.01768 1205 HIS A ND1 
708 C CD2 . HIS A 115 ? 0.74632 0.62041 0.75111 0.02276  0.01359  -0.02939 1205 HIS A CD2 
709 C CE1 . HIS A 115 ? 0.71709 0.61020 0.70625 0.02118  0.00077  -0.01505 1205 HIS A CE1 
710 N NE2 . HIS A 115 ? 0.72637 0.61447 0.73230 0.02598  0.00730  -0.02183 1205 HIS A NE2 
711 O O   . HOH B .   ? 0.45620 0.40599 0.38561 -0.03333 0.10925  -0.04812 1301 HOH A O   
712 O O   . HOH B .   ? 0.49145 0.39458 0.51434 0.03306  0.01437  -0.02627 1302 HOH A O   
713 O O   . HOH B .   ? 0.26657 0.33450 0.36463 -0.00632 0.05238  -0.02027 1303 HOH A O   
714 O O   . HOH B .   ? 0.44608 0.30289 0.34898 -0.01377 0.06811  -0.07369 1304 HOH A O   
715 O O   . HOH B .   ? 0.38996 0.33716 0.28652 -0.01701 0.07417  -0.03776 1305 HOH A O   
716 O O   . HOH B .   ? 0.54774 0.41533 0.45114 -0.10343 0.06193  0.01015  1306 HOH A O   
717 O O   . HOH B .   ? 0.27890 0.34817 0.41031 -0.02915 0.05331  -0.02512 1307 HOH A O   
718 O O   . HOH B .   ? 0.58105 0.38876 0.49802 -0.02176 0.03354  -0.06254 1308 HOH A O   
719 O O   . HOH B .   ? 0.28871 0.33097 0.35456 -0.00170 0.08237  -0.03393 1309 HOH A O   
720 O O   . HOH B .   ? 0.42503 0.34960 0.48366 0.05023  -0.01454 -0.00174 1310 HOH A O   
721 O O   . HOH B .   ? 0.43889 0.33834 0.39945 -0.11603 0.07846  -0.00481 1311 HOH A O   
722 O O   . HOH B .   ? 0.49389 0.46080 0.52276 -0.00706 0.11869  -0.07051 1312 HOH A O   
723 O O   . HOH B .   ? 0.45413 0.43731 0.45850 -0.01456 0.11016  -0.05440 1313 HOH A O   
724 O O   . HOH B .   ? 0.34442 0.31101 0.26755 -0.02944 0.09021  -0.02904 1314 HOH A O   
725 O O   . HOH B .   ? 0.54103 0.43332 0.46943 -0.00508 -0.00117 -0.01895 1315 HOH A O   
726 O O   . HOH B .   ? 0.39453 0.33706 0.29880 -0.00807 -0.01882 -0.00399 1316 HOH A O   
727 O O   . HOH B .   ? 0.21455 0.24740 0.28889 0.05354  0.00206  -0.00254 1317 HOH A O   
728 O O   . HOH B .   ? 0.38028 0.34508 0.39129 -0.09218 0.09187  -0.01632 1318 HOH A O   
729 O O   . HOH B .   ? 0.53442 0.51128 0.69688 -0.15006 0.04638  -0.04253 1319 HOH A O   
730 O O   . HOH B .   ? 0.27937 0.30852 0.38705 0.05170  0.01884  -0.01847 1320 HOH A O   
731 O O   . HOH B .   ? 0.20635 0.22864 0.26369 0.05092  -0.01144 0.00726  1321 HOH A O   
732 O O   . HOH B .   ? 0.60034 0.43814 0.41288 -0.04847 0.02001  -0.05671 1322 HOH A O   
733 O O   . HOH B .   ? 0.33936 0.29451 0.23389 -0.03439 0.07988  -0.01894 1323 HOH A O   
734 O O   . HOH B .   ? 0.24188 0.29633 0.30130 0.03405  -0.02061 0.01894  1324 HOH A O   
735 O O   . HOH B .   ? 0.18650 0.25222 0.28579 0.03447  0.03122  -0.01721 1325 HOH A O   
736 O O   . HOH B .   ? 0.17542 0.22783 0.26854 0.02742  0.05271  -0.02833 1326 HOH A O   
737 O O   . HOH B .   ? 0.44246 0.36089 0.28463 -0.04145 0.04059  0.01544  1327 HOH A O   
738 O O   . HOH B .   ? 0.37394 0.40580 0.35443 0.02645  -0.00429 0.00960  1328 HOH A O   
739 O O   . HOH B .   ? 0.34763 0.35337 0.38614 -0.06069 0.07653  -0.01734 1329 HOH A O   
740 O O   . HOH B .   ? 0.33588 0.40064 0.49550 -0.05105 0.02796  -0.02649 1330 HOH A O   
741 O O   . HOH B .   ? 0.52094 0.38159 0.36321 -0.04415 0.00602  0.03750  1331 HOH A O   
742 O O   . HOH B .   ? 0.34546 0.28820 0.28923 -0.00372 0.08664  -0.05631 1332 HOH A O   
743 O O   . HOH B .   ? 0.17723 0.16993 0.15464 -0.01579 0.00234  0.00736  1333 HOH A O   
744 O O   . HOH B .   ? 0.31464 0.41797 0.49161 0.01070  -0.00132 -0.01507 1334 HOH A O   
745 O O   . HOH B .   ? 0.21365 0.23529 0.24810 0.03185  -0.02818 0.02462  1335 HOH A O   
746 O O   . HOH B .   ? 0.25669 0.27008 0.27923 -0.01001 0.09502  -0.03940 1336 HOH A O   
747 O O   . HOH B .   ? 0.31204 0.33244 0.32677 0.03125  -0.03127 0.03183  1337 HOH A O   
748 O O   . HOH B .   ? 0.35647 0.29416 0.21643 -0.03618 0.04898  0.00759  1338 HOH A O   
749 O O   . HOH B .   ? 0.51773 0.40569 0.36541 -0.07364 0.06357  0.01718  1339 HOH A O   
750 O O   . HOH B .   ? 0.37045 0.45800 0.51508 0.03091  -0.01017 -0.00613 1340 HOH A O   
751 O O   . HOH B .   ? 0.26879 0.25792 0.31377 0.05489  -0.02181 0.01099  1341 HOH A O   
752 O O   . HOH B .   ? 0.20688 0.29892 0.34088 0.02250  0.01089  -0.01139 1342 HOH A O   
753 O O   . HOH B .   ? 0.33979 0.32907 0.36667 0.00061  0.10036  -0.05558 1343 HOH A O   
754 O O   . HOH B .   ? 0.30553 0.34947 0.37216 0.04690  -0.01239 0.01169  1344 HOH A O   
755 O O   . HOH B .   ? 0.32054 0.29123 0.32626 0.02374  0.06952  -0.04812 1345 HOH A O   
756 O O   . HOH B .   ? 0.18786 0.26537 0.29452 0.03402  0.01582  -0.00985 1346 HOH A O   
757 O O   . HOH B .   ? 0.26889 0.27257 0.29479 0.04308  -0.02946 0.02670  1347 HOH A O   
758 O O   . HOH B .   ? 0.30268 0.28995 0.37056 0.04999  0.02397  -0.02344 1348 HOH A O   
759 O O   . HOH B .   ? 0.40378 0.42941 0.42131 0.03354  -0.03264 0.03027  1349 HOH A O   
760 O O   . HOH B .   ? 0.30631 0.25034 0.18933 -0.04630 0.07831  -0.00793 1350 HOH A O   
761 O O   . HOH B .   ? 0.27233 0.21281 0.22419 0.01280  0.05657  -0.04538 1351 HOH A O   
762 O O   . HOH B .   ? 0.31598 0.20760 0.24707 0.00080  -0.04857 0.05493  1352 HOH A O   
763 O O   . HOH B .   ? 0.29596 0.24318 0.22836 0.00625  -0.03770 0.04924  1353 HOH A O   
764 O O   . HOH B .   ? 0.28754 0.17634 0.16708 -0.01365 0.03961  -0.04912 1354 HOH A O   
765 O O   . HOH B .   ? 0.52371 0.41336 0.35749 -0.06386 0.05448  0.01829  1355 HOH A O   
766 O O   . HOH B .   ? 0.57240 0.37805 0.51429 -0.16392 0.06625  -0.00451 1356 HOH A O   
767 O O   . HOH B .   ? 0.51835 0.49512 0.58848 -0.11277 0.09736  -0.02779 1357 HOH A O   
768 O O   . HOH B .   ? 0.36377 0.29300 0.21206 -0.04777 0.04432  -0.05724 1358 HOH A O   
769 O O   . HOH B .   ? 0.40684 0.35891 0.26367 -0.01927 0.02438  0.00474  1359 HOH A O   
770 O O   . HOH B .   ? 0.27140 0.31722 0.35102 -0.03313 0.07390  -0.02371 1360 HOH A O   
771 O O   . HOH B .   ? 0.20086 0.25854 0.24828 0.03173  -0.03194 0.01916  1361 HOH A O   
772 O O   . HOH B .   ? 0.42522 0.35178 0.28140 -0.03766 0.03809  0.01899  1362 HOH A O   
773 O O   . HOH B .   ? 0.38710 0.42125 0.42726 0.03609  -0.02631 0.02549  1363 HOH A O   
774 O O   . HOH B .   ? 0.26951 0.17540 0.25365 0.02627  -0.03957 0.02997  1364 HOH A O   
775 O O   . HOH B .   ? 0.45662 0.40396 0.38316 -0.06514 0.11940  -0.03132 1365 HOH A O   
776 O O   . HOH B .   ? 0.23511 0.31324 0.34893 0.02311  0.03623  -0.01852 1366 HOH A O   
777 O O   . HOH B .   ? 0.25489 0.23485 0.23263 -0.02321 -0.00233 0.00507  1367 HOH A O   
778 O O   . HOH B .   ? 0.54496 0.35753 0.36718 -0.06028 0.00432  0.04240  1368 HOH A O   
779 O O   . HOH B .   ? 0.27975 0.33836 0.36773 0.04640  0.00545  -0.00403 1369 HOH A O   
780 O O   . HOH B .   ? 0.37274 0.31104 0.31041 -0.00768 -0.02898 0.02363  1370 HOH A O   
781 O O   . HOH B .   ? 0.21843 0.29722 0.32526 0.01683  0.03601  -0.01661 1371 HOH A O   
782 O O   . HOH B .   ? 0.33416 0.27714 0.26852 -0.00227 -0.02431 0.01145  1372 HOH A O   
783 O O   . HOH B .   ? 0.68133 0.42598 0.52819 -0.12767 0.03309  0.02360  1373 HOH A O   
784 O O   . HOH B .   ? 0.30361 0.27365 0.39329 0.05523  0.01752  -0.02372 1374 HOH A O   
785 O O   . HOH B .   ? 0.36745 0.41083 0.50936 0.04270  0.03639  -0.03017 1375 HOH A O   
786 O O   . HOH B .   ? 0.23456 0.20277 0.13378 -0.01191 0.05906  -0.02136 1376 HOH A O   
787 O O   . HOH B .   ? 0.29440 0.35617 0.38096 0.04519  -0.01556 0.00711  1377 HOH A O   
788 O O   . HOH B .   ? 0.35517 0.41832 0.55438 -0.07909 0.04426  -0.03757 1378 HOH A O   
789 O O   . HOH B .   ? 0.32723 0.33710 0.41390 0.01857  0.08645  -0.05379 1379 HOH A O   
790 O O   . HOH B .   ? 0.29509 0.36540 0.40311 0.00245  0.06416  -0.02738 1380 HOH A O   
791 O O   . HOH B .   ? 0.34516 0.39719 0.43160 0.04938  -0.00218 -0.00004 1381 HOH A O   
792 O O   . HOH B .   ? 0.33362 0.39334 0.46575 -0.04528 0.06591  -0.02885 1382 HOH A O   
793 O O   . HOH B .   ? 0.36951 0.39045 0.42343 -0.00100 0.09366  -0.04471 1383 HOH A O   
794 O O   . HOH B .   ? 0.27557 0.32900 0.38378 0.03694  0.03845  -0.02451 1384 HOH A O   
795 O O   . HOH B .   ? 0.43057 0.49306 0.56269 -0.03096 0.09387  -0.03990 1385 HOH A O   
796 O O   . HOH B .   ? 0.44423 0.47558 0.60502 0.04211  0.04795  -0.04063 1386 HOH A O   
797 O O   . HOH B .   ? 0.32581 0.37132 0.43415 0.01518  0.07496  -0.04107 1387 HOH A O   
798 O O   . HOH B .   ? 0.60224 0.42062 0.54999 -0.12447 0.01579  -0.00911 1388 HOH A O   
799 O O   . HOH B .   ? 0.33968 0.41026 0.41673 0.03607  -0.03048 0.01226  1389 HOH A O   
800 O O   . HOH B .   ? 0.41958 0.36274 0.39244 0.01028  0.07995  -0.05816 1390 HOH A O   
801 O O   . HOH B .   ? 0.36978 0.43974 0.45477 0.04010  -0.02027 0.00878  1391 HOH A O   
802 O O   . HOH B .   ? 0.31349 0.33703 0.36381 0.04772  -0.02186 0.01996  1392 HOH A O   
803 O O   . HOH B .   ? 0.36169 0.40922 0.47731 0.04736  0.01817  -0.01659 1393 HOH A O   
804 O O   . HOH B .   ? 0.65414 0.46482 0.52832 -0.03463 0.03838  -0.06940 1394 HOH A O   
805 O O   . HOH B .   ? 0.42090 0.40785 0.41196 -0.02682 0.11127  -0.04561 1395 HOH A O   
806 O O   . HOH B .   ? 0.35712 0.39389 0.43897 -0.00323 0.09242  -0.04319 1396 HOH A O   
807 O O   . HOH B .   ? 0.53234 0.45968 0.49816 -0.11182 0.11151  -0.01428 1397 HOH A O   
808 O O   . HOH B .   ? 0.47972 0.42017 0.37462 -0.04965 0.10158  -0.02925 1398 HOH A O   
809 O O   . HOH B .   ? 0.50608 0.38324 0.45635 -0.13816 0.09781  -0.00752 1399 HOH A O   
810 O O   . HOH B .   ? 0.51147 0.45028 0.41371 -0.06044 0.10993  -0.02756 1400 HOH A O   
811 O O   . HOH B .   ? 0.56755 0.48600 0.47990 -0.01721 -0.02069 -0.00429 1401 HOH A O   
812 O O   . HOH B .   ? 0.42667 0.45810 0.51489 -0.06098 0.09261  -0.02959 1402 HOH A O   
813 O O   . HOH B .   ? 0.35791 0.33975 0.42581 0.04057  0.05544  -0.04396 1403 HOH A O   
814 O O   . HOH B .   ? 0.29541 0.30681 0.36592 0.05674  -0.00859 0.00200  1404 HOH A O   
815 O O   . HOH B .   ? 0.34160 0.29903 0.28131 0.01318  -0.03777 0.04889  1405 HOH A O   
816 O O   . HOH B .   ? 0.35994 0.39723 0.44310 0.05305  -0.01283 0.00565  1406 HOH A O   
817 O O   . HOH B .   ? 0.45241 0.39208 0.30473 -0.03087 0.04592  -0.00127 1407 HOH A O   
818 O O   . HOH B .   ? 0.43671 0.47707 0.53110 -0.04931 0.10557  -0.03686 1408 HOH A O   
819 O O   . HOH B .   ? 0.18105 0.18758 0.17900 0.00467  0.00096  0.00184  1409 HOH A O   
820 O O   . HOH B .   ? 0.35456 0.36185 0.35227 0.00520  0.00107  0.00205  1410 HOH A O   
821 O O   . HOH B .   ? 0.63070 0.39130 0.52533 -0.13094 0.02252  0.00568  1411 HOH A O   
822 O O   . HOH B .   ? 0.41175 0.43104 0.48606 0.05345  -0.03018 0.01634  1412 HOH A O   
823 O O   . HOH B .   ? 0.45793 0.50406 0.58974 -0.06293 0.11075  -0.04349 1413 HOH A O   
# 
loop_
_pdbx_poly_seq_scheme.asym_id 
_pdbx_poly_seq_scheme.entity_id 
_pdbx_poly_seq_scheme.seq_id 
_pdbx_poly_seq_scheme.mon_id 
_pdbx_poly_seq_scheme.ndb_seq_num 
_pdbx_poly_seq_scheme.pdb_seq_num 
_pdbx_poly_seq_scheme.auth_seq_num 
_pdbx_poly_seq_scheme.pdb_mon_id 
_pdbx_poly_seq_scheme.auth_mon_id 
_pdbx_poly_seq_scheme.pdb_strand_id 
_pdbx_poly_seq_scheme.pdb_ins_code 
_pdbx_poly_seq_scheme.hetero 
A 1 1   MET 1   917  917  MET MET A . n 
A 1 2   GLU 2   918  918  GLU GLU A . n 
A 1 3   ASN 3   919  919  ASN ASN A . n 
A 1 4   GLN 4   920  920  GLN GLN A . n 
A 1 5   LYS 5   921  921  LYS LYS A . n 
A 1 6   LEU 6   922  922  LEU LEU A . n 
A 1 7   ILE 7   923  923  ILE ILE A . n 
A 1 8   ALA 8   924  924  ALA ALA A . n 
A 1 9   ASN 9   925  925  ASN ASN A . n 
A 1 10  GLN 10  926  926  GLN GLN A . n 
A 1 11  PHE 11  927  927  PHE PHE A . n 
A 1 12  ASN 12  928  928  ASN ASN A . n 
A 1 13  SER 13  929  929  SER SER A . n 
A 1 14  ALA 14  930  930  ALA ALA A . n 
A 1 15  ILE 15  931  931  ILE ILE A . n 
A 1 16  GLY 16  932  932  GLY GLY A . n 
A 1 17  LYS 17  933  933  LYS LYS A . n 
A 1 18  ILE 18  934  934  ILE ILE A . n 
A 1 19  GLN 19  935  935  GLN GLN A . n 
A 1 20  ASP 20  936  936  ASP ASP A . n 
A 1 21  SER 21  937  937  SER SER A . n 
A 1 22  LEU 22  938  938  LEU LEU A . n 
A 1 23  SER 23  939  939  SER SER A . n 
A 1 24  SER 24  940  940  SER SER A . n 
A 1 25  THR 25  941  941  THR THR A . n 
A 1 26  ALA 26  942  942  ALA ALA A . n 
A 1 27  SER 27  943  943  SER SER A . n 
A 1 28  ALA 28  944  944  ALA ALA A . n 
A 1 29  LEU 29  945  945  LEU LEU A . n 
A 1 30  GLY 30  946  946  GLY GLY A . n 
A 1 31  LYS 31  947  947  LYS LYS A . n 
A 1 32  LEU 32  948  948  LEU LEU A . n 
A 1 33  GLN 33  949  949  GLN GLN A . n 
A 1 34  ASP 34  950  950  ASP ASP A . n 
A 1 35  VAL 35  951  951  VAL VAL A . n 
A 1 36  VAL 36  952  952  VAL VAL A . n 
A 1 37  ASN 37  953  953  ASN ASN A . n 
A 1 38  GLN 38  954  954  GLN GLN A . n 
A 1 39  ASN 39  955  955  ASN ASN A . n 
A 1 40  ALA 40  956  956  ALA ALA A . n 
A 1 41  GLN 41  957  957  GLN GLN A . n 
A 1 42  ALA 42  958  958  ALA ALA A . n 
A 1 43  LEU 43  959  959  LEU LEU A . n 
A 1 44  ASN 44  960  960  ASN ASN A . n 
A 1 45  THR 45  961  961  THR THR A . n 
A 1 46  LEU 46  962  962  LEU LEU A . n 
A 1 47  VAL 47  963  963  VAL VAL A . n 
A 1 48  LYS 48  964  964  LYS LYS A . n 
A 1 49  GLN 49  965  965  GLN GLN A . n 
A 1 50  LEU 50  966  966  LEU LEU A . n 
A 1 51  LEU 51  967  967  LEU LEU A . n 
A 1 52  VAL 52  968  968  VAL VAL A . n 
A 1 53  PRO 53  969  969  PRO PRO A . n 
A 1 54  ARG 54  970  970  ARG ARG A . n 
A 1 55  GLY 55  1145 ?    ?   ?   A . n 
A 1 56  SER 56  1146 ?    ?   ?   A . n 
A 1 57  GLY 57  1147 ?    ?   ?   A . n 
A 1 58  GLY 58  1148 ?    ?   ?   A . n 
A 1 59  SER 59  1149 ?    ?   ?   A . n 
A 1 60  GLY 60  1150 ?    ?   ?   A . n 
A 1 61  GLY 61  1151 ?    ?   ?   A . n 
A 1 62  SER 62  1152 ?    ?   ?   A . n 
A 1 63  GLY 63  1153 ?    ?   ?   A . n 
A 1 64  GLY 64  1154 ?    ?   ?   A . n 
A 1 65  LEU 65  1155 ?    ?   ?   A . n 
A 1 66  GLU 66  1156 ?    ?   ?   A . n 
A 1 67  VAL 67  1157 ?    ?   ?   A . n 
A 1 68  LEU 68  1158 ?    ?   ?   A . n 
A 1 69  PHE 69  1159 ?    ?   ?   A . n 
A 1 70  GLN 70  1160 ?    ?   ?   A . n 
A 1 71  GLY 71  1161 ?    ?   ?   A . n 
A 1 72  PRO 72  1162 ?    ?   ?   A . n 
A 1 73  ASP 73  1163 ?    ?   ?   A . n 
A 1 74  VAL 74  1164 ?    ?   ?   A . n 
A 1 75  ASP 75  1165 ?    ?   ?   A . n 
A 1 76  LEU 76  1166 ?    ?   ?   A . n 
A 1 77  GLY 77  1167 ?    ?   ?   A . n 
A 1 78  ASP 78  1168 ?    ?   ?   A . n 
A 1 79  ILE 79  1169 1169 ILE ILE A . n 
A 1 80  SER 80  1170 1170 SER SER A . n 
A 1 81  GLY 81  1171 1171 GLY GLY A . n 
A 1 82  ILE 82  1172 1172 ILE ILE A . n 
A 1 83  ASN 83  1173 1173 ASN ASN A . n 
A 1 84  ALA 84  1174 1174 ALA ALA A . n 
A 1 85  SER 85  1175 1175 SER SER A . n 
A 1 86  VAL 86  1176 1176 VAL VAL A . n 
A 1 87  VAL 87  1177 1177 VAL VAL A . n 
A 1 88  ASN 88  1178 1178 ASN ASN A . n 
A 1 89  ILE 89  1179 1179 ILE ILE A . n 
A 1 90  GLN 90  1180 1180 GLN GLN A . n 
A 1 91  LYS 91  1181 1181 LYS LYS A . n 
A 1 92  GLU 92  1182 1182 GLU GLU A . n 
A 1 93  ILE 93  1183 1183 ILE ILE A . n 
A 1 94  ASP 94  1184 1184 ASP ASP A . n 
A 1 95  ARG 95  1185 1185 ARG ARG A . n 
A 1 96  LEU 96  1186 1186 LEU LEU A . n 
A 1 97  ASN 97  1187 1187 ASN ASN A . n 
A 1 98  GLU 98  1188 1188 GLU GLU A . n 
A 1 99  VAL 99  1189 1189 VAL VAL A . n 
A 1 100 ALA 100 1190 1190 ALA ALA A . n 
A 1 101 LYS 101 1191 1191 LYS LYS A . n 
A 1 102 ASN 102 1192 1192 ASN ASN A . n 
A 1 103 LEU 103 1193 1193 LEU LEU A . n 
A 1 104 ASN 104 1194 1194 ASN ASN A . n 
A 1 105 GLU 105 1195 1195 GLU GLU A . n 
A 1 106 SER 106 1196 1196 SER SER A . n 
A 1 107 LEU 107 1197 1197 LEU LEU A . n 
A 1 108 ILE 108 1198 1198 ILE ILE A . n 
A 1 109 ASP 109 1199 1199 ASP ASP A . n 
A 1 110 LEU 110 1200 1200 LEU LEU A . n 
A 1 111 GLN 111 1201 1201 GLN GLN A . n 
A 1 112 GLU 112 1202 1202 GLU GLU A . n 
A 1 113 LEU 113 1203 1203 LEU LEU A . n 
A 1 114 HIS 114 1204 1204 HIS HIS A . n 
A 1 115 HIS 115 1205 1205 HIS HIS A . n 
A 1 116 HIS 116 1206 ?    ?   ?   A . n 
A 1 117 HIS 117 1207 ?    ?   ?   A . n 
A 1 118 HIS 118 1208 ?    ?   ?   A . n 
A 1 119 HIS 119 1209 ?    ?   ?   A . n 
# 
loop_
_pdbx_nonpoly_scheme.asym_id 
_pdbx_nonpoly_scheme.entity_id 
_pdbx_nonpoly_scheme.mon_id 
_pdbx_nonpoly_scheme.ndb_seq_num 
_pdbx_nonpoly_scheme.pdb_seq_num 
_pdbx_nonpoly_scheme.auth_seq_num 
_pdbx_nonpoly_scheme.pdb_mon_id 
_pdbx_nonpoly_scheme.auth_mon_id 
_pdbx_nonpoly_scheme.pdb_strand_id 
_pdbx_nonpoly_scheme.pdb_ins_code 
B 2 HOH 1   1301 59  HOH HOH A . 
B 2 HOH 2   1302 125 HOH HOH A . 
B 2 HOH 3   1303 28  HOH HOH A . 
B 2 HOH 4   1304 27  HOH HOH A . 
B 2 HOH 5   1305 44  HOH HOH A . 
B 2 HOH 6   1306 86  HOH HOH A . 
B 2 HOH 7   1307 41  HOH HOH A . 
B 2 HOH 8   1308 89  HOH HOH A . 
B 2 HOH 9   1309 20  HOH HOH A . 
B 2 HOH 10  1310 84  HOH HOH A . 
B 2 HOH 11  1311 43  HOH HOH A . 
B 2 HOH 12  1312 99  HOH HOH A . 
B 2 HOH 13  1313 97  HOH HOH A . 
B 2 HOH 14  1314 31  HOH HOH A . 
B 2 HOH 15  1315 114 HOH HOH A . 
B 2 HOH 16  1316 32  HOH HOH A . 
B 2 HOH 17  1317 12  HOH HOH A . 
B 2 HOH 18  1318 45  HOH HOH A . 
B 2 HOH 19  1319 120 HOH HOH A . 
B 2 HOH 20  1320 55  HOH HOH A . 
B 2 HOH 21  1321 11  HOH HOH A . 
B 2 HOH 22  1322 96  HOH HOH A . 
B 2 HOH 23  1323 22  HOH HOH A . 
B 2 HOH 24  1324 16  HOH HOH A . 
B 2 HOH 25  1325 17  HOH HOH A . 
B 2 HOH 26  1326 4   HOH HOH A . 
B 2 HOH 27  1327 49  HOH HOH A . 
B 2 HOH 28  1328 67  HOH HOH A . 
B 2 HOH 29  1329 47  HOH HOH A . 
B 2 HOH 30  1330 69  HOH HOH A . 
B 2 HOH 31  1331 82  HOH HOH A . 
B 2 HOH 32  1332 38  HOH HOH A . 
B 2 HOH 33  1333 1   HOH HOH A . 
B 2 HOH 34  1334 98  HOH HOH A . 
B 2 HOH 35  1335 8   HOH HOH A . 
B 2 HOH 36  1336 21  HOH HOH A . 
B 2 HOH 37  1337 70  HOH HOH A . 
B 2 HOH 38  1338 25  HOH HOH A . 
B 2 HOH 39  1339 79  HOH HOH A . 
B 2 HOH 40  1340 121 HOH HOH A . 
B 2 HOH 41  1341 24  HOH HOH A . 
B 2 HOH 42  1342 14  HOH HOH A . 
B 2 HOH 43  1343 36  HOH HOH A . 
B 2 HOH 44  1344 61  HOH HOH A . 
B 2 HOH 45  1345 40  HOH HOH A . 
B 2 HOH 46  1346 19  HOH HOH A . 
B 2 HOH 47  1347 18  HOH HOH A . 
B 2 HOH 48  1348 50  HOH HOH A . 
B 2 HOH 49  1349 91  HOH HOH A . 
B 2 HOH 50  1350 23  HOH HOH A . 
B 2 HOH 51  1351 6   HOH HOH A . 
B 2 HOH 52  1352 13  HOH HOH A . 
B 2 HOH 53  1353 9   HOH HOH A . 
B 2 HOH 54  1354 7   HOH HOH A . 
B 2 HOH 55  1355 118 HOH HOH A . 
B 2 HOH 56  1356 92  HOH HOH A . 
B 2 HOH 57  1357 95  HOH HOH A . 
B 2 HOH 58  1358 34  HOH HOH A . 
B 2 HOH 59  1359 48  HOH HOH A . 
B 2 HOH 60  1360 30  HOH HOH A . 
B 2 HOH 61  1361 10  HOH HOH A . 
B 2 HOH 62  1362 39  HOH HOH A . 
B 2 HOH 63  1363 105 HOH HOH A . 
B 2 HOH 64  1364 3   HOH HOH A . 
B 2 HOH 65  1365 73  HOH HOH A . 
B 2 HOH 66  1366 26  HOH HOH A . 
B 2 HOH 67  1367 15  HOH HOH A . 
B 2 HOH 68  1368 54  HOH HOH A . 
B 2 HOH 69  1369 42  HOH HOH A . 
B 2 HOH 70  1370 46  HOH HOH A . 
B 2 HOH 71  1371 29  HOH HOH A . 
B 2 HOH 72  1372 35  HOH HOH A . 
B 2 HOH 73  1373 101 HOH HOH A . 
B 2 HOH 74  1374 33  HOH HOH A . 
B 2 HOH 75  1375 81  HOH HOH A . 
B 2 HOH 76  1376 2   HOH HOH A . 
B 2 HOH 77  1377 68  HOH HOH A . 
B 2 HOH 78  1378 112 HOH HOH A . 
B 2 HOH 79  1379 52  HOH HOH A . 
B 2 HOH 80  1380 53  HOH HOH A . 
B 2 HOH 81  1381 71  HOH HOH A . 
B 2 HOH 82  1382 80  HOH HOH A . 
B 2 HOH 83  1383 57  HOH HOH A . 
B 2 HOH 84  1384 66  HOH HOH A . 
B 2 HOH 85  1385 110 HOH HOH A . 
B 2 HOH 86  1386 123 HOH HOH A . 
B 2 HOH 87  1387 65  HOH HOH A . 
B 2 HOH 88  1388 113 HOH HOH A . 
B 2 HOH 89  1389 103 HOH HOH A . 
B 2 HOH 90  1390 100 HOH HOH A . 
B 2 HOH 91  1391 93  HOH HOH A . 
B 2 HOH 92  1392 51  HOH HOH A . 
B 2 HOH 93  1393 60  HOH HOH A . 
B 2 HOH 94  1394 72  HOH HOH A . 
B 2 HOH 95  1395 77  HOH HOH A . 
B 2 HOH 96  1396 62  HOH HOH A . 
B 2 HOH 97  1397 115 HOH HOH A . 
B 2 HOH 98  1398 87  HOH HOH A . 
B 2 HOH 99  1399 56  HOH HOH A . 
B 2 HOH 100 1400 90  HOH HOH A . 
B 2 HOH 101 1401 122 HOH HOH A . 
B 2 HOH 102 1402 106 HOH HOH A . 
B 2 HOH 103 1403 74  HOH HOH A . 
B 2 HOH 104 1404 58  HOH HOH A . 
B 2 HOH 105 1405 37  HOH HOH A . 
B 2 HOH 106 1406 88  HOH HOH A . 
B 2 HOH 107 1407 63  HOH HOH A . 
B 2 HOH 108 1408 108 HOH HOH A . 
B 2 HOH 109 1409 5   HOH HOH A . 
B 2 HOH 110 1410 76  HOH HOH A . 
B 2 HOH 111 1411 119 HOH HOH A . 
B 2 HOH 112 1412 111 HOH HOH A . 
B 2 HOH 113 1413 124 HOH HOH A . 
# 
_pdbx_struct_assembly.id                   1 
_pdbx_struct_assembly.details              author_and_software_defined_assembly 
_pdbx_struct_assembly.method_details       PISA 
_pdbx_struct_assembly.oligomeric_details   trimeric 
_pdbx_struct_assembly.oligomeric_count     3 
# 
_pdbx_struct_assembly_gen.assembly_id       1 
_pdbx_struct_assembly_gen.oper_expression   1,2,3 
_pdbx_struct_assembly_gen.asym_id_list      A,B 
# 
loop_
_pdbx_struct_assembly_prop.biol_id 
_pdbx_struct_assembly_prop.type 
_pdbx_struct_assembly_prop.value 
_pdbx_struct_assembly_prop.details 
1 'ABSA (A^2)' 8120  ? 
1 MORE         -70   ? 
1 'SSA (A^2)'  13130 ? 
# 
loop_
_pdbx_struct_oper_list.id 
_pdbx_struct_oper_list.type 
_pdbx_struct_oper_list.name 
_pdbx_struct_oper_list.symmetry_operation 
_pdbx_struct_oper_list.matrix[1][1] 
_pdbx_struct_oper_list.matrix[1][2] 
_pdbx_struct_oper_list.matrix[1][3] 
_pdbx_struct_oper_list.vector[1] 
_pdbx_struct_oper_list.matrix[2][1] 
_pdbx_struct_oper_list.matrix[2][2] 
_pdbx_struct_oper_list.matrix[2][3] 
_pdbx_struct_oper_list.vector[2] 
_pdbx_struct_oper_list.matrix[3][1] 
_pdbx_struct_oper_list.matrix[3][2] 
_pdbx_struct_oper_list.matrix[3][3] 
_pdbx_struct_oper_list.vector[3] 
1 'identity operation'         1_555 x,y,z        1.0000000000  0.0000000000 0.0000000000  0.0000000000 0.0000000000 1.0000000000 0.0000000000  0.0000000000  0.0000000000  0.0000000000  1.0000000000  0.0000000000  
2 'crystal symmetry operation' 2_665 -y+1,x-y+1,z -0.1905937329 0.4393302710 0.8778741037  9.6702991673 0.7497383181 0.6424171551 -0.1587219368 -5.3197126465 -0.6336927358 0.6279244476  -0.4518234221 1.3981446675  
3 'crystal symmetry operation' 3_565 -x+y,-x+1,z  -0.1905937329 0.7497383181 -0.6336927358 6.7174849488 0.4393302710 0.6424171551 0.6279244476  -1.7089097072 0.8778741037  -0.1587219368 -0.4518234221 -8.7019458012 
# 
loop_
_pdbx_struct_special_symmetry.id 
_pdbx_struct_special_symmetry.PDB_model_num 
_pdbx_struct_special_symmetry.auth_asym_id 
_pdbx_struct_special_symmetry.auth_comp_id 
_pdbx_struct_special_symmetry.auth_seq_id 
_pdbx_struct_special_symmetry.PDB_ins_code 
_pdbx_struct_special_symmetry.label_asym_id 
_pdbx_struct_special_symmetry.label_comp_id 
_pdbx_struct_special_symmetry.label_seq_id 
1 1 A HOH 1358 ? B HOH . 
2 1 A HOH 1409 ? B HOH . 
3 1 A HOH 1410 ? B HOH . 
# 
loop_
_pdbx_audit_revision_history.ordinal 
_pdbx_audit_revision_history.data_content_type 
_pdbx_audit_revision_history.major_revision 
_pdbx_audit_revision_history.minor_revision 
_pdbx_audit_revision_history.revision_date 
1 'Structure model' 1 0 2020-06-03 
2 'Structure model' 1 1 2021-02-03 
3 'Structure model' 1 2 2023-11-29 
# 
_pdbx_audit_revision_details.ordinal             1 
_pdbx_audit_revision_details.revision_ordinal    1 
_pdbx_audit_revision_details.data_content_type   'Structure model' 
_pdbx_audit_revision_details.provider            repository 
_pdbx_audit_revision_details.type                'Initial release' 
_pdbx_audit_revision_details.description         ? 
_pdbx_audit_revision_details.details             ? 
# 
loop_
_pdbx_audit_revision_group.ordinal 
_pdbx_audit_revision_group.revision_ordinal 
_pdbx_audit_revision_group.data_content_type 
_pdbx_audit_revision_group.group 
1 2 'Structure model' Advisory                 
2 2 'Structure model' 'Database references'    
3 2 'Structure model' 'Source and taxonomy'    
4 2 'Structure model' 'Structure summary'      
5 3 'Structure model' 'Data collection'        
6 3 'Structure model' 'Database references'    
7 3 'Structure model' 'Refinement description' 
# 
loop_
_pdbx_audit_revision_category.ordinal 
_pdbx_audit_revision_category.revision_ordinal 
_pdbx_audit_revision_category.data_content_type 
_pdbx_audit_revision_category.category 
1  2 'Structure model' citation                        
2  2 'Structure model' citation_author                 
3  2 'Structure model' entity                          
4  2 'Structure model' entity_src_gen                  
5  2 'Structure model' pdbx_entry_details              
6  2 'Structure model' pdbx_poly_seq_scheme            
7  2 'Structure model' pdbx_unobs_or_zero_occ_residues 
8  2 'Structure model' struct_ref                      
9  2 'Structure model' struct_ref_seq                  
10 2 'Structure model' struct_ref_seq_dif              
11 3 'Structure model' chem_comp_atom                  
12 3 'Structure model' chem_comp_bond                  
13 3 'Structure model' database_2                      
14 3 'Structure model' pdbx_initial_refinement_model   
# 
loop_
_pdbx_audit_revision_item.ordinal 
_pdbx_audit_revision_item.revision_ordinal 
_pdbx_audit_revision_item.data_content_type 
_pdbx_audit_revision_item.item 
1  2 'Structure model' '_citation.country'                            
2  2 'Structure model' '_citation.journal_abbrev'                     
3  2 'Structure model' '_citation.journal_id_CSD'                     
4  2 'Structure model' '_citation.journal_id_ISSN'                    
5  2 'Structure model' '_citation.journal_volume'                     
6  2 'Structure model' '_citation.page_first'                         
7  2 'Structure model' '_citation.page_last'                          
8  2 'Structure model' '_citation.pdbx_database_id_DOI'               
9  2 'Structure model' '_citation.pdbx_database_id_PubMed'            
10 2 'Structure model' '_citation.title'                              
11 2 'Structure model' '_citation.year'                               
12 2 'Structure model' '_entity.pdbx_description'                     
13 2 'Structure model' '_pdbx_poly_seq_scheme.pdb_seq_num'            
14 2 'Structure model' '_pdbx_unobs_or_zero_occ_residues.auth_seq_id' 
15 3 'Structure model' '_database_2.pdbx_DOI'                         
16 3 'Structure model' '_database_2.pdbx_database_accession'          
# 
loop_
_space_group_symop.id 
_space_group_symop.operation_xyz 
1 x,y,z      
2 -y,x-y,z   
3 -x+y,-x,z  
4 x-y,-y,-z  
5 -x,-x+y,-z 
6 y,x,-z     
# 
_pdbx_refine_tls.id               1 
_pdbx_refine_tls.pdbx_refine_id   'X-RAY DIFFRACTION' 
_pdbx_refine_tls.details          ? 
_pdbx_refine_tls.method           refined 
_pdbx_refine_tls.origin_x         0.22268281325 
_pdbx_refine_tls.origin_y         1.729748606 
_pdbx_refine_tls.origin_z         0.588309951 
_pdbx_refine_tls.T[1][1]          0.070883101585 
_pdbx_refine_tls.T[1][1]_esd      ? 
_pdbx_refine_tls.T[1][2]          0.026006142956 
_pdbx_refine_tls.T[1][2]_esd      ? 
_pdbx_refine_tls.T[1][3]          0.023684138034 
_pdbx_refine_tls.T[1][3]_esd      ? 
_pdbx_refine_tls.T[2][2]          0.121252304584 
_pdbx_refine_tls.T[2][2]_esd      ? 
_pdbx_refine_tls.T[2][3]          -0.001444900240 
_pdbx_refine_tls.T[2][3]_esd      ? 
_pdbx_refine_tls.T[3][3]          0.083032186029 
_pdbx_refine_tls.T[3][3]_esd      ? 
_pdbx_refine_tls.L[1][1]          0.743425994603 
_pdbx_refine_tls.L[1][1]_esd      ? 
_pdbx_refine_tls.L[1][2]          0.744101454566 
_pdbx_refine_tls.L[1][2]_esd      ? 
_pdbx_refine_tls.L[1][3]          0.087687080699 
_pdbx_refine_tls.L[1][3]_esd      ? 
_pdbx_refine_tls.L[2][2]          2.181253035573 
_pdbx_refine_tls.L[2][2]_esd      ? 
_pdbx_refine_tls.L[2][3]          0.269553086162 
_pdbx_refine_tls.L[2][3]_esd      ? 
_pdbx_refine_tls.L[3][3]          0.60930915322 
_pdbx_refine_tls.L[3][3]_esd      ? 
_pdbx_refine_tls.S[1][1]          0.096616251544 
_pdbx_refine_tls.S[1][1]_esd      ? 
_pdbx_refine_tls.S[1][2]          -0.076201853567 
_pdbx_refine_tls.S[1][2]_esd      ? 
_pdbx_refine_tls.S[1][3]          0.142177719242 
_pdbx_refine_tls.S[1][3]_esd      ? 
_pdbx_refine_tls.S[2][1]          0.270537408252 
_pdbx_refine_tls.S[2][1]_esd      ? 
_pdbx_refine_tls.S[2][2]          -0.137868828097 
_pdbx_refine_tls.S[2][2]_esd      ? 
_pdbx_refine_tls.S[2][3]          0.453745133964 
_pdbx_refine_tls.S[2][3]_esd      ? 
_pdbx_refine_tls.S[3][1]          0.056483129968 
_pdbx_refine_tls.S[3][1]_esd      ? 
_pdbx_refine_tls.S[3][2]          -0.110070584362 
_pdbx_refine_tls.S[3][2]_esd      ? 
_pdbx_refine_tls.S[3][3]          0.059598285834 
_pdbx_refine_tls.S[3][3]_esd      ? 
# 
_pdbx_refine_tls_group.id                  1 
_pdbx_refine_tls_group.pdbx_refine_id      'X-RAY DIFFRACTION' 
_pdbx_refine_tls_group.refine_tls_id       1 
_pdbx_refine_tls_group.beg_label_asym_id   ? 
_pdbx_refine_tls_group.beg_label_seq_id    ? 
_pdbx_refine_tls_group.beg_auth_asym_id    ? 
_pdbx_refine_tls_group.beg_auth_seq_id     ? 
_pdbx_refine_tls_group.end_label_asym_id   ? 
_pdbx_refine_tls_group.end_label_seq_id    ? 
_pdbx_refine_tls_group.end_auth_asym_id    ? 
_pdbx_refine_tls_group.end_auth_seq_id     ? 
_pdbx_refine_tls_group.selection           ? 
_pdbx_refine_tls_group.selection_details   all 
# 
loop_
_software.citation_id 
_software.classification 
_software.compiler_name 
_software.compiler_version 
_software.contact_author 
_software.contact_author_email 
_software.date 
_software.description 
_software.dependencies 
_software.hardware 
_software.language 
_software.location 
_software.mods 
_software.name 
_software.os 
_software.os_version 
_software.type 
_software.version 
_software.pdbx_ordinal 
? refinement       ? ? ? ? ? ? ? ? ? ? ? PHENIX   ? ? ? 1.16_3549 1 
? 'data reduction' ? ? ? ? ? ? ? ? ? ? ? HKL-2000 ? ? ? .         2 
? 'data scaling'   ? ? ? ? ? ? ? ? ? ? ? HKL-2000 ? ? ? .         3 
? phasing          ? ? ? ? ? ? ? ? ? ? ? PHASER   ? ? ? .         4 
# 
loop_
_pdbx_distant_solvent_atoms.id 
_pdbx_distant_solvent_atoms.PDB_model_num 
_pdbx_distant_solvent_atoms.auth_atom_id 
_pdbx_distant_solvent_atoms.label_alt_id 
_pdbx_distant_solvent_atoms.auth_asym_id 
_pdbx_distant_solvent_atoms.auth_comp_id 
_pdbx_distant_solvent_atoms.auth_seq_id 
_pdbx_distant_solvent_atoms.PDB_ins_code 
_pdbx_distant_solvent_atoms.neighbor_macromolecule_distance 
_pdbx_distant_solvent_atoms.neighbor_ligand_distance 
1 1 O ? A HOH 1412 ? 6.51 . 
2 1 O ? A HOH 1413 ? 6.58 . 
# 
loop_
_pdbx_unobs_or_zero_occ_atoms.id 
_pdbx_unobs_or_zero_occ_atoms.PDB_model_num 
_pdbx_unobs_or_zero_occ_atoms.polymer_flag 
_pdbx_unobs_or_zero_occ_atoms.occupancy_flag 
_pdbx_unobs_or_zero_occ_atoms.auth_asym_id 
_pdbx_unobs_or_zero_occ_atoms.auth_comp_id 
_pdbx_unobs_or_zero_occ_atoms.auth_seq_id 
_pdbx_unobs_or_zero_occ_atoms.PDB_ins_code 
_pdbx_unobs_or_zero_occ_atoms.auth_atom_id 
_pdbx_unobs_or_zero_occ_atoms.label_alt_id 
_pdbx_unobs_or_zero_occ_atoms.label_asym_id 
_pdbx_unobs_or_zero_occ_atoms.label_comp_id 
_pdbx_unobs_or_zero_occ_atoms.label_seq_id 
_pdbx_unobs_or_zero_occ_atoms.label_atom_id 
1 1 Y 1 A ARG 970 ? CG  ? A ARG 54 CG  
2 1 Y 1 A ARG 970 ? CD  ? A ARG 54 CD  
3 1 Y 1 A ARG 970 ? NE  ? A ARG 54 NE  
4 1 Y 1 A ARG 970 ? CZ  ? A ARG 54 CZ  
5 1 Y 1 A ARG 970 ? NH1 ? A ARG 54 NH1 
6 1 Y 1 A ARG 970 ? NH2 ? A ARG 54 NH2 
# 
loop_
_pdbx_unobs_or_zero_occ_residues.id 
_pdbx_unobs_or_zero_occ_residues.PDB_model_num 
_pdbx_unobs_or_zero_occ_residues.polymer_flag 
_pdbx_unobs_or_zero_occ_residues.occupancy_flag 
_pdbx_unobs_or_zero_occ_residues.auth_asym_id 
_pdbx_unobs_or_zero_occ_residues.auth_comp_id 
_pdbx_unobs_or_zero_occ_residues.auth_seq_id 
_pdbx_unobs_or_zero_occ_residues.PDB_ins_code 
_pdbx_unobs_or_zero_occ_residues.label_asym_id 
_pdbx_unobs_or_zero_occ_residues.label_comp_id 
_pdbx_unobs_or_zero_occ_residues.label_seq_id 
1  1 Y 1 A GLY 1145 ? A GLY 55  
2  1 Y 1 A SER 1146 ? A SER 56  
3  1 Y 1 A GLY 1147 ? A GLY 57  
4  1 Y 1 A GLY 1148 ? A GLY 58  
5  1 Y 1 A SER 1149 ? A SER 59  
6  1 Y 1 A GLY 1150 ? A GLY 60  
7  1 Y 1 A GLY 1151 ? A GLY 61  
8  1 Y 1 A SER 1152 ? A SER 62  
9  1 Y 1 A GLY 1153 ? A GLY 63  
10 1 Y 1 A GLY 1154 ? A GLY 64  
11 1 Y 1 A LEU 1155 ? A LEU 65  
12 1 Y 1 A GLU 1156 ? A GLU 66  
13 1 Y 1 A VAL 1157 ? A VAL 67  
14 1 Y 1 A LEU 1158 ? A LEU 68  
15 1 Y 1 A PHE 1159 ? A PHE 69  
16 1 Y 1 A GLN 1160 ? A GLN 70  
17 1 Y 1 A GLY 1161 ? A GLY 71  
18 1 Y 1 A PRO 1162 ? A PRO 72  
19 1 Y 1 A ASP 1163 ? A ASP 73  
20 1 Y 1 A VAL 1164 ? A VAL 74  
21 1 Y 1 A ASP 1165 ? A ASP 75  
22 1 Y 1 A LEU 1166 ? A LEU 76  
23 1 Y 1 A GLY 1167 ? A GLY 77  
24 1 Y 1 A ASP 1168 ? A ASP 78  
25 1 Y 1 A HIS 1206 ? A HIS 116 
26 1 Y 1 A HIS 1207 ? A HIS 117 
27 1 Y 1 A HIS 1208 ? A HIS 118 
28 1 Y 1 A HIS 1209 ? A HIS 119 
# 
loop_
_chem_comp_atom.comp_id 
_chem_comp_atom.atom_id 
_chem_comp_atom.type_symbol 
_chem_comp_atom.pdbx_aromatic_flag 
_chem_comp_atom.pdbx_stereo_config 
_chem_comp_atom.pdbx_ordinal 
ALA N    N N N 1   
ALA CA   C N S 2   
ALA C    C N N 3   
ALA O    O N N 4   
ALA CB   C N N 5   
ALA OXT  O N N 6   
ALA H    H N N 7   
ALA H2   H N N 8   
ALA HA   H N N 9   
ALA HB1  H N N 10  
ALA HB2  H N N 11  
ALA HB3  H N N 12  
ALA HXT  H N N 13  
ARG N    N N N 14  
ARG CA   C N S 15  
ARG C    C N N 16  
ARG O    O N N 17  
ARG CB   C N N 18  
ARG CG   C N N 19  
ARG CD   C N N 20  
ARG NE   N N N 21  
ARG CZ   C N N 22  
ARG NH1  N N N 23  
ARG NH2  N N N 24  
ARG OXT  O N N 25  
ARG H    H N N 26  
ARG H2   H N N 27  
ARG HA   H N N 28  
ARG HB2  H N N 29  
ARG HB3  H N N 30  
ARG HG2  H N N 31  
ARG HG3  H N N 32  
ARG HD2  H N N 33  
ARG HD3  H N N 34  
ARG HE   H N N 35  
ARG HH11 H N N 36  
ARG HH12 H N N 37  
ARG HH21 H N N 38  
ARG HH22 H N N 39  
ARG HXT  H N N 40  
ASN N    N N N 41  
ASN CA   C N S 42  
ASN C    C N N 43  
ASN O    O N N 44  
ASN CB   C N N 45  
ASN CG   C N N 46  
ASN OD1  O N N 47  
ASN ND2  N N N 48  
ASN OXT  O N N 49  
ASN H    H N N 50  
ASN H2   H N N 51  
ASN HA   H N N 52  
ASN HB2  H N N 53  
ASN HB3  H N N 54  
ASN HD21 H N N 55  
ASN HD22 H N N 56  
ASN HXT  H N N 57  
ASP N    N N N 58  
ASP CA   C N S 59  
ASP C    C N N 60  
ASP O    O N N 61  
ASP CB   C N N 62  
ASP CG   C N N 63  
ASP OD1  O N N 64  
ASP OD2  O N N 65  
ASP OXT  O N N 66  
ASP H    H N N 67  
ASP H2   H N N 68  
ASP HA   H N N 69  
ASP HB2  H N N 70  
ASP HB3  H N N 71  
ASP HD2  H N N 72  
ASP HXT  H N N 73  
GLN N    N N N 74  
GLN CA   C N S 75  
GLN C    C N N 76  
GLN O    O N N 77  
GLN CB   C N N 78  
GLN CG   C N N 79  
GLN CD   C N N 80  
GLN OE1  O N N 81  
GLN NE2  N N N 82  
GLN OXT  O N N 83  
GLN H    H N N 84  
GLN H2   H N N 85  
GLN HA   H N N 86  
GLN HB2  H N N 87  
GLN HB3  H N N 88  
GLN HG2  H N N 89  
GLN HG3  H N N 90  
GLN HE21 H N N 91  
GLN HE22 H N N 92  
GLN HXT  H N N 93  
GLU N    N N N 94  
GLU CA   C N S 95  
GLU C    C N N 96  
GLU O    O N N 97  
GLU CB   C N N 98  
GLU CG   C N N 99  
GLU CD   C N N 100 
GLU OE1  O N N 101 
GLU OE2  O N N 102 
GLU OXT  O N N 103 
GLU H    H N N 104 
GLU H2   H N N 105 
GLU HA   H N N 106 
GLU HB2  H N N 107 
GLU HB3  H N N 108 
GLU HG2  H N N 109 
GLU HG3  H N N 110 
GLU HE2  H N N 111 
GLU HXT  H N N 112 
GLY N    N N N 113 
GLY CA   C N N 114 
GLY C    C N N 115 
GLY O    O N N 116 
GLY OXT  O N N 117 
GLY H    H N N 118 
GLY H2   H N N 119 
GLY HA2  H N N 120 
GLY HA3  H N N 121 
GLY HXT  H N N 122 
HIS N    N N N 123 
HIS CA   C N S 124 
HIS C    C N N 125 
HIS O    O N N 126 
HIS CB   C N N 127 
HIS CG   C Y N 128 
HIS ND1  N Y N 129 
HIS CD2  C Y N 130 
HIS CE1  C Y N 131 
HIS NE2  N Y N 132 
HIS OXT  O N N 133 
HIS H    H N N 134 
HIS H2   H N N 135 
HIS HA   H N N 136 
HIS HB2  H N N 137 
HIS HB3  H N N 138 
HIS HD1  H N N 139 
HIS HD2  H N N 140 
HIS HE1  H N N 141 
HIS HE2  H N N 142 
HIS HXT  H N N 143 
HOH O    O N N 144 
HOH H1   H N N 145 
HOH H2   H N N 146 
ILE N    N N N 147 
ILE CA   C N S 148 
ILE C    C N N 149 
ILE O    O N N 150 
ILE CB   C N S 151 
ILE CG1  C N N 152 
ILE CG2  C N N 153 
ILE CD1  C N N 154 
ILE OXT  O N N 155 
ILE H    H N N 156 
ILE H2   H N N 157 
ILE HA   H N N 158 
ILE HB   H N N 159 
ILE HG12 H N N 160 
ILE HG13 H N N 161 
ILE HG21 H N N 162 
ILE HG22 H N N 163 
ILE HG23 H N N 164 
ILE HD11 H N N 165 
ILE HD12 H N N 166 
ILE HD13 H N N 167 
ILE HXT  H N N 168 
LEU N    N N N 169 
LEU CA   C N S 170 
LEU C    C N N 171 
LEU O    O N N 172 
LEU CB   C N N 173 
LEU CG   C N N 174 
LEU CD1  C N N 175 
LEU CD2  C N N 176 
LEU OXT  O N N 177 
LEU H    H N N 178 
LEU H2   H N N 179 
LEU HA   H N N 180 
LEU HB2  H N N 181 
LEU HB3  H N N 182 
LEU HG   H N N 183 
LEU HD11 H N N 184 
LEU HD12 H N N 185 
LEU HD13 H N N 186 
LEU HD21 H N N 187 
LEU HD22 H N N 188 
LEU HD23 H N N 189 
LEU HXT  H N N 190 
LYS N    N N N 191 
LYS CA   C N S 192 
LYS C    C N N 193 
LYS O    O N N 194 
LYS CB   C N N 195 
LYS CG   C N N 196 
LYS CD   C N N 197 
LYS CE   C N N 198 
LYS NZ   N N N 199 
LYS OXT  O N N 200 
LYS H    H N N 201 
LYS H2   H N N 202 
LYS HA   H N N 203 
LYS HB2  H N N 204 
LYS HB3  H N N 205 
LYS HG2  H N N 206 
LYS HG3  H N N 207 
LYS HD2  H N N 208 
LYS HD3  H N N 209 
LYS HE2  H N N 210 
LYS HE3  H N N 211 
LYS HZ1  H N N 212 
LYS HZ2  H N N 213 
LYS HZ3  H N N 214 
LYS HXT  H N N 215 
MET N    N N N 216 
MET CA   C N S 217 
MET C    C N N 218 
MET O    O N N 219 
MET CB   C N N 220 
MET CG   C N N 221 
MET SD   S N N 222 
MET CE   C N N 223 
MET OXT  O N N 224 
MET H    H N N 225 
MET H2   H N N 226 
MET HA   H N N 227 
MET HB2  H N N 228 
MET HB3  H N N 229 
MET HG2  H N N 230 
MET HG3  H N N 231 
MET HE1  H N N 232 
MET HE2  H N N 233 
MET HE3  H N N 234 
MET HXT  H N N 235 
PHE N    N N N 236 
PHE CA   C N S 237 
PHE C    C N N 238 
PHE O    O N N 239 
PHE CB   C N N 240 
PHE CG   C Y N 241 
PHE CD1  C Y N 242 
PHE CD2  C Y N 243 
PHE CE1  C Y N 244 
PHE CE2  C Y N 245 
PHE CZ   C Y N 246 
PHE OXT  O N N 247 
PHE H    H N N 248 
PHE H2   H N N 249 
PHE HA   H N N 250 
PHE HB2  H N N 251 
PHE HB3  H N N 252 
PHE HD1  H N N 253 
PHE HD2  H N N 254 
PHE HE1  H N N 255 
PHE HE2  H N N 256 
PHE HZ   H N N 257 
PHE HXT  H N N 258 
PRO N    N N N 259 
PRO CA   C N S 260 
PRO C    C N N 261 
PRO O    O N N 262 
PRO CB   C N N 263 
PRO CG   C N N 264 
PRO CD   C N N 265 
PRO OXT  O N N 266 
PRO H    H N N 267 
PRO HA   H N N 268 
PRO HB2  H N N 269 
PRO HB3  H N N 270 
PRO HG2  H N N 271 
PRO HG3  H N N 272 
PRO HD2  H N N 273 
PRO HD3  H N N 274 
PRO HXT  H N N 275 
SER N    N N N 276 
SER CA   C N S 277 
SER C    C N N 278 
SER O    O N N 279 
SER CB   C N N 280 
SER OG   O N N 281 
SER OXT  O N N 282 
SER H    H N N 283 
SER H2   H N N 284 
SER HA   H N N 285 
SER HB2  H N N 286 
SER HB3  H N N 287 
SER HG   H N N 288 
SER HXT  H N N 289 
THR N    N N N 290 
THR CA   C N S 291 
THR C    C N N 292 
THR O    O N N 293 
THR CB   C N R 294 
THR OG1  O N N 295 
THR CG2  C N N 296 
THR OXT  O N N 297 
THR H    H N N 298 
THR H2   H N N 299 
THR HA   H N N 300 
THR HB   H N N 301 
THR HG1  H N N 302 
THR HG21 H N N 303 
THR HG22 H N N 304 
THR HG23 H N N 305 
THR HXT  H N N 306 
VAL N    N N N 307 
VAL CA   C N S 308 
VAL C    C N N 309 
VAL O    O N N 310 
VAL CB   C N N 311 
VAL CG1  C N N 312 
VAL CG2  C N N 313 
VAL OXT  O N N 314 
VAL H    H N N 315 
VAL H2   H N N 316 
VAL HA   H N N 317 
VAL HB   H N N 318 
VAL HG11 H N N 319 
VAL HG12 H N N 320 
VAL HG13 H N N 321 
VAL HG21 H N N 322 
VAL HG22 H N N 323 
VAL HG23 H N N 324 
VAL HXT  H N N 325 
# 
loop_
_chem_comp_bond.comp_id 
_chem_comp_bond.atom_id_1 
_chem_comp_bond.atom_id_2 
_chem_comp_bond.value_order 
_chem_comp_bond.pdbx_aromatic_flag 
_chem_comp_bond.pdbx_stereo_config 
_chem_comp_bond.pdbx_ordinal 
ALA N   CA   sing N N 1   
ALA N   H    sing N N 2   
ALA N   H2   sing N N 3   
ALA CA  C    sing N N 4   
ALA CA  CB   sing N N 5   
ALA CA  HA   sing N N 6   
ALA C   O    doub N N 7   
ALA C   OXT  sing N N 8   
ALA CB  HB1  sing N N 9   
ALA CB  HB2  sing N N 10  
ALA CB  HB3  sing N N 11  
ALA OXT HXT  sing N N 12  
ARG N   CA   sing N N 13  
ARG N   H    sing N N 14  
ARG N   H2   sing N N 15  
ARG CA  C    sing N N 16  
ARG CA  CB   sing N N 17  
ARG CA  HA   sing N N 18  
ARG C   O    doub N N 19  
ARG C   OXT  sing N N 20  
ARG CB  CG   sing N N 21  
ARG CB  HB2  sing N N 22  
ARG CB  HB3  sing N N 23  
ARG CG  CD   sing N N 24  
ARG CG  HG2  sing N N 25  
ARG CG  HG3  sing N N 26  
ARG CD  NE   sing N N 27  
ARG CD  HD2  sing N N 28  
ARG CD  HD3  sing N N 29  
ARG NE  CZ   sing N N 30  
ARG NE  HE   sing N N 31  
ARG CZ  NH1  sing N N 32  
ARG CZ  NH2  doub N N 33  
ARG NH1 HH11 sing N N 34  
ARG NH1 HH12 sing N N 35  
ARG NH2 HH21 sing N N 36  
ARG NH2 HH22 sing N N 37  
ARG OXT HXT  sing N N 38  
ASN N   CA   sing N N 39  
ASN N   H    sing N N 40  
ASN N   H2   sing N N 41  
ASN CA  C    sing N N 42  
ASN CA  CB   sing N N 43  
ASN CA  HA   sing N N 44  
ASN C   O    doub N N 45  
ASN C   OXT  sing N N 46  
ASN CB  CG   sing N N 47  
ASN CB  HB2  sing N N 48  
ASN CB  HB3  sing N N 49  
ASN CG  OD1  doub N N 50  
ASN CG  ND2  sing N N 51  
ASN ND2 HD21 sing N N 52  
ASN ND2 HD22 sing N N 53  
ASN OXT HXT  sing N N 54  
ASP N   CA   sing N N 55  
ASP N   H    sing N N 56  
ASP N   H2   sing N N 57  
ASP CA  C    sing N N 58  
ASP CA  CB   sing N N 59  
ASP CA  HA   sing N N 60  
ASP C   O    doub N N 61  
ASP C   OXT  sing N N 62  
ASP CB  CG   sing N N 63  
ASP CB  HB2  sing N N 64  
ASP CB  HB3  sing N N 65  
ASP CG  OD1  doub N N 66  
ASP CG  OD2  sing N N 67  
ASP OD2 HD2  sing N N 68  
ASP OXT HXT  sing N N 69  
GLN N   CA   sing N N 70  
GLN N   H    sing N N 71  
GLN N   H2   sing N N 72  
GLN CA  C    sing N N 73  
GLN CA  CB   sing N N 74  
GLN CA  HA   sing N N 75  
GLN C   O    doub N N 76  
GLN C   OXT  sing N N 77  
GLN CB  CG   sing N N 78  
GLN CB  HB2  sing N N 79  
GLN CB  HB3  sing N N 80  
GLN CG  CD   sing N N 81  
GLN CG  HG2  sing N N 82  
GLN CG  HG3  sing N N 83  
GLN CD  OE1  doub N N 84  
GLN CD  NE2  sing N N 85  
GLN NE2 HE21 sing N N 86  
GLN NE2 HE22 sing N N 87  
GLN OXT HXT  sing N N 88  
GLU N   CA   sing N N 89  
GLU N   H    sing N N 90  
GLU N   H2   sing N N 91  
GLU CA  C    sing N N 92  
GLU CA  CB   sing N N 93  
GLU CA  HA   sing N N 94  
GLU C   O    doub N N 95  
GLU C   OXT  sing N N 96  
GLU CB  CG   sing N N 97  
GLU CB  HB2  sing N N 98  
GLU CB  HB3  sing N N 99  
GLU CG  CD   sing N N 100 
GLU CG  HG2  sing N N 101 
GLU CG  HG3  sing N N 102 
GLU CD  OE1  doub N N 103 
GLU CD  OE2  sing N N 104 
GLU OE2 HE2  sing N N 105 
GLU OXT HXT  sing N N 106 
GLY N   CA   sing N N 107 
GLY N   H    sing N N 108 
GLY N   H2   sing N N 109 
GLY CA  C    sing N N 110 
GLY CA  HA2  sing N N 111 
GLY CA  HA3  sing N N 112 
GLY C   O    doub N N 113 
GLY C   OXT  sing N N 114 
GLY OXT HXT  sing N N 115 
HIS N   CA   sing N N 116 
HIS N   H    sing N N 117 
HIS N   H2   sing N N 118 
HIS CA  C    sing N N 119 
HIS CA  CB   sing N N 120 
HIS CA  HA   sing N N 121 
HIS C   O    doub N N 122 
HIS C   OXT  sing N N 123 
HIS CB  CG   sing N N 124 
HIS CB  HB2  sing N N 125 
HIS CB  HB3  sing N N 126 
HIS CG  ND1  sing Y N 127 
HIS CG  CD2  doub Y N 128 
HIS ND1 CE1  doub Y N 129 
HIS ND1 HD1  sing N N 130 
HIS CD2 NE2  sing Y N 131 
HIS CD2 HD2  sing N N 132 
HIS CE1 NE2  sing Y N 133 
HIS CE1 HE1  sing N N 134 
HIS NE2 HE2  sing N N 135 
HIS OXT HXT  sing N N 136 
HOH O   H1   sing N N 137 
HOH O   H2   sing N N 138 
ILE N   CA   sing N N 139 
ILE N   H    sing N N 140 
ILE N   H2   sing N N 141 
ILE CA  C    sing N N 142 
ILE CA  CB   sing N N 143 
ILE CA  HA   sing N N 144 
ILE C   O    doub N N 145 
ILE C   OXT  sing N N 146 
ILE CB  CG1  sing N N 147 
ILE CB  CG2  sing N N 148 
ILE CB  HB   sing N N 149 
ILE CG1 CD1  sing N N 150 
ILE CG1 HG12 sing N N 151 
ILE CG1 HG13 sing N N 152 
ILE CG2 HG21 sing N N 153 
ILE CG2 HG22 sing N N 154 
ILE CG2 HG23 sing N N 155 
ILE CD1 HD11 sing N N 156 
ILE CD1 HD12 sing N N 157 
ILE CD1 HD13 sing N N 158 
ILE OXT HXT  sing N N 159 
LEU N   CA   sing N N 160 
LEU N   H    sing N N 161 
LEU N   H2   sing N N 162 
LEU CA  C    sing N N 163 
LEU CA  CB   sing N N 164 
LEU CA  HA   sing N N 165 
LEU C   O    doub N N 166 
LEU C   OXT  sing N N 167 
LEU CB  CG   sing N N 168 
LEU CB  HB2  sing N N 169 
LEU CB  HB3  sing N N 170 
LEU CG  CD1  sing N N 171 
LEU CG  CD2  sing N N 172 
LEU CG  HG   sing N N 173 
LEU CD1 HD11 sing N N 174 
LEU CD1 HD12 sing N N 175 
LEU CD1 HD13 sing N N 176 
LEU CD2 HD21 sing N N 177 
LEU CD2 HD22 sing N N 178 
LEU CD2 HD23 sing N N 179 
LEU OXT HXT  sing N N 180 
LYS N   CA   sing N N 181 
LYS N   H    sing N N 182 
LYS N   H2   sing N N 183 
LYS CA  C    sing N N 184 
LYS CA  CB   sing N N 185 
LYS CA  HA   sing N N 186 
LYS C   O    doub N N 187 
LYS C   OXT  sing N N 188 
LYS CB  CG   sing N N 189 
LYS CB  HB2  sing N N 190 
LYS CB  HB3  sing N N 191 
LYS CG  CD   sing N N 192 
LYS CG  HG2  sing N N 193 
LYS CG  HG3  sing N N 194 
LYS CD  CE   sing N N 195 
LYS CD  HD2  sing N N 196 
LYS CD  HD3  sing N N 197 
LYS CE  NZ   sing N N 198 
LYS CE  HE2  sing N N 199 
LYS CE  HE3  sing N N 200 
LYS NZ  HZ1  sing N N 201 
LYS NZ  HZ2  sing N N 202 
LYS NZ  HZ3  sing N N 203 
LYS OXT HXT  sing N N 204 
MET N   CA   sing N N 205 
MET N   H    sing N N 206 
MET N   H2   sing N N 207 
MET CA  C    sing N N 208 
MET CA  CB   sing N N 209 
MET CA  HA   sing N N 210 
MET C   O    doub N N 211 
MET C   OXT  sing N N 212 
MET CB  CG   sing N N 213 
MET CB  HB2  sing N N 214 
MET CB  HB3  sing N N 215 
MET CG  SD   sing N N 216 
MET CG  HG2  sing N N 217 
MET CG  HG3  sing N N 218 
MET SD  CE   sing N N 219 
MET CE  HE1  sing N N 220 
MET CE  HE2  sing N N 221 
MET CE  HE3  sing N N 222 
MET OXT HXT  sing N N 223 
PHE N   CA   sing N N 224 
PHE N   H    sing N N 225 
PHE N   H2   sing N N 226 
PHE CA  C    sing N N 227 
PHE CA  CB   sing N N 228 
PHE CA  HA   sing N N 229 
PHE C   O    doub N N 230 
PHE C   OXT  sing N N 231 
PHE CB  CG   sing N N 232 
PHE CB  HB2  sing N N 233 
PHE CB  HB3  sing N N 234 
PHE CG  CD1  doub Y N 235 
PHE CG  CD2  sing Y N 236 
PHE CD1 CE1  sing Y N 237 
PHE CD1 HD1  sing N N 238 
PHE CD2 CE2  doub Y N 239 
PHE CD2 HD2  sing N N 240 
PHE CE1 CZ   doub Y N 241 
PHE CE1 HE1  sing N N 242 
PHE CE2 CZ   sing Y N 243 
PHE CE2 HE2  sing N N 244 
PHE CZ  HZ   sing N N 245 
PHE OXT HXT  sing N N 246 
PRO N   CA   sing N N 247 
PRO N   CD   sing N N 248 
PRO N   H    sing N N 249 
PRO CA  C    sing N N 250 
PRO CA  CB   sing N N 251 
PRO CA  HA   sing N N 252 
PRO C   O    doub N N 253 
PRO C   OXT  sing N N 254 
PRO CB  CG   sing N N 255 
PRO CB  HB2  sing N N 256 
PRO CB  HB3  sing N N 257 
PRO CG  CD   sing N N 258 
PRO CG  HG2  sing N N 259 
PRO CG  HG3  sing N N 260 
PRO CD  HD2  sing N N 261 
PRO CD  HD3  sing N N 262 
PRO OXT HXT  sing N N 263 
SER N   CA   sing N N 264 
SER N   H    sing N N 265 
SER N   H2   sing N N 266 
SER CA  C    sing N N 267 
SER CA  CB   sing N N 268 
SER CA  HA   sing N N 269 
SER C   O    doub N N 270 
SER C   OXT  sing N N 271 
SER CB  OG   sing N N 272 
SER CB  HB2  sing N N 273 
SER CB  HB3  sing N N 274 
SER OG  HG   sing N N 275 
SER OXT HXT  sing N N 276 
THR N   CA   sing N N 277 
THR N   H    sing N N 278 
THR N   H2   sing N N 279 
THR CA  C    sing N N 280 
THR CA  CB   sing N N 281 
THR CA  HA   sing N N 282 
THR C   O    doub N N 283 
THR C   OXT  sing N N 284 
THR CB  OG1  sing N N 285 
THR CB  CG2  sing N N 286 
THR CB  HB   sing N N 287 
THR OG1 HG1  sing N N 288 
THR CG2 HG21 sing N N 289 
THR CG2 HG22 sing N N 290 
THR CG2 HG23 sing N N 291 
THR OXT HXT  sing N N 292 
VAL N   CA   sing N N 293 
VAL N   H    sing N N 294 
VAL N   H2   sing N N 295 
VAL CA  C    sing N N 296 
VAL CA  CB   sing N N 297 
VAL CA  HA   sing N N 298 
VAL C   O    doub N N 299 
VAL C   OXT  sing N N 300 
VAL CB  CG1  sing N N 301 
VAL CB  CG2  sing N N 302 
VAL CB  HB   sing N N 303 
VAL CG1 HG11 sing N N 304 
VAL CG1 HG12 sing N N 305 
VAL CG1 HG13 sing N N 306 
VAL CG2 HG21 sing N N 307 
VAL CG2 HG22 sing N N 308 
VAL CG2 HG23 sing N N 309 
VAL OXT HXT  sing N N 310 
# 
_pdbx_entity_nonpoly.entity_id   2 
_pdbx_entity_nonpoly.name        water 
_pdbx_entity_nonpoly.comp_id     HOH 
# 
_pdbx_initial_refinement_model.id               1 
_pdbx_initial_refinement_model.entity_id_list   ? 
_pdbx_initial_refinement_model.type             'experimental model' 
_pdbx_initial_refinement_model.source_name      PDB 
_pdbx_initial_refinement_model.accession_code   1WNC 
_pdbx_initial_refinement_model.details          ? 
# 
_pdbx_struct_assembly_auth_evidence.id                     1 
_pdbx_struct_assembly_auth_evidence.assembly_id            1 
_pdbx_struct_assembly_auth_evidence.experimental_support   'gel filtration' 
_pdbx_struct_assembly_auth_evidence.details                ? 
# 
_space_group.name_H-M_alt     'P 3 2 1' 
_space_group.name_Hall        
;P 3 2"
;
_space_group.IT_number        150 
_space_group.crystal_system   trigonal 
_space_group.id               1 
# 
